data_3AET
#
_entry.id   3AET
#
_cell.length_a   80.442
_cell.length_b   81.440
_cell.length_c   95.864
_cell.angle_alpha   102.53
_cell.angle_beta   110.89
_cell.angle_gamma   94.44
#
_symmetry.space_group_name_H-M   'P 1'
#
loop_
_entity.id
_entity.type
_entity.pdbx_description
1 polymer 'Light-independent protochlorophyllide reductase subunit N'
2 polymer 'Light-independent protochlorophyllide reductase subunit B'
3 non-polymer 'IRON/SULFUR CLUSTER'
4 water water
#
loop_
_entity_poly.entity_id
_entity_poly.type
_entity_poly.pdbx_seq_one_letter_code
_entity_poly.pdbx_strand_id
1 'polypeptide(L)'
;MASWSHPQFEKGASLDSPTFGCTDSPVRRERGQKAVFCGLTSIVWLHRKMQDAFFLVVGSRTCAHLLQAAAGVMIFAEPR
FGTAVLEEQDLAGLADAHKELDREVAKLLERRPDIRQLFLVGSCPSEVLKLDLDRAAERLSGLHAPHVRVYSYTGSGLDT
TFTQGEDTCLAAMVPTLDTTEAAELIVVGALPDVVEDQCLSLLTQLGVGPVRMLPARRSDIEPAVGPNTRFILAQPFLGE
TTGALERRGAKRIAAPFPFGEEGTTLWLKAVADAYGVSAEKFEAVTAAPRARAKKAIAAHLETLTGKSLFMFPDSQLEIP
LARFLARECGMKTTEIATPFLHKAIMAPDLALLPSNTALTEGQDLEAQLDRHEAINPDLTVCGLGLANPLEAKGHATKWA
IELVFTPVHFYEQAGDLAGLFSRPLRRRALLNGGAA
;
A,C
2 'polypeptide(L)'
;MKLTLWTYEGPPHVGAMRVATAMKDLQLVLHGPQGCTYADLLFTMIERRNARPPVSFSTFEASHMGTDTAILLKDALAAA
HARYKPQAMAVALTCTAELLQDDPNGISRALNLPVPVVPLELPSYSRKENYGADETFRALVRALAVPMERTPEVTCNLLG
ATALGFRHRDDVAEVTKLLATMGIKVNVCAPLGASPDDLRKLGQAHFNVLMYPETGESAARHLERACKQPFTKIVPIGVG
ATRDFLAEVSKITGLPVVTDESTLRQPWWSASVDSTYLTGKRVFIFGDGTHVIAAARIAAKEVGFEVVGMGCYNREMARP
LRTAAAEYGLEALITDDYLEVEKAIEAAAPELILGTQMERNIAKKLGLPCAVISAPVHVQDFPARYAPQMGFEGANVLFD
TWVHPLVMGLEEHLLTMFREDFEFHDAAGASHHGGKAVAREESPVAPADLAPAATSDTPAAPSPVVVTQASGEIRWMPEA
ERELRKIPFFVRGKAKRNTELYAAHKGVCDITVETLYEAKAHYAR
;
B,D
#
loop_
_chem_comp.id
_chem_comp.type
_chem_comp.name
_chem_comp.formula
SF4 non-polymer 'IRON/SULFUR CLUSTER' 'Fe4 S4'
#
# COMPACT_ATOMS: atom_id res chain seq x y z
N THR A 19 -6.79 -8.91 -54.86
CA THR A 19 -6.34 -9.18 -53.46
C THR A 19 -7.19 -8.50 -52.37
N PHE A 20 -8.30 -7.86 -52.76
CA PHE A 20 -9.22 -7.21 -51.78
C PHE A 20 -10.71 -7.42 -52.10
N GLY A 21 -11.30 -8.54 -51.63
CA GLY A 21 -12.73 -8.83 -51.85
C GLY A 21 -13.09 -10.20 -51.30
N CYS A 22 -14.19 -10.29 -50.55
CA CYS A 22 -14.52 -11.53 -49.83
C CYS A 22 -15.98 -11.98 -49.83
N THR A 23 -16.82 -11.31 -50.62
CA THR A 23 -18.26 -11.57 -50.62
C THR A 23 -18.65 -13.00 -50.97
N ASP A 24 -17.87 -13.66 -51.82
CA ASP A 24 -18.16 -15.04 -52.23
C ASP A 24 -17.35 -16.10 -51.49
N SER A 25 -16.60 -15.70 -50.47
CA SER A 25 -15.84 -16.65 -49.66
C SER A 25 -16.80 -17.56 -48.92
N PRO A 26 -16.49 -18.86 -48.86
CA PRO A 26 -17.36 -19.71 -48.07
C PRO A 26 -17.04 -19.55 -46.59
N VAL A 27 -18.03 -19.17 -45.79
CA VAL A 27 -17.86 -19.04 -44.35
C VAL A 27 -17.98 -20.40 -43.70
N ARG A 28 -16.94 -20.78 -42.97
CA ARG A 28 -17.01 -21.98 -42.16
C ARG A 28 -18.10 -21.82 -41.09
N ARG A 29 -19.30 -22.35 -41.36
CA ARG A 29 -20.35 -22.41 -40.32
C ARG A 29 -20.00 -23.52 -39.34
N GLU A 30 -19.57 -23.14 -38.14
CA GLU A 30 -18.99 -24.08 -37.18
C GLU A 30 -19.71 -24.16 -35.85
N ARG A 31 -19.87 -25.39 -35.37
CA ARG A 31 -20.39 -25.63 -34.03
C ARG A 31 -19.37 -26.42 -33.18
N GLY A 32 -19.69 -26.63 -31.91
CA GLY A 32 -18.81 -27.37 -31.02
C GLY A 32 -18.59 -26.61 -29.73
N GLN A 33 -17.53 -27.00 -28.99
CA GLN A 33 -17.22 -26.40 -27.71
C GLN A 33 -16.85 -24.93 -27.88
N LYS A 34 -17.38 -24.06 -27.01
CA LYS A 34 -17.21 -22.62 -27.18
C LYS A 34 -16.56 -21.92 -25.98
N ALA A 35 -15.78 -20.89 -26.28
CA ALA A 35 -15.28 -19.99 -25.25
C ALA A 35 -15.70 -18.55 -25.58
N VAL A 36 -16.98 -18.25 -25.31
CA VAL A 36 -17.55 -16.92 -25.47
C VAL A 36 -18.33 -16.47 -24.23
N PHE A 37 -18.66 -15.18 -24.17
CA PHE A 37 -19.57 -14.66 -23.13
C PHE A 37 -21.01 -14.68 -23.65
N CYS A 38 -21.95 -15.00 -22.77
CA CYS A 38 -23.38 -14.82 -23.06
C CYS A 38 -23.77 -13.34 -23.13
N GLY A 39 -24.97 -13.08 -23.64
CA GLY A 39 -25.47 -11.70 -23.81
C GLY A 39 -25.59 -10.86 -22.54
N LEU A 40 -25.63 -11.52 -21.40
CA LEU A 40 -25.68 -10.84 -20.10
C LEU A 40 -24.51 -9.85 -19.94
N THR A 41 -23.29 -10.30 -20.25
CA THR A 41 -22.12 -9.44 -20.27
C THR A 41 -22.44 -8.05 -20.83
N SER A 42 -23.19 -7.99 -21.95
CA SER A 42 -23.52 -6.70 -22.61
C SER A 42 -24.10 -5.62 -21.70
N ILE A 43 -24.90 -6.03 -20.71
CA ILE A 43 -25.50 -5.13 -19.73
C ILE A 43 -24.44 -4.25 -19.07
N VAL A 44 -23.25 -4.76 -18.97
CA VAL A 44 -22.24 -4.20 -18.12
C VAL A 44 -21.86 -2.89 -18.70
N TRP A 45 -22.12 -2.72 -19.97
CA TRP A 45 -21.65 -1.56 -20.69
C TRP A 45 -22.78 -0.78 -21.22
N LEU A 46 -23.93 -1.42 -21.35
CA LEU A 46 -25.11 -0.71 -21.73
C LEU A 46 -25.54 0.15 -20.61
N HIS A 47 -25.54 -0.39 -19.42
CA HIS A 47 -26.17 0.35 -18.35
C HIS A 47 -25.60 1.79 -18.36
N ARG A 48 -24.31 1.91 -18.65
CA ARG A 48 -23.66 3.21 -18.60
C ARG A 48 -24.33 4.21 -19.54
N LYS A 49 -24.57 3.82 -20.80
CA LYS A 49 -25.11 4.76 -21.78
C LYS A 49 -26.54 5.20 -21.46
N MET A 50 -27.39 4.23 -21.12
CA MET A 50 -28.77 4.49 -20.72
C MET A 50 -28.83 4.86 -19.26
N GLN A 51 -28.66 6.15 -18.97
CA GLN A 51 -28.60 6.70 -17.60
C GLN A 51 -29.83 6.40 -16.74
N ASP A 52 -30.97 6.26 -17.41
CA ASP A 52 -32.28 6.11 -16.77
C ASP A 52 -32.74 4.68 -16.43
N ALA A 53 -31.96 3.69 -16.85
CA ALA A 53 -32.41 2.30 -16.87
C ALA A 53 -31.69 1.40 -15.87
N PHE A 54 -32.41 0.36 -15.44
CA PHE A 54 -31.87 -0.72 -14.64
C PHE A 54 -32.09 -2.08 -15.32
N PHE A 55 -31.01 -2.85 -15.44
CA PHE A 55 -31.05 -4.18 -16.03
C PHE A 55 -31.05 -5.27 -14.96
N LEU A 56 -32.20 -5.88 -14.76
CA LEU A 56 -32.42 -6.86 -13.71
C LEU A 56 -32.40 -8.27 -14.28
N VAL A 57 -31.27 -8.96 -14.21
CA VAL A 57 -31.21 -10.32 -14.71
C VAL A 57 -32.00 -11.26 -13.82
N VAL A 58 -32.81 -12.13 -14.42
CA VAL A 58 -33.44 -13.21 -13.66
C VAL A 58 -32.72 -14.51 -13.97
N GLY A 59 -31.85 -14.94 -13.08
CA GLY A 59 -31.03 -16.13 -13.33
C GLY A 59 -30.53 -16.79 -12.06
N SER A 60 -29.40 -17.49 -12.18
CA SER A 60 -28.80 -18.20 -11.05
C SER A 60 -27.62 -17.43 -10.48
N ARG A 61 -27.02 -17.96 -9.41
CA ARG A 61 -25.76 -17.41 -8.88
C ARG A 61 -24.64 -17.50 -9.92
N THR A 62 -24.75 -18.42 -10.89
CA THR A 62 -23.75 -18.44 -11.93
C THR A 62 -23.84 -17.08 -12.64
N CYS A 63 -25.06 -16.69 -13.01
CA CYS A 63 -25.32 -15.39 -13.65
C CYS A 63 -24.73 -14.19 -12.88
N ALA A 64 -25.04 -14.11 -11.60
CA ALA A 64 -24.52 -13.06 -10.71
C ALA A 64 -22.99 -13.00 -10.72
N HIS A 65 -22.37 -14.17 -10.57
CA HIS A 65 -20.94 -14.30 -10.47
C HIS A 65 -20.30 -13.90 -11.77
N LEU A 66 -20.95 -14.22 -12.89
CA LEU A 66 -20.49 -13.83 -14.24
C LEU A 66 -20.39 -12.33 -14.34
N LEU A 67 -21.53 -11.66 -14.12
CA LEU A 67 -21.62 -10.20 -14.13
C LEU A 67 -20.54 -9.59 -13.27
N GLN A 68 -20.36 -10.14 -12.07
CA GLN A 68 -19.29 -9.72 -11.17
C GLN A 68 -17.95 -9.77 -11.90
N ALA A 69 -17.54 -10.97 -12.29
CA ALA A 69 -16.31 -11.13 -13.04
C ALA A 69 -16.19 -10.13 -14.21
N ALA A 70 -17.26 -9.99 -15.01
CA ALA A 70 -17.19 -9.11 -16.18
C ALA A 70 -17.18 -7.62 -15.86
N ALA A 71 -17.67 -7.23 -14.68
CA ALA A 71 -17.78 -5.80 -14.39
C ALA A 71 -16.56 -5.30 -13.60
N GLY A 72 -15.66 -6.25 -13.28
CA GLY A 72 -14.46 -6.00 -12.47
C GLY A 72 -14.76 -5.01 -11.36
N VAL A 73 -14.03 -3.91 -11.37
CA VAL A 73 -14.17 -2.83 -10.37
C VAL A 73 -15.53 -2.12 -10.40
N MET A 74 -16.18 -2.07 -11.56
CA MET A 74 -17.41 -1.31 -11.67
C MET A 74 -18.44 -1.75 -10.62
N ILE A 75 -18.36 -3.02 -10.22
CA ILE A 75 -19.25 -3.60 -9.21
C ILE A 75 -19.41 -2.75 -7.93
N PHE A 76 -18.38 -1.99 -7.60
CA PHE A 76 -18.35 -1.19 -6.38
C PHE A 76 -18.96 0.19 -6.57
N ALA A 77 -19.33 0.51 -7.80
CA ALA A 77 -19.78 1.85 -8.12
C ALA A 77 -21.28 1.93 -8.19
N GLU A 78 -21.96 1.15 -7.35
CA GLU A 78 -23.43 1.09 -7.36
C GLU A 78 -23.98 1.05 -8.81
N PRO A 79 -23.48 0.11 -9.64
CA PRO A 79 -23.96 0.08 -11.03
C PRO A 79 -25.46 -0.14 -11.00
N ARG A 80 -26.16 0.19 -12.08
CA ARG A 80 -27.60 -0.07 -12.06
C ARG A 80 -27.99 -1.28 -12.89
N PHE A 81 -27.61 -2.42 -12.34
CA PHE A 81 -28.02 -3.72 -12.81
C PHE A 81 -27.92 -4.62 -11.60
N GLY A 82 -28.41 -5.83 -11.73
CA GLY A 82 -28.35 -6.77 -10.63
C GLY A 82 -29.08 -7.99 -11.07
N THR A 83 -29.01 -9.02 -10.25
CA THR A 83 -29.61 -10.27 -10.63
C THR A 83 -30.50 -10.83 -9.51
N ALA A 84 -31.77 -11.07 -9.85
CA ALA A 84 -32.70 -11.77 -8.95
C ALA A 84 -32.37 -13.26 -8.99
N VAL A 85 -31.50 -13.72 -8.07
CA VAL A 85 -30.99 -15.11 -8.17
C VAL A 85 -31.99 -16.16 -7.72
N LEU A 86 -32.40 -16.95 -8.69
CA LEU A 86 -33.25 -18.11 -8.50
C LEU A 86 -32.79 -19.01 -7.36
N GLU A 87 -33.65 -19.14 -6.35
CA GLU A 87 -33.39 -19.99 -5.20
C GLU A 87 -34.08 -21.33 -5.39
N GLU A 88 -33.72 -22.30 -4.56
CA GLU A 88 -34.20 -23.69 -4.68
C GLU A 88 -35.72 -23.82 -4.74
N GLN A 89 -36.42 -22.95 -4.05
CA GLN A 89 -37.88 -23.01 -4.00
C GLN A 89 -38.55 -22.24 -5.13
N ASP A 90 -37.78 -21.84 -6.14
CA ASP A 90 -38.32 -21.14 -7.29
C ASP A 90 -38.47 -22.11 -8.45
N LEU A 91 -37.82 -23.26 -8.32
CA LEU A 91 -37.80 -24.32 -9.33
C LEU A 91 -39.18 -24.97 -9.54
N ALA A 92 -39.73 -25.55 -8.48
CA ALA A 92 -41.08 -26.06 -8.49
C ALA A 92 -42.01 -25.01 -7.92
N GLY A 93 -43.26 -25.02 -8.38
CA GLY A 93 -44.19 -23.93 -8.13
C GLY A 93 -43.71 -22.70 -8.89
N LEU A 94 -44.19 -22.56 -10.13
CA LEU A 94 -43.77 -21.47 -11.04
C LEU A 94 -44.82 -20.35 -11.12
N ALA A 95 -45.75 -20.38 -10.17
CA ALA A 95 -46.73 -19.31 -9.97
C ALA A 95 -46.24 -18.39 -8.84
N ASP A 96 -45.33 -18.91 -8.02
CA ASP A 96 -44.61 -18.09 -7.05
C ASP A 96 -43.68 -17.18 -7.83
N ALA A 97 -43.12 -17.71 -8.91
CA ALA A 97 -42.17 -16.98 -9.73
C ALA A 97 -42.60 -15.54 -10.00
N HIS A 98 -43.85 -15.37 -10.42
CA HIS A 98 -44.37 -14.05 -10.72
C HIS A 98 -44.57 -13.20 -9.48
N LYS A 99 -45.20 -13.77 -8.45
CA LYS A 99 -45.35 -13.11 -7.14
C LYS A 99 -44.00 -12.74 -6.51
N GLU A 100 -43.06 -13.69 -6.53
CA GLU A 100 -41.72 -13.47 -5.99
C GLU A 100 -41.05 -12.27 -6.65
N LEU A 101 -40.94 -12.32 -7.98
CA LEU A 101 -40.35 -11.26 -8.79
C LEU A 101 -41.07 -9.94 -8.59
N ASP A 102 -42.40 -9.96 -8.73
CA ASP A 102 -43.20 -8.74 -8.60
C ASP A 102 -42.73 -7.91 -7.41
N ARG A 103 -42.59 -8.59 -6.28
CA ARG A 103 -42.36 -7.90 -5.04
C ARG A 103 -40.86 -7.68 -4.81
N GLU A 104 -40.03 -8.44 -5.52
CA GLU A 104 -38.60 -8.16 -5.54
C GLU A 104 -38.30 -6.93 -6.40
N VAL A 105 -39.09 -6.77 -7.45
CA VAL A 105 -39.01 -5.60 -8.36
C VAL A 105 -39.43 -4.29 -7.68
N ALA A 106 -40.61 -4.29 -7.04
CA ALA A 106 -41.11 -3.12 -6.33
C ALA A 106 -40.11 -2.68 -5.28
N LYS A 107 -39.58 -3.66 -4.55
CA LYS A 107 -38.60 -3.43 -3.51
C LYS A 107 -37.37 -2.72 -4.07
N LEU A 108 -36.98 -3.10 -5.30
CA LEU A 108 -35.90 -2.43 -6.02
C LEU A 108 -36.32 -1.06 -6.55
N LEU A 109 -37.58 -0.93 -6.97
CA LEU A 109 -38.07 0.31 -7.59
C LEU A 109 -38.42 1.37 -6.57
N GLU A 110 -38.46 0.94 -5.32
CA GLU A 110 -38.57 1.86 -4.19
C GLU A 110 -37.15 2.28 -3.81
N ARG A 111 -36.23 1.32 -3.84
CA ARG A 111 -34.85 1.54 -3.40
C ARG A 111 -34.01 2.34 -4.39
N ARG A 112 -34.46 2.45 -5.63
CA ARG A 112 -33.89 3.42 -6.56
C ARG A 112 -34.99 3.97 -7.45
N PRO A 113 -35.67 5.05 -6.99
CA PRO A 113 -36.81 5.67 -7.70
C PRO A 113 -36.47 6.35 -9.02
N ASP A 114 -35.19 6.67 -9.25
CA ASP A 114 -34.76 7.40 -10.46
C ASP A 114 -34.81 6.57 -11.76
N ILE A 115 -34.68 5.26 -11.59
CA ILE A 115 -34.87 4.27 -12.63
C ILE A 115 -36.23 4.46 -13.33
N ARG A 116 -36.23 4.51 -14.66
CA ARG A 116 -37.49 4.69 -15.43
C ARG A 116 -37.80 3.56 -16.40
N GLN A 117 -36.77 2.98 -17.00
CA GLN A 117 -36.93 1.76 -17.78
C GLN A 117 -36.34 0.63 -16.95
N LEU A 118 -37.17 -0.37 -16.68
CA LEU A 118 -36.68 -1.59 -16.05
C LEU A 118 -36.60 -2.70 -17.09
N PHE A 119 -35.45 -3.35 -17.20
CA PHE A 119 -35.34 -4.45 -18.16
C PHE A 119 -35.28 -5.77 -17.44
N LEU A 120 -36.25 -6.65 -17.68
CA LEU A 120 -36.14 -8.01 -17.19
C LEU A 120 -35.30 -8.81 -18.17
N VAL A 121 -34.03 -8.96 -17.87
CA VAL A 121 -33.14 -9.69 -18.74
C VAL A 121 -33.23 -11.17 -18.38
N GLY A 122 -33.49 -12.01 -19.38
CA GLY A 122 -33.68 -13.44 -19.17
C GLY A 122 -32.39 -14.22 -19.34
N SER A 123 -32.25 -15.30 -18.58
CA SER A 123 -31.05 -16.14 -18.55
C SER A 123 -31.33 -17.55 -19.06
N CYS A 124 -30.30 -18.39 -19.17
CA CYS A 124 -30.54 -19.82 -19.45
C CYS A 124 -31.44 -20.47 -18.38
N PRO A 125 -31.05 -20.38 -17.09
CA PRO A 125 -31.95 -20.94 -16.09
C PRO A 125 -33.40 -20.48 -16.27
N SER A 126 -33.62 -19.16 -16.35
CA SER A 126 -34.97 -18.58 -16.46
C SER A 126 -35.77 -19.12 -17.64
N GLU A 127 -35.06 -19.54 -18.68
CA GLU A 127 -35.69 -20.07 -19.88
C GLU A 127 -35.90 -21.58 -19.83
N VAL A 128 -34.99 -22.32 -19.22
CA VAL A 128 -35.22 -23.76 -19.02
C VAL A 128 -36.53 -23.92 -18.27
N LEU A 129 -36.76 -23.07 -17.27
CA LEU A 129 -38.01 -23.09 -16.52
C LEU A 129 -39.16 -22.46 -17.32
N LYS A 130 -38.90 -22.20 -18.60
CA LYS A 130 -39.83 -21.48 -19.48
C LYS A 130 -40.61 -20.46 -18.66
N LEU A 131 -39.89 -19.78 -17.80
CA LEU A 131 -40.41 -18.68 -17.01
C LEU A 131 -40.65 -17.52 -17.98
N ASP A 132 -41.91 -17.26 -18.28
CA ASP A 132 -42.26 -16.28 -19.31
C ASP A 132 -42.10 -14.82 -18.85
N LEU A 133 -40.95 -14.22 -19.16
CA LEU A 133 -40.66 -12.85 -18.72
C LEU A 133 -41.54 -11.82 -19.39
N ASP A 134 -42.24 -12.21 -20.46
CA ASP A 134 -42.94 -11.25 -21.29
C ASP A 134 -44.24 -10.75 -20.69
N ARG A 135 -44.99 -11.62 -20.04
CA ARG A 135 -46.21 -11.22 -19.34
C ARG A 135 -45.79 -10.41 -18.13
N ALA A 136 -44.75 -10.91 -17.45
CA ALA A 136 -44.16 -10.26 -16.30
C ALA A 136 -43.82 -8.81 -16.65
N ALA A 137 -43.15 -8.62 -17.79
CA ALA A 137 -42.79 -7.30 -18.28
C ALA A 137 -44.02 -6.41 -18.45
N GLU A 138 -45.08 -7.00 -19.00
CA GLU A 138 -46.32 -6.28 -19.27
C GLU A 138 -47.12 -5.96 -18.00
N ARG A 139 -47.25 -6.93 -17.10
CA ARG A 139 -47.95 -6.68 -15.87
C ARG A 139 -47.29 -5.57 -15.05
N LEU A 140 -45.97 -5.71 -14.84
CA LEU A 140 -45.19 -4.78 -14.00
C LEU A 140 -45.27 -3.35 -14.52
N SER A 141 -45.38 -3.23 -15.84
CA SER A 141 -45.54 -1.95 -16.52
C SER A 141 -46.84 -1.24 -16.07
N GLY A 142 -47.95 -1.99 -16.01
CA GLY A 142 -49.22 -1.51 -15.42
C GLY A 142 -49.08 -1.12 -13.96
N LEU A 143 -48.66 -2.07 -13.13
CA LEU A 143 -48.53 -1.85 -11.67
C LEU A 143 -47.70 -0.63 -11.31
N HIS A 144 -46.74 -0.28 -12.15
CA HIS A 144 -45.77 0.77 -11.86
C HIS A 144 -45.86 1.94 -12.87
N ALA A 145 -47.05 2.17 -13.42
CA ALA A 145 -47.25 3.22 -14.40
C ALA A 145 -47.55 4.58 -13.78
N PRO A 146 -47.35 5.69 -14.54
CA PRO A 146 -46.54 5.73 -15.75
C PRO A 146 -45.18 6.34 -15.42
N HIS A 147 -44.71 6.12 -14.20
CA HIS A 147 -43.38 6.57 -13.79
C HIS A 147 -42.29 5.66 -14.38
N VAL A 148 -42.49 4.35 -14.28
CA VAL A 148 -41.53 3.39 -14.84
C VAL A 148 -42.19 2.42 -15.83
N ARG A 149 -41.61 2.34 -17.02
CA ARG A 149 -42.02 1.45 -18.08
C ARG A 149 -41.06 0.24 -18.13
N VAL A 150 -41.58 -0.98 -17.97
CA VAL A 150 -40.71 -2.17 -17.96
C VAL A 150 -40.83 -3.08 -19.18
N TYR A 151 -39.68 -3.31 -19.80
CA TYR A 151 -39.54 -4.10 -21.01
C TYR A 151 -38.98 -5.45 -20.65
N SER A 152 -38.65 -6.25 -21.65
CA SER A 152 -38.01 -7.55 -21.45
C SER A 152 -37.42 -8.13 -22.74
N TYR A 153 -36.23 -8.71 -22.59
CA TYR A 153 -35.54 -9.37 -23.69
C TYR A 153 -34.66 -10.49 -23.11
N THR A 154 -34.06 -11.27 -24.00
CA THR A 154 -33.15 -12.37 -23.61
C THR A 154 -31.65 -12.04 -23.69
N GLY A 155 -30.90 -12.54 -22.71
CA GLY A 155 -29.45 -12.50 -22.75
C GLY A 155 -28.84 -13.83 -22.38
N SER A 156 -29.68 -14.87 -22.33
CA SER A 156 -29.28 -16.24 -22.00
C SER A 156 -28.23 -16.74 -22.97
N GLY A 157 -27.15 -17.30 -22.44
CA GLY A 157 -26.13 -17.91 -23.29
C GLY A 157 -26.67 -18.71 -24.45
N LEU A 158 -27.84 -19.33 -24.25
CA LEU A 158 -28.51 -20.14 -25.27
C LEU A 158 -28.94 -19.35 -26.53
N ASP A 159 -29.30 -18.07 -26.36
CA ASP A 159 -29.83 -17.23 -27.43
C ASP A 159 -28.76 -16.26 -27.91
N THR A 160 -27.79 -16.02 -27.05
CA THR A 160 -27.07 -14.77 -27.11
C THR A 160 -25.61 -14.98 -26.81
N THR A 161 -24.75 -14.40 -27.66
CA THR A 161 -23.32 -14.35 -27.42
C THR A 161 -22.89 -12.90 -27.26
N PHE A 162 -22.33 -12.60 -26.09
CA PHE A 162 -21.69 -11.32 -25.80
C PHE A 162 -22.51 -10.13 -26.28
N THR A 163 -22.09 -9.49 -27.38
CA THR A 163 -22.67 -8.21 -27.77
C THR A 163 -24.07 -8.34 -28.38
N GLN A 164 -24.47 -9.55 -28.73
CA GLN A 164 -25.85 -9.83 -29.14
C GLN A 164 -26.86 -9.36 -28.08
N GLY A 165 -26.40 -9.22 -26.84
CA GLY A 165 -27.23 -8.79 -25.70
C GLY A 165 -27.72 -7.36 -25.83
N GLU A 166 -26.90 -6.50 -26.43
CA GLU A 166 -27.33 -5.15 -26.81
C GLU A 166 -28.41 -5.23 -27.89
N ASP A 167 -28.22 -6.09 -28.88
CA ASP A 167 -29.18 -6.23 -29.94
C ASP A 167 -30.55 -6.62 -29.37
N THR A 168 -30.60 -7.79 -28.71
CA THR A 168 -31.85 -8.32 -28.17
C THR A 168 -32.56 -7.29 -27.30
N CYS A 169 -31.76 -6.50 -26.57
CA CYS A 169 -32.24 -5.37 -25.74
C CYS A 169 -32.85 -4.26 -26.59
N LEU A 170 -32.03 -3.64 -27.43
CA LEU A 170 -32.51 -2.56 -28.29
C LEU A 170 -33.76 -3.00 -29.05
N ALA A 171 -33.70 -4.15 -29.71
CA ALA A 171 -34.84 -4.66 -30.48
C ALA A 171 -36.12 -4.75 -29.65
N ALA A 172 -36.00 -5.11 -28.38
CA ALA A 172 -37.18 -5.25 -27.53
C ALA A 172 -37.84 -3.89 -27.22
N MET A 173 -37.04 -2.84 -27.34
CA MET A 173 -37.43 -1.47 -27.01
C MET A 173 -38.07 -0.81 -28.24
N VAL A 174 -37.61 -1.21 -29.41
CA VAL A 174 -38.06 -0.67 -30.68
C VAL A 174 -39.59 -0.74 -30.91
N PRO A 175 -40.24 -1.89 -30.65
CA PRO A 175 -41.67 -1.93 -30.96
C PRO A 175 -42.51 -0.86 -30.24
N THR A 176 -41.96 -0.24 -29.19
CA THR A 176 -42.75 0.64 -28.33
C THR A 176 -42.39 2.13 -28.40
N LEU A 177 -41.29 2.45 -29.07
CA LEU A 177 -40.98 3.83 -29.43
C LEU A 177 -42.20 4.58 -30.00
N ASP A 178 -42.26 5.88 -29.72
CA ASP A 178 -43.31 6.72 -30.28
C ASP A 178 -43.24 6.69 -31.80
N THR A 179 -44.39 6.70 -32.46
CA THR A 179 -44.40 6.74 -33.92
C THR A 179 -44.29 8.17 -34.49
N THR A 180 -43.84 8.27 -35.74
CA THR A 180 -43.58 9.57 -36.34
C THR A 180 -43.62 9.58 -37.88
N GLU A 181 -43.72 10.79 -38.40
CA GLU A 181 -43.77 11.06 -39.83
C GLU A 181 -42.38 11.37 -40.39
N ALA A 182 -41.71 12.35 -39.78
CA ALA A 182 -40.47 12.96 -40.28
C ALA A 182 -39.34 11.99 -40.67
N ALA A 183 -38.46 12.46 -41.57
CA ALA A 183 -37.31 11.67 -42.06
C ALA A 183 -35.96 12.04 -41.42
N GLU A 184 -35.67 11.45 -40.26
CA GLU A 184 -34.46 11.73 -39.50
C GLU A 184 -33.55 10.51 -39.35
N LEU A 185 -32.26 10.76 -39.15
CA LEU A 185 -31.31 9.68 -39.07
C LEU A 185 -31.29 9.12 -37.65
N ILE A 186 -31.33 7.79 -37.54
CA ILE A 186 -31.11 7.11 -36.26
C ILE A 186 -29.79 6.36 -36.35
N VAL A 187 -28.87 6.64 -35.43
CA VAL A 187 -27.61 5.89 -35.42
C VAL A 187 -27.73 4.84 -34.35
N VAL A 188 -27.67 3.59 -34.78
CA VAL A 188 -27.90 2.46 -33.88
C VAL A 188 -26.59 1.85 -33.37
N GLY A 189 -26.55 1.62 -32.06
CA GLY A 189 -25.35 1.15 -31.37
C GLY A 189 -24.97 2.13 -30.27
N ALA A 190 -24.90 1.63 -29.03
CA ALA A 190 -24.39 2.42 -27.93
C ALA A 190 -22.91 2.67 -28.16
N LEU A 191 -22.50 3.94 -28.09
CA LEU A 191 -21.10 4.29 -28.29
C LEU A 191 -20.54 5.03 -27.07
N PRO A 192 -19.22 4.91 -26.81
CA PRO A 192 -18.66 5.85 -25.84
C PRO A 192 -19.20 7.24 -26.12
N ASP A 193 -19.50 7.98 -25.07
CA ASP A 193 -20.11 9.31 -25.19
C ASP A 193 -19.35 10.25 -26.10
N VAL A 194 -18.05 10.33 -25.87
CA VAL A 194 -17.23 11.28 -26.60
C VAL A 194 -17.42 11.06 -28.09
N VAL A 195 -17.41 9.79 -28.49
CA VAL A 195 -17.48 9.38 -29.89
C VAL A 195 -18.82 9.78 -30.48
N GLU A 196 -19.88 9.36 -29.81
CA GLU A 196 -21.22 9.83 -30.13
C GLU A 196 -21.27 11.33 -30.48
N ASP A 197 -20.53 12.17 -29.77
CA ASP A 197 -20.58 13.60 -30.08
C ASP A 197 -19.85 13.96 -31.34
N GLN A 198 -18.70 13.34 -31.56
CA GLN A 198 -17.91 13.57 -32.77
C GLN A 198 -18.80 13.19 -33.91
N CYS A 199 -19.51 12.09 -33.73
CA CYS A 199 -20.40 11.58 -34.74
C CYS A 199 -21.51 12.59 -35.04
N LEU A 200 -22.28 12.96 -34.04
CA LEU A 200 -23.24 14.07 -34.15
C LEU A 200 -22.66 15.22 -34.95
N SER A 201 -21.50 15.70 -34.53
CA SER A 201 -20.91 16.91 -35.04
C SER A 201 -20.75 16.87 -36.55
N LEU A 202 -20.06 15.84 -37.04
CA LEU A 202 -19.76 15.72 -38.46
C LEU A 202 -21.02 15.62 -39.31
N LEU A 203 -21.98 14.81 -38.86
CA LEU A 203 -23.26 14.62 -39.55
C LEU A 203 -24.04 15.94 -39.71
N THR A 204 -23.93 16.81 -38.71
CA THR A 204 -24.50 18.16 -38.76
C THR A 204 -23.86 19.01 -39.86
N GLN A 205 -22.53 19.01 -39.87
CA GLN A 205 -21.76 19.87 -40.73
C GLN A 205 -21.90 19.46 -42.17
N LEU A 206 -22.32 18.22 -42.39
CA LEU A 206 -22.68 17.72 -43.72
C LEU A 206 -24.04 18.25 -44.17
N GLY A 207 -24.82 18.73 -43.21
CA GLY A 207 -26.15 19.26 -43.49
C GLY A 207 -27.29 18.32 -43.13
N VAL A 208 -27.00 17.24 -42.40
CA VAL A 208 -28.05 16.28 -42.04
C VAL A 208 -28.84 16.71 -40.79
N GLY A 209 -29.94 17.42 -41.05
CA GLY A 209 -30.87 17.93 -40.04
C GLY A 209 -31.44 16.74 -39.31
N PRO A 210 -32.12 16.99 -38.17
CA PRO A 210 -32.22 16.17 -36.94
C PRO A 210 -31.73 14.71 -37.02
N VAL A 211 -30.76 14.37 -36.18
CA VAL A 211 -30.25 12.99 -36.08
C VAL A 211 -30.23 12.51 -34.62
N ARG A 212 -30.76 11.31 -34.38
CA ARG A 212 -30.81 10.73 -33.02
C ARG A 212 -30.03 9.42 -32.85
N MET A 213 -29.77 9.10 -31.58
CA MET A 213 -29.10 7.85 -31.22
C MET A 213 -30.08 6.83 -30.68
N LEU A 214 -29.92 5.58 -31.09
CA LEU A 214 -30.52 4.46 -30.37
C LEU A 214 -29.37 3.58 -29.90
N PRO A 215 -29.18 3.44 -28.57
CA PRO A 215 -30.06 3.96 -27.52
C PRO A 215 -29.75 5.41 -27.15
N ALA A 216 -30.74 6.08 -26.57
CA ALA A 216 -30.56 7.45 -26.10
C ALA A 216 -29.91 7.49 -24.72
N ARG A 217 -29.42 8.67 -24.34
CA ARG A 217 -28.81 8.82 -23.03
C ARG A 217 -29.79 8.76 -21.88
N ARG A 218 -31.07 9.03 -22.17
CA ARG A 218 -32.15 9.07 -21.18
C ARG A 218 -33.39 8.50 -21.83
N SER A 219 -34.36 8.06 -21.04
CA SER A 219 -35.60 7.46 -21.60
C SER A 219 -36.68 8.44 -22.07
N ASP A 220 -36.58 9.72 -21.71
CA ASP A 220 -37.54 10.70 -22.19
C ASP A 220 -37.14 11.27 -23.57
N ILE A 221 -35.91 11.00 -23.99
CA ILE A 221 -35.43 11.44 -25.30
C ILE A 221 -35.09 10.24 -26.20
N GLU A 222 -35.96 9.24 -26.17
CA GLU A 222 -35.90 8.12 -27.10
C GLU A 222 -36.36 8.56 -28.49
N PRO A 223 -35.59 8.23 -29.55
CA PRO A 223 -35.95 8.60 -30.93
C PRO A 223 -37.29 8.02 -31.36
N ALA A 224 -38.08 8.78 -32.09
CA ALA A 224 -39.29 8.21 -32.70
C ALA A 224 -38.90 7.57 -34.04
N VAL A 225 -39.71 6.64 -34.52
CA VAL A 225 -39.51 5.99 -35.84
C VAL A 225 -40.81 5.98 -36.63
N GLY A 226 -40.68 5.92 -37.95
CA GLY A 226 -41.82 5.95 -38.85
C GLY A 226 -41.44 5.53 -40.25
N PRO A 227 -42.43 5.49 -41.18
CA PRO A 227 -42.23 5.03 -42.58
C PRO A 227 -41.15 5.76 -43.36
N ASN A 228 -40.80 6.97 -42.90
CA ASN A 228 -39.81 7.81 -43.56
C ASN A 228 -38.46 7.90 -42.83
N THR A 229 -38.36 7.23 -41.68
CA THR A 229 -37.12 7.16 -40.91
C THR A 229 -36.05 6.36 -41.65
N ARG A 230 -34.83 6.90 -41.68
CA ARG A 230 -33.67 6.14 -42.12
C ARG A 230 -32.81 5.89 -40.90
N PHE A 231 -32.13 4.75 -40.86
CA PHE A 231 -31.18 4.48 -39.79
C PHE A 231 -29.93 3.83 -40.34
N ILE A 232 -28.83 3.99 -39.58
CA ILE A 232 -27.54 3.40 -39.94
C ILE A 232 -26.91 2.75 -38.71
N LEU A 233 -26.20 1.64 -38.94
CA LEU A 233 -25.54 0.91 -37.87
C LEU A 233 -24.15 1.43 -37.48
N ALA A 234 -24.02 1.78 -36.20
CA ALA A 234 -22.73 2.13 -35.61
C ALA A 234 -21.95 0.86 -35.27
N GLN A 235 -22.68 -0.26 -35.20
CA GLN A 235 -22.14 -1.50 -34.66
C GLN A 235 -22.62 -2.71 -35.45
N PRO A 236 -21.74 -3.68 -35.73
CA PRO A 236 -22.09 -4.80 -36.59
C PRO A 236 -23.11 -5.78 -36.04
N PHE A 237 -23.25 -5.82 -34.71
CA PHE A 237 -24.03 -6.88 -34.05
C PHE A 237 -25.53 -6.55 -33.84
N LEU A 238 -26.13 -5.87 -34.81
CA LEU A 238 -27.47 -5.33 -34.60
C LEU A 238 -28.52 -5.89 -35.55
N GLY A 239 -28.45 -7.20 -35.80
CA GLY A 239 -29.39 -7.87 -36.69
C GLY A 239 -30.87 -7.72 -36.34
N GLU A 240 -31.23 -8.13 -35.14
CA GLU A 240 -32.62 -8.08 -34.70
C GLU A 240 -33.15 -6.67 -34.59
N THR A 241 -32.32 -5.74 -34.14
CA THR A 241 -32.75 -4.36 -34.01
C THR A 241 -33.01 -3.79 -35.39
N THR A 242 -32.12 -4.08 -36.34
CA THR A 242 -32.39 -3.78 -37.74
C THR A 242 -33.73 -4.40 -38.13
N GLY A 243 -33.88 -5.69 -37.87
CA GLY A 243 -35.12 -6.39 -38.15
C GLY A 243 -36.37 -5.69 -37.64
N ALA A 244 -36.33 -5.22 -36.39
CA ALA A 244 -37.49 -4.59 -35.77
C ALA A 244 -37.75 -3.20 -36.32
N LEU A 245 -36.67 -2.44 -36.54
CA LEU A 245 -36.77 -1.12 -37.13
C LEU A 245 -37.36 -1.18 -38.53
N GLU A 246 -36.96 -2.19 -39.32
CA GLU A 246 -37.49 -2.39 -40.69
C GLU A 246 -38.98 -2.66 -40.67
N ARG A 247 -39.38 -3.47 -39.70
CA ARG A 247 -40.77 -3.85 -39.43
C ARG A 247 -41.62 -2.65 -38.93
N ARG A 248 -40.99 -1.52 -38.68
CA ARG A 248 -41.69 -0.29 -38.36
C ARG A 248 -41.67 0.63 -39.56
N GLY A 249 -41.20 0.11 -40.70
CA GLY A 249 -41.19 0.85 -41.98
C GLY A 249 -40.02 1.78 -42.20
N ALA A 250 -39.12 1.84 -41.22
CA ALA A 250 -37.88 2.60 -41.35
C ALA A 250 -36.90 1.79 -42.18
N LYS A 251 -36.12 2.48 -43.01
CA LYS A 251 -35.27 1.81 -43.98
C LYS A 251 -33.80 2.01 -43.64
N ARG A 252 -33.03 0.92 -43.68
CA ARG A 252 -31.61 0.96 -43.33
C ARG A 252 -30.77 1.71 -44.35
N ILE A 253 -29.59 2.17 -43.94
CA ILE A 253 -28.54 2.65 -44.84
C ILE A 253 -27.31 1.75 -44.68
N ALA A 254 -26.89 1.09 -45.76
CA ALA A 254 -25.69 0.24 -45.73
C ALA A 254 -24.41 1.07 -45.69
N ALA A 255 -23.39 0.56 -44.98
CA ALA A 255 -22.12 1.27 -44.77
C ALA A 255 -21.09 0.34 -44.14
N PRO A 256 -19.83 0.40 -44.58
CA PRO A 256 -18.85 -0.36 -43.80
C PRO A 256 -18.65 0.28 -42.43
N PHE A 257 -18.31 -0.48 -41.41
CA PHE A 257 -18.31 0.08 -40.06
C PHE A 257 -17.17 1.06 -39.80
N PRO A 258 -17.45 2.15 -39.05
CA PRO A 258 -16.51 3.26 -38.93
C PRO A 258 -15.29 2.90 -38.10
N PHE A 259 -14.36 2.20 -38.73
CA PHE A 259 -13.08 1.86 -38.12
C PHE A 259 -11.99 2.21 -39.11
N GLY A 260 -11.00 2.96 -38.62
CA GLY A 260 -10.01 3.57 -39.48
C GLY A 260 -10.56 4.79 -40.20
N GLU A 261 -9.67 5.46 -40.92
CA GLU A 261 -10.03 6.62 -41.70
C GLU A 261 -10.91 6.19 -42.84
N GLU A 262 -10.56 5.07 -43.48
CA GLU A 262 -11.34 4.56 -44.60
C GLU A 262 -12.74 4.17 -44.16
N GLY A 263 -12.86 3.59 -42.97
CA GLY A 263 -14.14 3.17 -42.39
C GLY A 263 -15.03 4.37 -42.15
N THR A 264 -14.58 5.22 -41.22
CA THR A 264 -15.27 6.46 -40.90
C THR A 264 -15.68 7.23 -42.17
N THR A 265 -14.77 7.39 -43.13
CA THR A 265 -15.09 8.14 -44.36
C THR A 265 -16.26 7.53 -45.16
N LEU A 266 -16.09 6.30 -45.62
CA LEU A 266 -17.17 5.58 -46.30
C LEU A 266 -18.48 5.62 -45.48
N TRP A 267 -18.36 5.44 -44.16
CA TRP A 267 -19.52 5.50 -43.28
C TRP A 267 -20.22 6.85 -43.47
N LEU A 268 -19.47 7.93 -43.27
CA LEU A 268 -20.01 9.24 -43.56
C LEU A 268 -20.53 9.30 -44.99
N LYS A 269 -19.68 8.95 -45.96
CA LYS A 269 -20.05 9.00 -47.39
C LYS A 269 -21.44 8.40 -47.67
N ALA A 270 -21.75 7.29 -47.00
CA ALA A 270 -22.98 6.55 -47.23
C ALA A 270 -24.21 7.36 -46.81
N VAL A 271 -24.10 8.06 -45.68
CA VAL A 271 -25.17 8.92 -45.18
C VAL A 271 -25.26 10.17 -46.07
N ALA A 272 -24.09 10.70 -46.43
CA ALA A 272 -23.98 11.84 -47.33
C ALA A 272 -24.78 11.61 -48.59
N ASP A 273 -24.55 10.45 -49.21
CA ASP A 273 -25.20 10.05 -50.47
C ASP A 273 -26.71 10.00 -50.34
N ALA A 274 -27.18 9.21 -49.40
CA ALA A 274 -28.60 9.05 -49.12
C ALA A 274 -29.28 10.38 -48.80
N TYR A 275 -28.53 11.34 -48.29
CA TYR A 275 -29.14 12.61 -47.89
C TYR A 275 -28.92 13.77 -48.87
N GLY A 276 -28.36 13.46 -50.04
CA GLY A 276 -28.12 14.45 -51.10
C GLY A 276 -27.19 15.58 -50.72
N VAL A 277 -25.93 15.24 -50.46
CA VAL A 277 -24.95 16.21 -50.00
C VAL A 277 -23.81 16.24 -51.00
N SER A 278 -23.50 17.44 -51.51
CA SER A 278 -22.45 17.65 -52.51
C SER A 278 -21.08 17.18 -52.03
N ALA A 279 -20.33 16.50 -52.91
CA ALA A 279 -18.95 16.13 -52.63
C ALA A 279 -18.23 17.36 -52.07
N GLU A 280 -18.69 18.53 -52.50
CA GLU A 280 -18.23 19.83 -52.04
C GLU A 280 -18.25 19.97 -50.51
N LYS A 281 -19.46 19.94 -49.94
CA LYS A 281 -19.64 20.08 -48.49
C LYS A 281 -18.95 18.91 -47.78
N PHE A 282 -18.94 17.75 -48.44
CA PHE A 282 -18.29 16.54 -47.92
C PHE A 282 -16.76 16.70 -47.76
N GLU A 283 -16.07 17.05 -48.84
CA GLU A 283 -14.60 17.15 -48.80
C GLU A 283 -14.14 18.24 -47.86
N ALA A 284 -14.86 19.36 -47.84
CA ALA A 284 -14.54 20.51 -46.99
C ALA A 284 -14.79 20.25 -45.50
N VAL A 285 -15.80 19.44 -45.18
CA VAL A 285 -16.02 18.98 -43.80
C VAL A 285 -14.99 17.90 -43.45
N THR A 286 -14.97 16.85 -44.27
CA THR A 286 -14.22 15.64 -43.96
C THR A 286 -12.70 15.77 -44.12
N ALA A 287 -12.26 16.84 -44.80
CA ALA A 287 -10.84 17.04 -45.13
C ALA A 287 -9.99 17.10 -43.88
N ALA A 288 -10.24 18.11 -43.05
CA ALA A 288 -9.42 18.35 -41.85
C ALA A 288 -9.18 17.06 -41.01
N PRO A 289 -10.27 16.42 -40.53
CA PRO A 289 -10.22 15.21 -39.73
C PRO A 289 -9.61 13.95 -40.38
N ARG A 290 -9.76 13.77 -41.69
CA ARG A 290 -9.16 12.61 -42.37
C ARG A 290 -7.63 12.64 -42.37
N ALA A 291 -7.07 13.84 -42.42
CA ALA A 291 -5.63 14.01 -42.38
C ALA A 291 -5.14 13.66 -40.99
N ARG A 292 -5.71 14.32 -39.96
CA ARG A 292 -5.48 13.96 -38.55
C ARG A 292 -5.31 12.46 -38.41
N ALA A 293 -6.34 11.73 -38.81
CA ALA A 293 -6.37 10.29 -38.67
C ALA A 293 -5.20 9.61 -39.37
N LYS A 294 -5.04 9.89 -40.66
CA LYS A 294 -4.09 9.15 -41.48
C LYS A 294 -2.70 9.22 -40.87
N LYS A 295 -2.38 10.40 -40.32
CA LYS A 295 -1.11 10.68 -39.69
C LYS A 295 -0.97 9.88 -38.41
N ALA A 296 -1.91 10.07 -37.49
CA ALA A 296 -1.92 9.35 -36.20
C ALA A 296 -1.76 7.84 -36.41
N ILE A 297 -2.41 7.31 -37.44
CA ILE A 297 -2.33 5.90 -37.78
C ILE A 297 -0.93 5.51 -38.19
N ALA A 298 -0.29 6.40 -38.97
CA ALA A 298 1.02 6.16 -39.57
C ALA A 298 2.08 5.77 -38.55
N ALA A 299 1.98 6.32 -37.33
CA ALA A 299 2.94 6.01 -36.27
C ALA A 299 3.06 4.50 -35.99
N HIS A 300 2.04 3.75 -36.37
CA HIS A 300 1.97 2.34 -36.04
C HIS A 300 2.35 1.41 -37.18
N LEU A 301 2.45 1.98 -38.38
CA LEU A 301 2.77 1.23 -39.58
C LEU A 301 4.04 0.41 -39.41
N GLU A 302 5.07 1.03 -38.85
CA GLU A 302 6.37 0.38 -38.63
C GLU A 302 6.16 -0.99 -38.01
N THR A 303 5.70 -1.01 -36.76
CA THR A 303 5.53 -2.27 -36.03
C THR A 303 4.50 -3.21 -36.65
N LEU A 304 3.49 -2.65 -37.32
CA LEU A 304 2.32 -3.41 -37.78
C LEU A 304 2.29 -3.97 -39.22
N THR A 305 3.02 -3.35 -40.16
CA THR A 305 2.93 -3.78 -41.56
C THR A 305 3.63 -5.12 -41.75
N GLY A 306 2.93 -6.05 -42.40
CA GLY A 306 3.48 -7.36 -42.71
C GLY A 306 3.11 -8.42 -41.69
N LYS A 307 2.59 -8.00 -40.55
CA LYS A 307 2.26 -8.92 -39.47
C LYS A 307 0.94 -9.65 -39.73
N SER A 308 0.93 -10.93 -39.40
CA SER A 308 -0.21 -11.80 -39.66
C SER A 308 -1.14 -11.83 -38.47
N LEU A 309 -2.43 -11.70 -38.77
CA LEU A 309 -3.47 -11.57 -37.75
C LEU A 309 -4.46 -12.77 -37.70
N PHE A 310 -4.69 -13.28 -36.49
CA PHE A 310 -5.69 -14.34 -36.25
C PHE A 310 -6.67 -13.78 -35.24
N MET A 311 -7.97 -13.90 -35.51
CA MET A 311 -8.98 -13.45 -34.56
C MET A 311 -10.02 -14.53 -34.22
N PHE A 312 -10.05 -14.96 -32.96
CA PHE A 312 -11.13 -15.81 -32.43
C PHE A 312 -12.47 -15.05 -32.36
N PRO A 313 -13.61 -15.78 -32.26
CA PRO A 313 -14.87 -15.05 -32.13
C PRO A 313 -15.14 -14.51 -30.74
N ASP A 314 -15.58 -13.24 -30.65
CA ASP A 314 -16.20 -12.69 -29.43
C ASP A 314 -17.35 -11.70 -29.69
N SER A 315 -17.12 -10.72 -30.56
CA SER A 315 -17.95 -9.50 -30.52
C SER A 315 -18.68 -9.14 -31.81
N GLN A 316 -18.39 -9.88 -32.87
CA GLN A 316 -18.85 -9.55 -34.24
C GLN A 316 -18.10 -8.37 -34.83
N LEU A 317 -17.17 -7.82 -34.04
CA LEU A 317 -16.34 -6.69 -34.46
C LEU A 317 -15.10 -7.13 -35.23
N GLU A 318 -14.83 -8.43 -35.24
CA GLU A 318 -13.58 -8.94 -35.81
C GLU A 318 -13.41 -8.74 -37.32
N ILE A 319 -14.50 -8.82 -38.09
CA ILE A 319 -14.41 -8.55 -39.53
C ILE A 319 -13.99 -7.09 -39.80
N PRO A 320 -14.78 -6.10 -39.33
CA PRO A 320 -14.46 -4.76 -39.79
C PRO A 320 -13.14 -4.28 -39.19
N LEU A 321 -12.78 -4.81 -38.01
CA LEU A 321 -11.50 -4.50 -37.40
C LEU A 321 -10.35 -5.11 -38.17
N ALA A 322 -10.53 -6.35 -38.60
CA ALA A 322 -9.55 -7.00 -39.47
C ALA A 322 -9.45 -6.26 -40.81
N ARG A 323 -10.58 -5.71 -41.27
CA ARG A 323 -10.62 -4.93 -42.50
C ARG A 323 -9.82 -3.63 -42.40
N PHE A 324 -9.87 -3.02 -41.22
CA PHE A 324 -9.08 -1.81 -40.94
C PHE A 324 -7.61 -2.13 -40.74
N LEU A 325 -7.34 -3.27 -40.11
CA LEU A 325 -5.99 -3.66 -39.74
C LEU A 325 -5.17 -4.05 -40.97
N ALA A 326 -5.80 -4.75 -41.90
CA ALA A 326 -5.14 -5.20 -43.11
C ALA A 326 -4.96 -4.06 -44.10
N ARG A 327 -6.01 -3.24 -44.25
CA ARG A 327 -6.04 -2.17 -45.24
C ARG A 327 -5.27 -0.92 -44.89
N GLU A 328 -5.44 -0.46 -43.65
CA GLU A 328 -4.83 0.79 -43.21
C GLU A 328 -3.58 0.55 -42.38
N CYS A 329 -3.33 -0.71 -42.03
CA CYS A 329 -2.15 -1.02 -41.25
C CYS A 329 -1.24 -2.01 -41.99
N GLY A 330 -1.78 -2.67 -42.99
CA GLY A 330 -0.98 -3.55 -43.81
C GLY A 330 -0.64 -4.83 -43.07
N MET A 331 -1.61 -5.36 -42.34
CA MET A 331 -1.46 -6.66 -41.72
C MET A 331 -1.96 -7.70 -42.71
N LYS A 332 -1.58 -8.96 -42.48
CA LYS A 332 -2.02 -10.07 -43.33
C LYS A 332 -2.99 -10.93 -42.52
N THR A 333 -4.23 -11.01 -43.01
CA THR A 333 -5.27 -11.73 -42.31
C THR A 333 -5.15 -13.21 -42.57
N THR A 334 -5.05 -13.97 -41.48
CA THR A 334 -5.06 -15.42 -41.51
C THR A 334 -6.51 -15.92 -41.35
N GLU A 335 -6.92 -16.22 -40.11
CA GLU A 335 -8.28 -16.67 -39.84
C GLU A 335 -9.08 -15.67 -38.96
N ILE A 336 -10.14 -15.13 -39.53
CA ILE A 336 -10.98 -14.15 -38.84
C ILE A 336 -12.25 -14.89 -38.41
N ALA A 337 -12.59 -14.83 -37.12
CA ALA A 337 -13.71 -15.64 -36.61
C ALA A 337 -14.71 -14.82 -35.84
N THR A 338 -15.98 -15.00 -36.18
CA THR A 338 -17.05 -14.20 -35.57
C THR A 338 -18.11 -15.10 -34.94
N PRO A 339 -18.76 -14.64 -33.86
CA PRO A 339 -19.77 -15.48 -33.20
C PRO A 339 -21.06 -15.62 -34.02
N PHE A 340 -21.39 -14.61 -34.84
CA PHE A 340 -22.50 -14.67 -35.81
C PHE A 340 -22.17 -13.79 -37.03
N LEU A 341 -22.72 -14.12 -38.20
CA LEU A 341 -22.33 -13.41 -39.42
C LEU A 341 -23.50 -13.00 -40.30
N HIS A 342 -24.07 -11.84 -40.00
CA HIS A 342 -25.19 -11.28 -40.74
C HIS A 342 -24.69 -10.86 -42.10
N LYS A 343 -25.02 -11.68 -43.10
CA LYS A 343 -24.49 -11.58 -44.45
C LYS A 343 -24.75 -10.24 -45.09
N ALA A 344 -26.00 -9.78 -45.00
CA ALA A 344 -26.40 -8.52 -45.63
C ALA A 344 -25.72 -7.34 -44.96
N ILE A 345 -25.70 -7.32 -43.64
CA ILE A 345 -25.09 -6.21 -42.91
C ILE A 345 -23.58 -6.18 -43.12
N MET A 346 -22.94 -7.33 -42.98
CA MET A 346 -21.50 -7.37 -43.12
C MET A 346 -20.95 -7.18 -44.52
N ALA A 347 -21.84 -6.97 -45.49
CA ALA A 347 -21.45 -6.93 -46.92
C ALA A 347 -20.39 -5.87 -47.32
N PRO A 348 -20.61 -4.59 -46.97
CA PRO A 348 -19.59 -3.61 -47.33
C PRO A 348 -18.17 -3.95 -46.84
N ASP A 349 -18.02 -4.37 -45.59
CA ASP A 349 -16.69 -4.68 -45.06
C ASP A 349 -16.10 -5.94 -45.67
N LEU A 350 -16.93 -6.94 -45.89
CA LEU A 350 -16.49 -8.14 -46.61
C LEU A 350 -16.00 -7.82 -48.03
N ALA A 351 -16.60 -6.82 -48.66
CA ALA A 351 -16.13 -6.35 -49.96
C ALA A 351 -14.67 -5.90 -49.85
N LEU A 352 -14.31 -5.30 -48.71
CA LEU A 352 -12.99 -4.67 -48.59
C LEU A 352 -11.94 -5.57 -47.93
N LEU A 353 -12.39 -6.70 -47.39
CA LEU A 353 -11.52 -7.63 -46.68
C LEU A 353 -10.71 -8.41 -47.70
N PRO A 354 -9.38 -8.60 -47.45
CA PRO A 354 -8.51 -9.41 -48.31
C PRO A 354 -9.10 -10.77 -48.66
N SER A 355 -8.89 -11.23 -49.89
CA SER A 355 -9.53 -12.43 -50.39
C SER A 355 -9.04 -13.71 -49.72
N ASN A 356 -7.76 -13.74 -49.39
CA ASN A 356 -7.11 -14.92 -48.82
C ASN A 356 -7.59 -15.35 -47.42
N THR A 357 -8.74 -14.85 -47.00
CA THR A 357 -9.14 -14.86 -45.58
C THR A 357 -10.18 -15.94 -45.27
N ALA A 358 -9.83 -16.86 -44.38
CA ALA A 358 -10.77 -17.89 -43.95
C ALA A 358 -11.73 -17.29 -42.95
N LEU A 359 -13.03 -17.41 -43.20
CA LEU A 359 -14.03 -16.90 -42.27
C LEU A 359 -14.66 -18.03 -41.48
N THR A 360 -14.94 -17.77 -40.21
CA THR A 360 -15.57 -18.76 -39.35
C THR A 360 -16.72 -18.12 -38.62
N GLU A 361 -17.91 -18.68 -38.80
CA GLU A 361 -19.04 -18.33 -37.96
C GLU A 361 -19.14 -19.38 -36.87
N GLY A 362 -19.21 -18.91 -35.63
CA GLY A 362 -19.26 -19.83 -34.49
C GLY A 362 -17.87 -20.37 -34.18
N GLN A 363 -17.83 -21.54 -33.56
CA GLN A 363 -16.54 -22.17 -33.21
C GLN A 363 -16.61 -23.59 -32.61
N ASP A 364 -15.57 -24.36 -32.92
CA ASP A 364 -15.25 -25.57 -32.19
C ASP A 364 -13.87 -25.36 -31.61
N LEU A 365 -13.83 -24.76 -30.41
CA LEU A 365 -12.59 -24.27 -29.83
C LEU A 365 -11.41 -25.12 -30.25
N GLU A 366 -11.47 -26.40 -29.96
CA GLU A 366 -10.34 -27.30 -30.16
C GLU A 366 -9.84 -27.37 -31.61
N ALA A 367 -10.78 -27.49 -32.54
CA ALA A 367 -10.49 -27.40 -33.99
C ALA A 367 -9.76 -26.10 -34.31
N GLN A 368 -10.34 -24.99 -33.84
CA GLN A 368 -9.78 -23.66 -34.00
C GLN A 368 -8.36 -23.50 -33.44
N LEU A 369 -8.17 -23.86 -32.16
CA LEU A 369 -6.86 -23.87 -31.51
C LEU A 369 -5.86 -24.73 -32.26
N ASP A 370 -6.36 -25.79 -32.91
CA ASP A 370 -5.51 -26.63 -33.73
C ASP A 370 -5.19 -26.02 -35.07
N ARG A 371 -6.12 -25.26 -35.62
CA ARG A 371 -5.86 -24.53 -36.85
C ARG A 371 -4.74 -23.52 -36.62
N HIS A 372 -4.87 -22.77 -35.52
CA HIS A 372 -3.98 -21.67 -35.17
C HIS A 372 -2.58 -22.11 -34.75
N GLU A 373 -2.49 -23.28 -34.12
CA GLU A 373 -1.20 -23.85 -33.69
C GLU A 373 -0.28 -24.00 -34.92
N ALA A 374 -0.75 -24.78 -35.90
CA ALA A 374 -0.01 -25.00 -37.14
C ALA A 374 -0.02 -23.79 -38.08
N ILE A 375 -0.87 -22.81 -37.80
CA ILE A 375 -0.80 -21.52 -38.51
C ILE A 375 0.37 -20.66 -38.00
N ASN A 376 0.51 -20.57 -36.67
CA ASN A 376 1.45 -19.66 -36.00
C ASN A 376 1.38 -18.18 -36.46
N PRO A 377 0.31 -17.46 -36.08
CA PRO A 377 0.19 -16.09 -36.56
C PRO A 377 1.05 -15.18 -35.70
N ASP A 378 1.26 -13.96 -36.16
CA ASP A 378 2.04 -12.97 -35.41
C ASP A 378 1.27 -12.50 -34.18
N LEU A 379 0.14 -11.86 -34.45
CA LEU A 379 -0.74 -11.31 -33.43
C LEU A 379 -2.01 -12.16 -33.38
N THR A 380 -2.55 -12.34 -32.19
CA THR A 380 -3.71 -13.20 -32.02
C THR A 380 -4.74 -12.53 -31.10
N VAL A 381 -5.90 -12.17 -31.64
CA VAL A 381 -6.93 -11.44 -30.88
C VAL A 381 -7.95 -12.40 -30.26
N CYS A 382 -8.12 -12.33 -28.94
CA CYS A 382 -8.84 -13.37 -28.20
C CYS A 382 -9.33 -12.96 -26.79
N GLY A 383 -10.14 -13.85 -26.21
CA GLY A 383 -10.64 -13.71 -24.83
C GLY A 383 -9.59 -13.94 -23.76
N LEU A 384 -9.89 -13.47 -22.55
CA LEU A 384 -8.94 -13.46 -21.44
C LEU A 384 -8.53 -14.83 -20.89
N GLY A 385 -9.39 -15.83 -21.12
CA GLY A 385 -9.14 -17.20 -20.69
C GLY A 385 -8.28 -17.98 -21.67
N LEU A 386 -8.00 -17.35 -22.80
CA LEU A 386 -7.07 -17.86 -23.79
C LEU A 386 -5.74 -17.11 -23.78
N ALA A 387 -5.80 -15.78 -23.60
CA ALA A 387 -4.64 -14.93 -23.89
C ALA A 387 -3.37 -15.42 -23.20
N ASN A 388 -3.38 -15.58 -21.89
CA ASN A 388 -2.17 -16.00 -21.19
C ASN A 388 -1.63 -17.38 -21.61
N PRO A 389 -2.46 -18.45 -21.55
CA PRO A 389 -2.09 -19.76 -22.10
C PRO A 389 -1.37 -19.66 -23.43
N LEU A 390 -1.82 -18.74 -24.28
CA LEU A 390 -1.25 -18.50 -25.60
C LEU A 390 0.04 -17.67 -25.58
N GLU A 391 0.16 -16.81 -24.58
CA GLU A 391 1.33 -15.97 -24.38
C GLU A 391 2.48 -16.80 -23.84
N ALA A 392 2.15 -17.74 -22.97
CA ALA A 392 3.11 -18.67 -22.40
C ALA A 392 3.68 -19.57 -23.49
N LYS A 393 2.94 -19.71 -24.60
CA LYS A 393 3.38 -20.54 -25.72
C LYS A 393 4.22 -19.79 -26.72
N GLY A 394 4.33 -18.48 -26.56
CA GLY A 394 5.17 -17.65 -27.42
C GLY A 394 4.44 -16.87 -28.51
N HIS A 395 3.12 -17.08 -28.61
CA HIS A 395 2.26 -16.28 -29.49
C HIS A 395 1.91 -14.96 -28.80
N ALA A 396 1.98 -13.84 -29.53
CA ALA A 396 1.54 -12.55 -28.97
C ALA A 396 0.03 -12.47 -29.06
N THR A 397 -0.58 -11.82 -28.07
CA THR A 397 -2.05 -11.74 -27.92
C THR A 397 -2.54 -10.31 -27.74
N LYS A 398 -3.77 -10.06 -28.13
CA LYS A 398 -4.37 -8.76 -27.88
C LYS A 398 -5.78 -9.06 -27.42
N TRP A 399 -6.00 -9.08 -26.11
CA TRP A 399 -7.30 -9.48 -25.62
C TRP A 399 -8.41 -8.58 -26.13
N ALA A 400 -9.52 -9.20 -26.51
CA ALA A 400 -10.51 -8.54 -27.35
C ALA A 400 -11.49 -7.64 -26.61
N ILE A 401 -11.83 -8.01 -25.38
CA ILE A 401 -12.92 -7.36 -24.67
C ILE A 401 -12.74 -5.84 -24.72
N GLU A 402 -11.51 -5.39 -24.46
CA GLU A 402 -11.12 -4.00 -24.51
C GLU A 402 -11.83 -3.22 -25.61
N LEU A 403 -11.94 -3.82 -26.78
CA LEU A 403 -12.44 -3.15 -28.00
C LEU A 403 -13.93 -2.83 -28.07
N VAL A 404 -14.73 -3.39 -27.16
CA VAL A 404 -16.09 -2.90 -27.06
C VAL A 404 -16.06 -1.58 -26.29
N PHE A 405 -15.49 -1.60 -25.09
CA PHE A 405 -15.64 -0.47 -24.17
C PHE A 405 -14.70 0.75 -24.41
N THR A 406 -13.47 0.53 -24.88
CA THR A 406 -12.54 1.63 -25.24
C THR A 406 -13.14 2.44 -26.41
N PRO A 407 -12.92 3.77 -26.43
CA PRO A 407 -13.42 4.48 -27.60
C PRO A 407 -12.52 4.14 -28.77
N VAL A 408 -13.10 3.61 -29.85
CA VAL A 408 -12.31 3.13 -31.00
C VAL A 408 -12.85 3.55 -32.38
N HIS A 409 -14.12 3.92 -32.43
CA HIS A 409 -14.74 4.33 -33.67
C HIS A 409 -14.31 5.72 -34.08
N PHE A 410 -14.57 6.03 -35.35
CA PHE A 410 -14.39 7.36 -35.93
C PHE A 410 -12.95 7.85 -36.02
N TYR A 411 -12.81 9.09 -36.49
CA TYR A 411 -11.52 9.66 -36.86
C TYR A 411 -10.56 9.84 -35.68
N GLU A 412 -10.92 10.67 -34.70
CA GLU A 412 -10.03 10.95 -33.55
C GLU A 412 -9.42 9.73 -32.86
N GLN A 413 -10.14 8.61 -32.87
CA GLN A 413 -9.69 7.42 -32.14
C GLN A 413 -8.89 6.45 -33.02
N ALA A 414 -8.71 6.82 -34.29
CA ALA A 414 -8.06 5.96 -35.28
C ALA A 414 -6.66 5.52 -34.85
N GLY A 415 -5.88 6.47 -34.34
CA GLY A 415 -4.53 6.21 -33.87
C GLY A 415 -4.60 5.24 -32.72
N ASP A 416 -5.34 5.64 -31.70
CA ASP A 416 -5.56 4.82 -30.50
C ASP A 416 -6.01 3.41 -30.85
N LEU A 417 -6.89 3.29 -31.85
CA LEU A 417 -7.33 1.99 -32.34
C LEU A 417 -6.14 1.16 -32.83
N ALA A 418 -5.43 1.66 -33.83
CA ALA A 418 -4.19 1.03 -34.28
C ALA A 418 -3.24 0.82 -33.10
N GLY A 419 -3.23 1.79 -32.19
CA GLY A 419 -2.42 1.74 -30.99
C GLY A 419 -2.62 0.39 -30.35
N LEU A 420 -3.86 0.14 -29.96
CA LEU A 420 -4.26 -1.10 -29.30
C LEU A 420 -3.68 -2.40 -29.88
N PHE A 421 -3.35 -2.42 -31.16
CA PHE A 421 -2.76 -3.60 -31.78
C PHE A 421 -1.24 -3.52 -31.93
N SER A 422 -0.68 -2.30 -31.98
CA SER A 422 0.77 -2.17 -32.05
C SER A 422 1.39 -2.58 -30.72
N ARG A 423 0.83 -2.04 -29.63
CA ARG A 423 1.42 -2.14 -28.30
C ARG A 423 1.86 -3.54 -27.88
N PRO A 424 0.96 -4.54 -28.00
CA PRO A 424 1.39 -5.86 -27.61
C PRO A 424 2.66 -6.33 -28.33
N LEU A 425 2.77 -6.08 -29.63
CA LEU A 425 3.98 -6.46 -30.38
C LEU A 425 5.22 -5.64 -29.97
N ARG A 426 5.04 -4.31 -29.84
CA ARG A 426 6.06 -3.39 -29.32
C ARG A 426 6.62 -3.97 -28.04
N ARG A 427 5.72 -4.37 -27.14
CA ARG A 427 6.12 -4.89 -25.84
C ARG A 427 6.90 -6.22 -25.96
N ARG A 428 6.56 -7.04 -26.94
CA ARG A 428 7.17 -8.37 -27.08
C ARG A 428 8.66 -8.27 -27.44
N ALA A 429 8.94 -7.50 -28.50
CA ALA A 429 10.30 -7.15 -28.89
C ALA A 429 11.06 -6.59 -27.70
N LEU A 430 10.56 -5.47 -27.18
CA LEU A 430 11.13 -4.80 -26.02
C LEU A 430 11.57 -5.77 -24.91
N LEU A 431 10.79 -6.83 -24.69
CA LEU A 431 11.09 -7.81 -23.64
C LEU A 431 12.12 -8.89 -24.01
N ASN A 432 12.83 -8.69 -25.11
CA ASN A 432 14.03 -9.51 -25.45
C ASN A 432 15.02 -8.82 -26.39
N GLY A 433 15.20 -7.51 -26.22
CA GLY A 433 16.05 -6.72 -27.11
C GLY A 433 15.25 -5.89 -28.10
N MET B 1 -36.09 -16.00 -4.69
CA MET B 1 -35.40 -14.91 -5.43
C MET B 1 -34.75 -13.94 -4.47
N LYS B 2 -33.42 -13.83 -4.55
CA LYS B 2 -32.63 -12.87 -3.80
C LYS B 2 -31.97 -11.84 -4.75
N LEU B 3 -32.37 -10.57 -4.64
CA LEU B 3 -31.69 -9.50 -5.36
C LEU B 3 -30.19 -9.49 -5.00
N THR B 4 -29.32 -9.66 -5.98
CA THR B 4 -27.89 -9.86 -5.71
C THR B 4 -26.95 -9.04 -6.60
N LEU B 5 -26.20 -8.12 -5.98
CA LEU B 5 -25.17 -7.39 -6.72
C LEU B 5 -23.81 -8.08 -6.55
N TRP B 6 -23.17 -7.84 -5.40
CA TRP B 6 -21.99 -8.58 -4.99
C TRP B 6 -22.31 -9.99 -4.50
N THR B 7 -21.50 -10.94 -4.92
CA THR B 7 -21.48 -12.25 -4.26
C THR B 7 -20.10 -12.54 -3.68
N TYR B 8 -20.06 -13.14 -2.50
CA TYR B 8 -18.81 -13.52 -1.89
C TYR B 8 -18.32 -14.85 -2.45
N GLU B 9 -19.23 -15.67 -2.96
CA GLU B 9 -18.88 -16.99 -3.49
C GLU B 9 -19.45 -17.24 -4.87
N GLY B 10 -18.71 -17.97 -5.70
CA GLY B 10 -19.21 -18.41 -6.99
C GLY B 10 -20.21 -19.53 -6.81
N PRO B 11 -20.84 -19.97 -7.90
CA PRO B 11 -21.63 -21.17 -7.82
C PRO B 11 -20.67 -22.40 -7.76
N PRO B 12 -21.14 -23.53 -7.21
CA PRO B 12 -20.33 -24.71 -6.86
C PRO B 12 -19.40 -25.26 -7.98
N HIS B 13 -19.79 -25.09 -9.24
CA HIS B 13 -18.98 -25.56 -10.33
C HIS B 13 -17.63 -24.83 -10.47
N VAL B 14 -17.55 -23.60 -9.95
CA VAL B 14 -16.30 -22.85 -9.84
C VAL B 14 -15.38 -23.55 -8.86
N GLY B 15 -15.96 -23.98 -7.74
CA GLY B 15 -15.25 -24.75 -6.71
C GLY B 15 -14.70 -26.04 -7.31
N ALA B 16 -15.52 -26.67 -8.15
CA ALA B 16 -15.07 -27.79 -8.92
C ALA B 16 -13.88 -27.31 -9.76
N MET B 17 -14.10 -26.30 -10.60
CA MET B 17 -13.04 -25.78 -11.47
C MET B 17 -11.78 -25.55 -10.64
N ARG B 18 -11.98 -25.08 -9.41
CA ARG B 18 -10.90 -24.60 -8.56
C ARG B 18 -10.04 -25.77 -8.06
N VAL B 19 -10.67 -26.93 -7.94
CA VAL B 19 -9.98 -28.14 -7.51
C VAL B 19 -9.32 -28.83 -8.70
N ALA B 20 -10.05 -28.91 -9.81
CA ALA B 20 -9.54 -29.53 -11.01
C ALA B 20 -8.28 -28.83 -11.49
N THR B 21 -8.24 -27.50 -11.37
CA THR B 21 -7.11 -26.69 -11.82
C THR B 21 -5.89 -26.89 -10.93
N ALA B 22 -6.15 -27.05 -9.64
CA ALA B 22 -5.12 -27.30 -8.63
C ALA B 22 -4.28 -28.54 -8.97
N MET B 23 -4.94 -29.49 -9.62
CA MET B 23 -4.35 -30.76 -10.00
C MET B 23 -3.68 -30.73 -11.38
N LYS B 24 -2.72 -31.61 -11.57
CA LYS B 24 -2.18 -31.85 -12.91
C LYS B 24 -2.64 -33.23 -13.42
N ASP B 25 -2.70 -33.39 -14.75
CA ASP B 25 -3.15 -34.63 -15.37
C ASP B 25 -4.56 -35.03 -14.89
N LEU B 26 -5.47 -34.06 -14.88
CA LEU B 26 -6.86 -34.30 -14.49
C LEU B 26 -7.81 -33.42 -15.28
N GLN B 27 -8.78 -34.04 -15.94
CA GLN B 27 -9.76 -33.34 -16.80
C GLN B 27 -11.16 -33.30 -16.20
N LEU B 28 -11.78 -32.12 -16.20
CA LEU B 28 -13.13 -31.96 -15.68
C LEU B 28 -14.06 -31.60 -16.82
N VAL B 29 -15.22 -32.27 -16.88
CA VAL B 29 -16.22 -31.93 -17.89
C VAL B 29 -17.49 -31.41 -17.25
N LEU B 30 -17.82 -30.16 -17.60
CA LEU B 30 -19.02 -29.53 -17.12
C LEU B 30 -20.08 -29.47 -18.18
N HIS B 31 -21.22 -30.08 -17.87
CA HIS B 31 -22.41 -29.96 -18.66
C HIS B 31 -23.05 -28.62 -18.33
N GLY B 32 -23.15 -27.75 -19.33
CA GLY B 32 -23.58 -26.38 -19.09
C GLY B 32 -23.73 -25.62 -20.40
N PRO B 33 -24.37 -24.42 -20.32
CA PRO B 33 -24.65 -23.63 -21.51
C PRO B 33 -23.42 -23.02 -22.17
N GLN B 34 -23.59 -22.65 -23.42
CA GLN B 34 -22.61 -21.92 -24.18
C GLN B 34 -22.63 -20.50 -23.65
N GLY B 35 -21.46 -19.93 -23.38
CA GLY B 35 -21.36 -18.56 -22.84
C GLY B 35 -21.07 -18.56 -21.35
N CYS B 36 -21.12 -19.74 -20.77
CA CYS B 36 -21.00 -19.94 -19.35
C CYS B 36 -19.62 -20.47 -19.01
N THR B 37 -18.63 -20.13 -19.82
CA THR B 37 -17.26 -20.60 -19.55
C THR B 37 -16.39 -19.49 -18.98
N TYR B 38 -17.04 -18.39 -18.59
CA TYR B 38 -16.38 -17.20 -18.04
C TYR B 38 -15.32 -17.44 -16.95
N ALA B 39 -15.44 -18.51 -16.15
CA ALA B 39 -14.54 -18.68 -14.99
C ALA B 39 -13.06 -18.91 -15.34
N ASP B 40 -12.77 -19.39 -16.55
CA ASP B 40 -11.44 -19.29 -17.15
C ASP B 40 -10.70 -18.07 -16.59
N LEU B 41 -11.25 -16.90 -16.95
CA LEU B 41 -10.78 -15.55 -16.55
C LEU B 41 -10.19 -15.47 -15.15
N LEU B 42 -10.82 -16.16 -14.21
CA LEU B 42 -10.41 -16.08 -12.83
C LEU B 42 -9.05 -16.74 -12.67
N PHE B 43 -8.90 -17.91 -13.28
CA PHE B 43 -7.67 -18.70 -13.19
C PHE B 43 -6.52 -18.15 -14.00
N THR B 44 -6.82 -17.49 -15.11
CA THR B 44 -5.78 -17.06 -16.03
C THR B 44 -5.34 -15.62 -15.74
N MET B 45 -6.25 -14.82 -15.23
CA MET B 45 -5.96 -13.43 -14.91
C MET B 45 -5.65 -13.23 -13.41
N ILE B 46 -6.57 -13.62 -12.54
CA ILE B 46 -6.40 -13.39 -11.11
C ILE B 46 -5.26 -14.23 -10.51
N GLU B 47 -5.26 -15.54 -10.75
CA GLU B 47 -4.14 -16.44 -10.37
C GLU B 47 -2.95 -16.23 -11.27
N ARG B 48 -3.20 -15.86 -12.52
CA ARG B 48 -2.13 -15.48 -13.47
C ARG B 48 -1.55 -16.70 -14.21
N ARG B 49 -2.35 -17.75 -14.34
CA ARG B 49 -1.90 -19.01 -14.92
C ARG B 49 -1.48 -19.01 -16.41
N ASN B 50 -0.58 -19.93 -16.77
CA ASN B 50 0.08 -19.98 -18.09
C ASN B 50 -0.51 -21.00 -19.08
N ALA B 51 -1.21 -22.00 -18.58
CA ALA B 51 -1.98 -22.90 -19.42
C ALA B 51 -3.45 -22.65 -19.15
N ARG B 52 -4.30 -23.16 -20.03
CA ARG B 52 -5.75 -23.06 -19.88
C ARG B 52 -6.18 -23.95 -18.72
N PRO B 53 -7.26 -23.59 -18.02
CA PRO B 53 -7.69 -24.50 -16.96
C PRO B 53 -8.07 -25.86 -17.59
N PRO B 54 -7.73 -26.97 -16.90
CA PRO B 54 -8.00 -28.28 -17.44
C PRO B 54 -9.49 -28.57 -17.41
N VAL B 55 -10.29 -27.68 -17.99
CA VAL B 55 -11.74 -27.80 -17.89
C VAL B 55 -12.41 -27.64 -19.26
N SER B 56 -13.35 -28.54 -19.56
CA SER B 56 -14.09 -28.51 -20.80
C SER B 56 -15.63 -28.49 -20.60
N PHE B 57 -16.33 -28.01 -21.63
CA PHE B 57 -17.78 -27.79 -21.56
C PHE B 57 -18.50 -28.40 -22.76
N SER B 58 -19.76 -28.75 -22.55
CA SER B 58 -20.59 -29.34 -23.60
C SER B 58 -21.20 -28.26 -24.48
N THR B 59 -21.29 -27.06 -23.94
CA THR B 59 -21.62 -25.84 -24.69
C THR B 59 -22.88 -25.97 -25.54
N PHE B 60 -23.96 -26.42 -24.90
CA PHE B 60 -25.26 -26.48 -25.59
C PHE B 60 -25.91 -25.10 -25.71
N GLU B 61 -26.69 -24.93 -26.78
CA GLU B 61 -27.40 -23.69 -27.09
C GLU B 61 -28.92 -23.90 -27.20
N ALA B 62 -29.66 -22.86 -27.54
CA ALA B 62 -31.12 -22.90 -27.63
C ALA B 62 -31.64 -24.02 -28.54
N SER B 63 -31.06 -24.14 -29.73
CA SER B 63 -31.49 -25.15 -30.70
C SER B 63 -30.85 -26.51 -30.41
N HIS B 64 -30.93 -26.93 -29.15
CA HIS B 64 -30.40 -28.21 -28.70
C HIS B 64 -31.32 -28.87 -27.70
N MET B 65 -32.53 -28.33 -27.55
CA MET B 65 -33.55 -28.94 -26.66
C MET B 65 -34.11 -30.23 -27.28
N GLY B 66 -34.54 -31.16 -26.43
CA GLY B 66 -34.71 -32.57 -26.83
C GLY B 66 -33.53 -33.33 -26.27
N THR B 67 -33.63 -34.65 -26.16
CA THR B 67 -32.57 -35.49 -25.56
C THR B 67 -31.20 -35.30 -26.23
N ASP B 68 -31.18 -34.42 -27.24
CA ASP B 68 -29.96 -33.91 -27.89
C ASP B 68 -28.84 -33.66 -26.89
N THR B 69 -29.22 -33.35 -25.65
CA THR B 69 -28.28 -32.84 -24.66
C THR B 69 -27.43 -33.92 -23.99
N ALA B 70 -28.02 -35.09 -23.73
CA ALA B 70 -27.26 -36.20 -23.14
C ALA B 70 -26.10 -36.58 -24.06
N ILE B 71 -26.41 -36.66 -25.35
CA ILE B 71 -25.46 -37.01 -26.39
C ILE B 71 -24.29 -36.03 -26.44
N LEU B 72 -24.55 -34.76 -26.15
CA LEU B 72 -23.50 -33.71 -26.15
C LEU B 72 -22.48 -33.87 -25.01
N LEU B 73 -22.95 -34.21 -23.82
CA LEU B 73 -22.06 -34.47 -22.69
C LEU B 73 -21.21 -35.71 -22.96
N LYS B 74 -21.82 -36.72 -23.60
CA LYS B 74 -21.14 -37.94 -24.04
C LYS B 74 -19.90 -37.61 -24.87
N ASP B 75 -20.13 -36.92 -25.99
CA ASP B 75 -19.07 -36.54 -26.92
C ASP B 75 -18.08 -35.52 -26.35
N ALA B 76 -18.50 -34.79 -25.32
CA ALA B 76 -17.62 -33.91 -24.54
C ALA B 76 -16.61 -34.74 -23.75
N LEU B 77 -17.11 -35.75 -23.05
CA LEU B 77 -16.29 -36.68 -22.28
C LEU B 77 -15.35 -37.47 -23.18
N ALA B 78 -15.90 -37.88 -24.33
CA ALA B 78 -15.16 -38.60 -25.35
C ALA B 78 -14.01 -37.78 -25.85
N ALA B 79 -14.32 -36.55 -26.28
CA ALA B 79 -13.34 -35.64 -26.85
C ALA B 79 -12.25 -35.33 -25.86
N ALA B 80 -12.66 -35.02 -24.63
CA ALA B 80 -11.73 -34.63 -23.59
C ALA B 80 -10.74 -35.76 -23.31
N HIS B 81 -11.24 -37.00 -23.29
CA HIS B 81 -10.35 -38.15 -23.06
C HIS B 81 -9.37 -38.34 -24.21
N ALA B 82 -9.90 -38.55 -25.42
CA ALA B 82 -9.08 -38.71 -26.62
C ALA B 82 -7.95 -37.68 -26.68
N ARG B 83 -8.31 -36.40 -26.52
CA ARG B 83 -7.37 -35.30 -26.70
C ARG B 83 -6.27 -35.17 -25.64
N TYR B 84 -6.62 -35.29 -24.36
CA TYR B 84 -5.66 -34.94 -23.32
C TYR B 84 -4.98 -36.13 -22.63
N LYS B 85 -5.70 -37.25 -22.58
CA LYS B 85 -5.25 -38.51 -21.97
C LYS B 85 -4.78 -38.32 -20.51
N PRO B 86 -5.73 -38.00 -19.62
CA PRO B 86 -5.50 -37.75 -18.21
C PRO B 86 -5.64 -39.02 -17.38
N GLN B 87 -4.82 -39.13 -16.33
CA GLN B 87 -4.84 -40.30 -15.46
C GLN B 87 -6.25 -40.64 -14.95
N ALA B 88 -7.06 -39.61 -14.76
CA ALA B 88 -8.47 -39.72 -14.37
C ALA B 88 -9.24 -38.51 -14.89
N MET B 89 -10.53 -38.47 -14.60
CA MET B 89 -11.39 -37.38 -15.04
C MET B 89 -12.47 -37.21 -14.00
N ALA B 90 -13.26 -36.15 -14.14
CA ALA B 90 -14.45 -35.95 -13.29
C ALA B 90 -15.50 -35.13 -14.03
N VAL B 91 -16.75 -35.45 -13.77
CA VAL B 91 -17.85 -34.87 -14.54
C VAL B 91 -18.90 -34.27 -13.61
N ALA B 92 -19.47 -33.15 -14.02
CA ALA B 92 -20.54 -32.56 -13.25
C ALA B 92 -21.42 -31.65 -14.07
N LEU B 93 -22.46 -31.13 -13.41
CA LEU B 93 -23.45 -30.26 -14.02
C LEU B 93 -23.32 -28.80 -13.56
N THR B 94 -23.34 -27.90 -14.53
CA THR B 94 -23.58 -26.48 -14.28
C THR B 94 -25.03 -26.28 -13.83
N CYS B 95 -25.30 -25.16 -13.15
CA CYS B 95 -26.63 -24.84 -12.63
C CYS B 95 -27.75 -25.04 -13.66
N THR B 96 -27.49 -24.65 -14.91
CA THR B 96 -28.47 -24.80 -15.99
C THR B 96 -28.73 -26.28 -16.27
N ALA B 97 -27.65 -27.07 -16.28
CA ALA B 97 -27.70 -28.51 -16.53
C ALA B 97 -28.35 -29.28 -15.40
N GLU B 98 -28.39 -28.65 -14.23
CA GLU B 98 -29.04 -29.24 -13.08
C GLU B 98 -30.55 -29.28 -13.29
N LEU B 99 -31.06 -28.38 -14.12
CA LEU B 99 -32.49 -28.35 -14.46
C LEU B 99 -32.80 -29.18 -15.69
N LEU B 100 -31.81 -29.90 -16.18
CA LEU B 100 -32.00 -30.82 -17.30
C LEU B 100 -31.98 -32.26 -16.84
N GLN B 101 -32.29 -33.17 -17.76
CA GLN B 101 -32.51 -34.60 -17.46
C GLN B 101 -31.24 -35.42 -17.41
N ASP B 102 -30.31 -35.11 -18.32
CA ASP B 102 -29.09 -35.88 -18.49
C ASP B 102 -28.34 -36.06 -17.17
N ASP B 103 -27.94 -37.30 -16.91
CA ASP B 103 -27.38 -37.73 -15.65
C ASP B 103 -25.87 -37.98 -15.80
N PRO B 104 -25.04 -37.29 -15.00
CA PRO B 104 -23.57 -37.43 -15.06
C PRO B 104 -23.05 -38.83 -14.73
N ASN B 105 -23.83 -39.57 -13.95
CA ASN B 105 -23.48 -40.94 -13.58
C ASN B 105 -23.70 -41.83 -14.80
N GLY B 106 -24.94 -41.84 -15.26
CA GLY B 106 -25.40 -42.73 -16.32
C GLY B 106 -24.69 -42.61 -17.65
N ILE B 107 -24.32 -41.39 -18.01
CA ILE B 107 -23.63 -41.14 -19.28
C ILE B 107 -22.16 -41.55 -19.15
N SER B 108 -21.57 -41.26 -17.99
CA SER B 108 -20.20 -41.65 -17.65
C SER B 108 -20.02 -43.17 -17.62
N ARG B 109 -20.95 -43.84 -16.96
CA ARG B 109 -20.97 -45.30 -16.89
C ARG B 109 -21.10 -45.94 -18.28
N ALA B 110 -22.13 -45.54 -19.02
CA ALA B 110 -22.40 -46.08 -20.36
C ALA B 110 -21.17 -46.04 -21.27
N LEU B 111 -20.75 -44.84 -21.64
CA LEU B 111 -19.57 -44.61 -22.49
C LEU B 111 -18.36 -45.46 -22.08
N ASN B 112 -18.09 -45.51 -20.78
CA ASN B 112 -17.08 -46.40 -20.18
C ASN B 112 -15.63 -46.23 -20.70
N LEU B 113 -14.93 -45.23 -20.14
CA LEU B 113 -13.55 -44.91 -20.55
C LEU B 113 -12.49 -45.74 -19.80
N PRO B 114 -11.24 -45.82 -20.33
CA PRO B 114 -10.11 -46.47 -19.65
C PRO B 114 -9.82 -46.01 -18.20
N VAL B 115 -9.98 -44.73 -17.91
CA VAL B 115 -9.57 -44.17 -16.61
C VAL B 115 -10.79 -43.86 -15.74
N PRO B 116 -10.59 -43.68 -14.41
CA PRO B 116 -11.76 -43.36 -13.58
C PRO B 116 -12.39 -42.03 -13.96
N VAL B 117 -13.72 -42.01 -14.00
CA VAL B 117 -14.47 -40.78 -14.24
C VAL B 117 -15.44 -40.57 -13.09
N VAL B 118 -15.21 -39.51 -12.34
CA VAL B 118 -15.93 -39.25 -11.10
C VAL B 118 -17.08 -38.24 -11.32
N PRO B 119 -18.33 -38.68 -11.05
CA PRO B 119 -19.54 -37.83 -11.13
C PRO B 119 -19.78 -37.05 -9.85
N LEU B 120 -20.08 -35.76 -9.97
CA LEU B 120 -20.11 -34.89 -8.79
C LEU B 120 -21.52 -34.34 -8.51
N GLU B 121 -21.87 -34.29 -7.23
CA GLU B 121 -23.15 -33.77 -6.79
C GLU B 121 -22.98 -32.30 -6.39
N LEU B 122 -23.41 -31.40 -7.27
CA LEU B 122 -23.31 -29.95 -7.02
C LEU B 122 -24.66 -29.22 -7.02
N PRO B 123 -25.32 -29.15 -5.85
CA PRO B 123 -26.59 -28.44 -5.76
C PRO B 123 -26.32 -26.94 -5.84
N SER B 124 -26.41 -26.44 -7.07
CA SER B 124 -26.04 -25.07 -7.39
C SER B 124 -27.07 -24.03 -6.96
N TYR B 125 -28.19 -24.48 -6.41
CA TYR B 125 -29.24 -23.58 -5.94
C TYR B 125 -29.32 -23.56 -4.43
N SER B 126 -28.54 -24.42 -3.80
CA SER B 126 -28.51 -24.40 -2.36
C SER B 126 -27.10 -24.26 -1.84
N ARG B 127 -26.11 -24.52 -2.68
CA ARG B 127 -24.73 -24.43 -2.21
C ARG B 127 -23.90 -23.47 -3.06
N LYS B 128 -22.59 -23.44 -2.78
CA LYS B 128 -21.70 -22.46 -3.38
C LYS B 128 -20.29 -22.96 -3.64
N GLU B 129 -19.44 -22.03 -4.05
CA GLU B 129 -18.06 -22.28 -4.43
C GLU B 129 -17.38 -23.20 -3.44
N ASN B 130 -17.30 -22.75 -2.19
CA ASN B 130 -16.57 -23.50 -1.20
C ASN B 130 -17.02 -24.93 -0.98
N TYR B 131 -18.34 -25.14 -0.96
CA TYR B 131 -18.86 -26.50 -0.94
C TYR B 131 -18.30 -27.24 -2.17
N GLY B 132 -18.44 -26.60 -3.33
CA GLY B 132 -18.03 -27.22 -4.58
C GLY B 132 -16.62 -27.74 -4.44
N ALA B 133 -15.75 -26.90 -3.87
CA ALA B 133 -14.34 -27.25 -3.68
C ALA B 133 -14.17 -28.48 -2.80
N ASP B 134 -14.99 -28.56 -1.75
CA ASP B 134 -14.84 -29.60 -0.77
C ASP B 134 -15.33 -30.93 -1.31
N GLU B 135 -16.58 -30.93 -1.76
CA GLU B 135 -17.19 -32.10 -2.37
C GLU B 135 -16.29 -32.66 -3.46
N THR B 136 -16.09 -31.91 -4.54
CA THR B 136 -15.20 -32.32 -5.63
C THR B 136 -13.92 -32.99 -5.13
N PHE B 137 -13.35 -32.48 -4.03
CA PHE B 137 -12.14 -33.05 -3.48
C PHE B 137 -12.43 -34.27 -2.60
N ARG B 138 -13.53 -34.20 -1.83
CA ARG B 138 -13.99 -35.38 -1.07
C ARG B 138 -14.12 -36.54 -2.05
N ALA B 139 -14.90 -36.32 -3.11
CA ALA B 139 -15.18 -37.32 -4.13
C ALA B 139 -13.93 -37.90 -4.83
N LEU B 140 -12.95 -37.05 -5.09
CA LEU B 140 -11.68 -37.52 -5.69
C LEU B 140 -10.84 -38.36 -4.72
N VAL B 141 -10.74 -37.93 -3.47
CA VAL B 141 -10.05 -38.71 -2.46
C VAL B 141 -10.79 -40.02 -2.17
N ARG B 142 -12.10 -39.92 -1.98
CA ARG B 142 -12.98 -41.07 -1.75
C ARG B 142 -12.82 -42.15 -2.83
N ALA B 143 -12.64 -41.72 -4.08
CA ALA B 143 -12.51 -42.65 -5.20
C ALA B 143 -11.08 -43.16 -5.38
N LEU B 144 -10.09 -42.38 -4.97
CA LEU B 144 -8.68 -42.65 -5.30
C LEU B 144 -7.79 -43.08 -4.15
N ALA B 145 -8.16 -42.78 -2.91
CA ALA B 145 -7.32 -43.12 -1.77
C ALA B 145 -7.56 -44.56 -1.31
N VAL B 146 -6.49 -45.31 -1.09
CA VAL B 146 -6.59 -46.68 -0.57
C VAL B 146 -5.65 -46.90 0.63
N PRO B 147 -6.03 -47.79 1.57
CA PRO B 147 -5.12 -48.12 2.67
C PRO B 147 -3.72 -48.52 2.19
N MET B 148 -2.70 -48.13 2.95
CA MET B 148 -1.30 -48.40 2.60
C MET B 148 -0.46 -48.49 3.87
N GLU B 149 0.71 -49.09 3.77
CA GLU B 149 1.66 -49.13 4.88
C GLU B 149 2.33 -47.75 5.00
N ARG B 150 2.57 -47.31 6.24
CA ARG B 150 3.17 -46.00 6.50
C ARG B 150 4.60 -45.92 5.97
N THR B 151 5.06 -44.71 5.65
CA THR B 151 6.43 -44.49 5.19
C THR B 151 7.44 -44.92 6.26
N PRO B 152 8.67 -45.26 5.85
CA PRO B 152 9.66 -45.62 6.87
C PRO B 152 9.86 -44.43 7.80
N GLU B 153 10.09 -43.25 7.22
CA GLU B 153 10.24 -42.00 7.95
C GLU B 153 8.85 -41.42 8.21
N VAL B 154 8.76 -40.42 9.08
CA VAL B 154 7.48 -39.75 9.34
C VAL B 154 7.13 -38.69 8.28
N THR B 155 5.93 -38.85 7.72
CA THR B 155 5.44 -37.97 6.67
C THR B 155 3.96 -37.62 6.85
N CYS B 156 3.54 -36.55 6.19
CA CYS B 156 2.16 -36.10 6.24
C CYS B 156 1.73 -35.49 4.92
N ASN B 157 0.42 -35.32 4.76
CA ASN B 157 -0.15 -34.67 3.58
C ASN B 157 -0.62 -33.26 3.91
N LEU B 158 -0.60 -32.39 2.92
CA LEU B 158 -1.13 -31.06 3.09
C LEU B 158 -2.48 -31.02 2.39
N LEU B 159 -3.56 -30.95 3.17
CA LEU B 159 -4.90 -31.05 2.63
C LEU B 159 -5.56 -29.71 2.59
N GLY B 160 -6.07 -29.34 1.41
CA GLY B 160 -6.93 -28.18 1.31
C GLY B 160 -6.52 -27.14 0.30
N ALA B 161 -5.22 -27.04 0.00
CA ALA B 161 -4.70 -25.99 -0.88
C ALA B 161 -5.19 -26.17 -2.32
N THR B 162 -5.48 -25.07 -3.01
CA THR B 162 -6.22 -25.08 -4.29
C THR B 162 -5.84 -23.97 -5.28
N ALA B 163 -6.47 -23.96 -6.44
CA ALA B 163 -6.34 -22.82 -7.36
C ALA B 163 -7.25 -21.71 -6.83
N LEU B 164 -6.92 -20.45 -7.15
CA LEU B 164 -7.64 -19.28 -6.59
C LEU B 164 -7.67 -19.24 -5.07
N GLY B 165 -6.72 -19.91 -4.44
CA GLY B 165 -6.65 -19.93 -2.99
C GLY B 165 -5.83 -18.73 -2.58
N PHE B 166 -6.34 -17.95 -1.61
CA PHE B 166 -5.71 -16.72 -1.10
C PHE B 166 -4.50 -17.13 -0.32
N ARG B 167 -3.34 -16.83 -0.91
CA ARG B 167 -1.99 -17.15 -0.38
C ARG B 167 -1.74 -18.63 -0.12
N HIS B 168 -2.38 -19.47 -0.93
CA HIS B 168 -2.17 -20.90 -0.90
C HIS B 168 -0.76 -21.23 -1.30
N ARG B 169 -0.34 -20.77 -2.47
CA ARG B 169 1.03 -20.98 -2.92
C ARG B 169 2.00 -20.93 -1.76
N ASP B 170 2.08 -19.76 -1.16
CA ASP B 170 3.12 -19.45 -0.20
C ASP B 170 2.91 -20.05 1.19
N ASP B 171 1.64 -20.32 1.54
CA ASP B 171 1.34 -21.03 2.76
C ASP B 171 1.86 -22.45 2.70
N VAL B 172 1.60 -23.15 1.58
CA VAL B 172 2.19 -24.47 1.34
C VAL B 172 3.71 -24.39 1.57
N ALA B 173 4.36 -23.49 0.84
CA ALA B 173 5.77 -23.22 1.05
C ALA B 173 6.08 -23.10 2.53
N GLU B 174 5.48 -22.12 3.21
CA GLU B 174 5.79 -21.84 4.61
C GLU B 174 5.49 -22.98 5.61
N VAL B 175 4.43 -23.74 5.38
CA VAL B 175 4.15 -24.88 6.25
C VAL B 175 5.18 -25.99 6.01
N THR B 176 5.48 -26.26 4.74
CA THR B 176 6.48 -27.28 4.41
C THR B 176 7.73 -27.04 5.23
N LYS B 177 8.26 -25.81 5.17
CA LYS B 177 9.49 -25.50 5.88
C LYS B 177 9.37 -25.53 7.42
N LEU B 178 8.22 -25.21 7.99
CA LEU B 178 8.10 -25.39 9.44
C LEU B 178 7.88 -26.84 9.89
N LEU B 179 7.39 -27.69 8.98
CA LEU B 179 7.34 -29.11 9.26
C LEU B 179 8.75 -29.67 9.19
N ALA B 180 9.46 -29.31 8.12
CA ALA B 180 10.85 -29.75 7.91
C ALA B 180 11.76 -29.42 9.09
N THR B 181 11.41 -28.37 9.84
CA THR B 181 12.21 -27.99 10.98
C THR B 181 12.03 -28.96 12.13
N MET B 182 10.96 -29.74 12.08
CA MET B 182 10.70 -30.76 13.09
C MET B 182 11.09 -32.19 12.67
N GLY B 183 11.75 -32.32 11.52
CA GLY B 183 12.11 -33.64 10.98
C GLY B 183 11.08 -34.27 10.05
N ILE B 184 9.86 -33.70 10.01
CA ILE B 184 8.74 -34.21 9.20
C ILE B 184 8.72 -33.72 7.74
N LYS B 185 8.96 -34.64 6.80
CA LYS B 185 8.83 -34.35 5.36
C LYS B 185 7.40 -34.56 4.85
N VAL B 186 7.04 -33.88 3.76
CA VAL B 186 5.68 -33.93 3.19
C VAL B 186 5.47 -35.07 2.18
N ASN B 187 4.40 -35.85 2.36
CA ASN B 187 4.04 -36.93 1.44
C ASN B 187 3.51 -36.38 0.12
N VAL B 188 2.23 -36.00 0.13
CA VAL B 188 1.65 -35.31 -1.03
C VAL B 188 0.80 -34.12 -0.61
N CYS B 189 1.09 -32.97 -1.19
CA CYS B 189 0.23 -31.82 -1.03
C CYS B 189 -0.86 -31.90 -2.08
N ALA B 190 -2.11 -31.84 -1.65
CA ALA B 190 -3.25 -31.99 -2.56
C ALA B 190 -4.46 -31.22 -2.05
N PRO B 191 -5.32 -30.73 -2.97
CA PRO B 191 -5.35 -30.87 -4.43
C PRO B 191 -4.22 -30.19 -5.18
N LEU B 192 -3.61 -29.17 -4.59
CA LEU B 192 -2.64 -28.30 -5.28
C LEU B 192 -1.33 -29.00 -5.63
N GLY B 193 -0.99 -28.99 -6.91
CA GLY B 193 0.25 -29.61 -7.37
C GLY B 193 0.24 -31.10 -7.13
N ALA B 194 -0.88 -31.74 -7.45
CA ALA B 194 -1.04 -33.17 -7.29
C ALA B 194 -1.73 -33.77 -8.52
N SER B 195 -1.33 -34.99 -8.85
CA SER B 195 -1.95 -35.78 -9.90
C SER B 195 -2.85 -36.82 -9.27
N PRO B 196 -3.83 -37.35 -10.04
CA PRO B 196 -4.52 -38.54 -9.58
C PRO B 196 -3.56 -39.67 -9.16
N ASP B 197 -2.51 -39.93 -9.93
CA ASP B 197 -1.47 -40.91 -9.54
C ASP B 197 -1.08 -40.70 -8.08
N ASP B 198 -0.85 -39.44 -7.72
CA ASP B 198 -0.45 -39.06 -6.36
C ASP B 198 -1.54 -39.30 -5.32
N LEU B 199 -2.81 -39.19 -5.74
CA LEU B 199 -3.95 -39.32 -4.83
C LEU B 199 -4.16 -40.75 -4.32
N ARG B 200 -3.61 -41.71 -5.04
CA ARG B 200 -3.61 -43.10 -4.58
C ARG B 200 -2.58 -43.28 -3.45
N LYS B 201 -1.44 -42.60 -3.58
CA LYS B 201 -0.33 -42.66 -2.61
C LYS B 201 -0.62 -41.90 -1.32
N LEU B 202 -1.88 -41.61 -1.05
CA LEU B 202 -2.23 -40.88 0.16
C LEU B 202 -2.03 -41.73 1.42
N GLY B 203 -2.51 -42.96 1.39
CA GLY B 203 -2.51 -43.83 2.57
C GLY B 203 -1.25 -43.90 3.43
N GLN B 204 -0.08 -43.67 2.82
CA GLN B 204 1.23 -43.96 3.44
C GLN B 204 1.78 -42.89 4.40
N ALA B 205 1.01 -41.83 4.64
CA ALA B 205 1.49 -40.76 5.50
C ALA B 205 0.78 -40.82 6.86
N HIS B 206 1.58 -40.70 7.91
CA HIS B 206 1.12 -40.80 9.31
C HIS B 206 -0.09 -39.92 9.64
N PHE B 207 -0.02 -38.64 9.28
CA PHE B 207 -1.12 -37.74 9.59
C PHE B 207 -1.40 -36.73 8.49
N ASN B 208 -2.55 -36.08 8.58
CA ASN B 208 -2.93 -35.05 7.63
C ASN B 208 -2.88 -33.68 8.27
N VAL B 209 -2.20 -32.74 7.62
CA VAL B 209 -2.33 -31.34 8.00
C VAL B 209 -3.46 -30.70 7.20
N LEU B 210 -4.57 -30.44 7.88
CA LEU B 210 -5.71 -29.77 7.29
C LEU B 210 -5.40 -28.28 7.22
N MET B 211 -5.01 -27.86 6.03
CA MET B 211 -4.63 -26.49 5.77
C MET B 211 -5.83 -25.57 5.79
N TYR B 212 -6.85 -25.90 5.00
CA TYR B 212 -8.00 -25.04 4.93
C TYR B 212 -9.27 -25.85 5.14
N PRO B 213 -9.87 -25.72 6.33
CA PRO B 213 -11.10 -26.46 6.58
C PRO B 213 -12.07 -26.28 5.42
N GLU B 214 -12.25 -25.04 4.96
CA GLU B 214 -13.30 -24.77 3.98
C GLU B 214 -13.17 -25.55 2.68
N THR B 215 -11.96 -25.97 2.34
CA THR B 215 -11.71 -26.58 1.02
C THR B 215 -11.38 -28.08 1.01
N GLY B 216 -11.02 -28.63 2.17
CA GLY B 216 -10.64 -30.05 2.25
C GLY B 216 -10.81 -30.77 3.58
N GLU B 217 -11.92 -30.49 4.26
CA GLU B 217 -12.20 -31.08 5.56
C GLU B 217 -13.00 -32.38 5.42
N SER B 218 -13.88 -32.41 4.41
CA SER B 218 -14.58 -33.63 4.06
C SER B 218 -13.54 -34.68 3.70
N ALA B 219 -12.58 -34.29 2.85
CA ALA B 219 -11.48 -35.17 2.48
C ALA B 219 -10.66 -35.60 3.70
N ALA B 220 -10.45 -34.66 4.62
CA ALA B 220 -9.76 -34.98 5.88
C ALA B 220 -10.55 -36.04 6.69
N ARG B 221 -11.86 -35.82 6.77
CA ARG B 221 -12.78 -36.74 7.44
C ARG B 221 -12.75 -38.14 6.80
N HIS B 222 -12.90 -38.20 5.48
CA HIS B 222 -12.87 -39.48 4.79
C HIS B 222 -11.59 -40.24 5.07
N LEU B 223 -10.47 -39.52 5.14
CA LEU B 223 -9.17 -40.14 5.38
C LEU B 223 -9.01 -40.60 6.82
N GLU B 224 -9.83 -40.06 7.71
CA GLU B 224 -9.85 -40.48 9.10
C GLU B 224 -10.28 -41.93 9.23
N ARG B 225 -11.23 -42.36 8.39
CA ARG B 225 -11.60 -43.78 8.35
C ARG B 225 -10.69 -44.57 7.42
N ALA B 226 -10.64 -44.19 6.14
CA ALA B 226 -9.90 -44.94 5.12
C ALA B 226 -8.55 -45.49 5.59
N CYS B 227 -7.66 -44.61 6.03
CA CYS B 227 -6.31 -45.01 6.39
C CYS B 227 -5.98 -44.55 7.80
N LYS B 228 -7.01 -44.53 8.64
CA LYS B 228 -6.88 -44.16 10.06
C LYS B 228 -5.96 -42.96 10.26
N GLN B 229 -6.22 -41.87 9.55
CA GLN B 229 -5.36 -40.67 9.60
C GLN B 229 -5.97 -39.55 10.42
N PRO B 230 -5.25 -39.07 11.45
CA PRO B 230 -5.72 -37.93 12.22
C PRO B 230 -5.33 -36.61 11.56
N PHE B 231 -6.31 -35.73 11.32
CA PHE B 231 -5.97 -34.42 10.79
C PHE B 231 -5.78 -33.37 11.87
N THR B 232 -4.81 -32.48 11.66
CA THR B 232 -4.61 -31.33 12.53
C THR B 232 -5.82 -30.39 12.54
N LYS B 233 -6.27 -30.02 13.73
CA LYS B 233 -7.43 -29.16 13.88
C LYS B 233 -7.09 -27.67 14.01
N ILE B 234 -5.89 -27.35 14.52
CA ILE B 234 -5.42 -25.96 14.66
C ILE B 234 -4.68 -25.45 13.42
N VAL B 235 -5.27 -24.46 12.74
CA VAL B 235 -4.71 -23.83 11.52
C VAL B 235 -3.67 -22.78 11.90
N PRO B 236 -2.42 -22.91 11.40
CA PRO B 236 -1.32 -22.06 11.85
C PRO B 236 -1.26 -20.62 11.26
N ILE B 237 -2.10 -19.71 11.74
CA ILE B 237 -2.06 -18.30 11.33
C ILE B 237 -1.93 -17.45 12.59
N GLY B 238 -0.81 -16.72 12.66
CA GLY B 238 -0.38 -16.10 13.90
C GLY B 238 0.67 -16.94 14.61
N VAL B 239 1.33 -16.32 15.59
CA VAL B 239 2.42 -16.99 16.29
C VAL B 239 1.85 -18.00 17.28
N GLY B 240 0.99 -17.54 18.18
CA GLY B 240 0.32 -18.45 19.11
C GLY B 240 -0.31 -19.62 18.38
N ALA B 241 -1.08 -19.33 17.34
CA ALA B 241 -1.72 -20.38 16.56
C ALA B 241 -0.67 -21.37 16.04
N THR B 242 0.43 -20.84 15.52
CA THR B 242 1.54 -21.66 15.01
C THR B 242 2.19 -22.51 16.12
N ARG B 243 2.52 -21.91 17.25
CA ARG B 243 3.09 -22.67 18.35
C ARG B 243 2.17 -23.83 18.72
N ASP B 244 0.87 -23.55 18.86
CA ASP B 244 -0.11 -24.57 19.24
C ASP B 244 -0.28 -25.60 18.14
N PHE B 245 -0.06 -25.18 16.90
CA PHE B 245 -0.14 -26.12 15.79
C PHE B 245 1.03 -27.07 15.88
N LEU B 246 2.20 -26.52 16.20
CA LEU B 246 3.41 -27.33 16.35
C LEU B 246 3.32 -28.28 17.53
N ALA B 247 2.75 -27.83 18.64
CA ALA B 247 2.58 -28.67 19.82
C ALA B 247 1.60 -29.80 19.52
N GLU B 248 0.52 -29.47 18.81
CA GLU B 248 -0.46 -30.45 18.37
C GLU B 248 0.21 -31.50 17.54
N VAL B 249 1.14 -31.08 16.68
CA VAL B 249 1.89 -32.01 15.83
C VAL B 249 2.85 -32.89 16.62
N SER B 250 3.52 -32.30 17.61
CA SER B 250 4.35 -33.03 18.57
C SER B 250 3.54 -34.13 19.27
N LYS B 251 2.29 -33.81 19.57
CA LYS B 251 1.33 -34.73 20.18
C LYS B 251 0.97 -35.87 19.22
N ILE B 252 0.84 -35.54 17.93
CA ILE B 252 0.47 -36.53 16.93
C ILE B 252 1.63 -37.46 16.58
N THR B 253 2.85 -36.90 16.57
CA THR B 253 4.03 -37.63 16.07
C THR B 253 4.94 -38.17 17.17
N GLY B 254 4.84 -37.62 18.37
CA GLY B 254 5.78 -37.90 19.45
C GLY B 254 7.01 -36.99 19.42
N LEU B 255 7.28 -36.41 18.24
CA LEU B 255 8.51 -35.64 17.99
C LEU B 255 8.59 -34.35 18.79
N PRO B 256 9.80 -33.99 19.27
CA PRO B 256 9.98 -32.72 19.98
C PRO B 256 9.83 -31.50 19.08
N VAL B 257 9.19 -30.46 19.62
CA VAL B 257 8.91 -29.23 18.87
C VAL B 257 10.17 -28.38 18.70
N VAL B 258 10.68 -28.36 17.47
CA VAL B 258 11.84 -27.55 17.13
C VAL B 258 11.40 -26.37 16.24
N THR B 259 11.86 -25.17 16.57
CA THR B 259 11.49 -23.97 15.83
C THR B 259 12.73 -23.17 15.42
N ASP B 260 12.70 -22.66 14.19
CA ASP B 260 13.76 -21.78 13.70
C ASP B 260 13.28 -20.32 13.71
N GLU B 261 13.44 -19.67 14.86
CA GLU B 261 12.83 -18.36 15.11
C GLU B 261 13.73 -17.15 14.81
N SER B 262 14.77 -17.38 13.99
CA SER B 262 15.83 -16.39 13.75
C SER B 262 15.39 -15.26 12.83
N THR B 263 14.24 -15.45 12.18
CA THR B 263 13.75 -14.49 11.21
C THR B 263 12.36 -13.95 11.64
N LEU B 264 11.83 -14.51 12.73
CA LEU B 264 10.55 -14.12 13.32
C LEU B 264 10.57 -12.72 13.95
N ARG B 265 10.12 -11.71 13.23
CA ARG B 265 10.23 -10.33 13.71
C ARG B 265 8.97 -9.70 14.34
N GLN B 266 7.82 -10.35 14.17
CA GLN B 266 6.54 -9.80 14.64
C GLN B 266 6.43 -9.54 16.15
N PRO B 267 6.83 -10.50 17.01
CA PRO B 267 6.69 -10.23 18.43
C PRO B 267 7.41 -8.98 18.90
N TRP B 268 8.66 -8.78 18.46
CA TRP B 268 9.42 -7.60 18.84
C TRP B 268 8.80 -6.34 18.26
N TRP B 269 8.48 -6.38 16.96
CA TRP B 269 7.76 -5.28 16.31
C TRP B 269 6.59 -4.80 17.16
N SER B 270 5.69 -5.72 17.49
CA SER B 270 4.51 -5.40 18.29
C SER B 270 4.82 -5.08 19.73
N ALA B 271 5.96 -5.54 20.21
CA ALA B 271 6.37 -5.21 21.56
C ALA B 271 7.00 -3.81 21.60
N SER B 272 7.50 -3.34 20.45
CA SER B 272 8.15 -2.03 20.29
C SER B 272 7.30 -0.83 20.67
N VAL B 273 7.95 0.29 20.93
CA VAL B 273 7.30 1.47 21.50
C VAL B 273 6.40 2.19 20.51
N ASP B 274 6.70 2.04 19.22
CA ASP B 274 5.89 2.67 18.18
C ASP B 274 4.58 1.92 18.00
N SER B 275 4.50 0.73 18.61
CA SER B 275 3.31 -0.11 18.52
C SER B 275 2.30 0.21 19.63
N THR B 276 2.68 1.09 20.56
CA THR B 276 1.85 1.34 21.75
C THR B 276 0.53 2.05 21.47
N TYR B 277 0.45 2.87 20.44
CA TYR B 277 -0.85 3.48 20.16
C TYR B 277 -1.79 2.52 19.38
N LEU B 278 -1.31 1.32 19.08
CA LEU B 278 -2.17 0.31 18.49
C LEU B 278 -3.16 -0.16 19.55
N THR B 279 -2.74 -0.05 20.81
CA THR B 279 -3.46 -0.62 21.94
C THR B 279 -4.94 -0.32 21.95
N GLY B 280 -5.73 -1.38 21.81
CA GLY B 280 -7.17 -1.28 21.78
C GLY B 280 -7.73 -0.34 20.75
N LYS B 281 -7.21 -0.38 19.52
CA LYS B 281 -7.92 0.23 18.41
C LYS B 281 -8.95 -0.78 17.98
N ARG B 282 -10.16 -0.30 17.77
CA ARG B 282 -11.30 -1.18 17.54
C ARG B 282 -11.30 -1.67 16.11
N VAL B 283 -11.21 -2.98 15.95
CA VAL B 283 -11.13 -3.59 14.63
C VAL B 283 -12.39 -4.41 14.38
N PHE B 284 -12.93 -4.30 13.16
CA PHE B 284 -14.03 -5.15 12.72
C PHE B 284 -13.48 -6.25 11.80
N ILE B 285 -13.83 -7.51 12.02
CA ILE B 285 -13.22 -8.56 11.22
C ILE B 285 -14.26 -9.34 10.38
N PHE B 286 -14.08 -9.40 9.06
CA PHE B 286 -14.98 -10.16 8.18
C PHE B 286 -14.21 -10.96 7.14
N GLY B 287 -14.78 -12.06 6.65
CA GLY B 287 -14.05 -12.89 5.68
C GLY B 287 -14.44 -14.36 5.67
N ASP B 288 -13.58 -15.21 5.09
CA ASP B 288 -13.85 -16.63 5.11
C ASP B 288 -13.66 -17.15 6.54
N GLY B 289 -14.53 -18.07 6.95
CA GLY B 289 -14.54 -18.59 8.31
C GLY B 289 -13.17 -18.75 8.97
N THR B 290 -12.22 -19.38 8.27
CA THR B 290 -10.94 -19.73 8.87
C THR B 290 -10.02 -18.55 9.20
N HIS B 291 -10.02 -17.57 8.29
CA HIS B 291 -9.14 -16.42 8.40
C HIS B 291 -9.63 -15.43 9.44
N VAL B 292 -10.91 -15.50 9.77
CA VAL B 292 -11.48 -14.57 10.73
C VAL B 292 -11.15 -15.05 12.13
N ILE B 293 -11.24 -16.35 12.33
CA ILE B 293 -10.88 -16.95 13.62
C ILE B 293 -9.39 -16.73 13.88
N ALA B 294 -8.60 -16.70 12.82
CA ALA B 294 -7.17 -16.58 12.98
C ALA B 294 -6.82 -15.15 13.28
N ALA B 295 -7.34 -14.27 12.43
CA ALA B 295 -7.15 -12.82 12.57
C ALA B 295 -7.48 -12.34 13.98
N ALA B 296 -8.58 -12.84 14.54
CA ALA B 296 -9.08 -12.31 15.79
C ALA B 296 -8.14 -12.61 16.97
N ARG B 297 -7.52 -13.78 16.96
CA ARG B 297 -6.55 -14.14 17.98
C ARG B 297 -5.33 -13.24 17.87
N ILE B 298 -4.88 -13.01 16.63
CA ILE B 298 -3.78 -12.08 16.42
C ILE B 298 -4.17 -10.67 16.88
N ALA B 299 -5.25 -10.15 16.33
CA ALA B 299 -5.77 -8.84 16.67
C ALA B 299 -5.77 -8.57 18.18
N ALA B 300 -6.32 -9.49 18.97
CA ALA B 300 -6.54 -9.24 20.40
C ALA B 300 -5.34 -9.62 21.24
N LYS B 301 -4.70 -10.74 20.90
CA LYS B 301 -3.67 -11.32 21.75
C LYS B 301 -2.22 -11.12 21.27
N GLU B 302 -2.02 -10.79 20.00
CA GLU B 302 -0.67 -10.59 19.49
C GLU B 302 -0.39 -9.14 19.11
N VAL B 303 -1.43 -8.38 18.75
CA VAL B 303 -1.28 -6.97 18.38
C VAL B 303 -1.85 -5.99 19.41
N GLY B 304 -2.85 -6.44 20.16
CA GLY B 304 -3.47 -5.62 21.18
C GLY B 304 -4.60 -4.73 20.65
N PHE B 305 -5.29 -5.17 19.62
CA PHE B 305 -6.51 -4.50 19.22
C PHE B 305 -7.67 -5.00 20.07
N GLU B 306 -8.76 -4.23 20.07
CA GLU B 306 -10.03 -4.68 20.58
C GLU B 306 -10.87 -5.15 19.41
N VAL B 307 -11.16 -6.45 19.36
CA VAL B 307 -11.99 -7.00 18.30
C VAL B 307 -13.42 -6.56 18.58
N VAL B 308 -13.98 -5.74 17.69
CA VAL B 308 -15.26 -5.12 17.94
C VAL B 308 -16.41 -5.74 17.08
N GLY B 309 -16.07 -6.61 16.14
CA GLY B 309 -17.06 -7.28 15.30
C GLY B 309 -16.40 -8.47 14.66
N MET B 310 -17.17 -9.50 14.36
CA MET B 310 -16.59 -10.72 13.88
C MET B 310 -17.65 -11.50 13.13
N GLY B 311 -17.35 -11.93 11.90
CA GLY B 311 -18.34 -12.60 11.06
C GLY B 311 -17.75 -13.24 9.82
N CYS B 312 -18.57 -14.03 9.10
CA CYS B 312 -18.14 -14.63 7.82
C CYS B 312 -19.29 -14.89 6.85
N TYR B 313 -18.93 -15.10 5.60
CA TYR B 313 -19.90 -15.21 4.53
C TYR B 313 -20.21 -16.67 4.21
N ASN B 314 -19.35 -17.58 4.65
CA ASN B 314 -19.59 -18.99 4.40
C ASN B 314 -20.31 -19.66 5.55
N ARG B 315 -21.54 -20.08 5.26
CA ARG B 315 -22.39 -20.78 6.22
C ARG B 315 -21.62 -21.93 6.84
N GLU B 316 -20.87 -22.64 5.98
CA GLU B 316 -20.20 -23.88 6.37
C GLU B 316 -19.43 -23.76 7.68
N MET B 317 -18.94 -22.56 7.98
CA MET B 317 -18.06 -22.33 9.12
C MET B 317 -18.74 -21.60 10.28
N ALA B 318 -20.06 -21.44 10.23
CA ALA B 318 -20.75 -20.60 11.22
C ALA B 318 -20.60 -21.04 12.68
N ARG B 319 -20.44 -22.34 12.93
CA ARG B 319 -20.30 -22.78 14.31
C ARG B 319 -18.90 -22.62 14.89
N PRO B 320 -17.84 -23.02 14.14
CA PRO B 320 -16.53 -22.64 14.66
C PRO B 320 -16.44 -21.14 14.97
N LEU B 321 -17.04 -20.30 14.14
CA LEU B 321 -17.04 -18.85 14.36
C LEU B 321 -17.85 -18.41 15.58
N ARG B 322 -19.12 -18.82 15.64
CA ARG B 322 -20.00 -18.46 16.74
C ARG B 322 -19.37 -18.80 18.09
N THR B 323 -18.72 -19.97 18.16
CA THR B 323 -17.94 -20.40 19.30
C THR B 323 -16.86 -19.39 19.59
N ALA B 324 -15.88 -19.26 18.69
CA ALA B 324 -14.75 -18.34 18.91
C ALA B 324 -15.24 -16.93 19.28
N ALA B 325 -16.15 -16.38 18.48
CA ALA B 325 -16.67 -15.03 18.69
C ALA B 325 -17.12 -14.77 20.12
N ALA B 326 -17.88 -15.71 20.66
CA ALA B 326 -18.33 -15.65 22.06
C ALA B 326 -17.14 -15.39 22.99
N GLU B 327 -16.06 -16.16 22.84
CA GLU B 327 -14.84 -15.95 23.63
C GLU B 327 -14.36 -14.50 23.67
N TYR B 328 -14.82 -13.68 22.71
CA TYR B 328 -14.41 -12.28 22.68
C TYR B 328 -15.57 -11.40 23.11
N GLY B 329 -16.58 -12.00 23.71
CA GLY B 329 -17.77 -11.25 24.17
C GLY B 329 -18.60 -10.72 23.02
N LEU B 330 -18.63 -11.50 21.94
CA LEU B 330 -19.20 -11.06 20.68
C LEU B 330 -20.13 -12.06 20.03
N GLU B 331 -21.14 -11.56 19.35
CA GLU B 331 -22.09 -12.38 18.65
C GLU B 331 -21.69 -12.44 17.17
N ALA B 332 -21.25 -13.59 16.70
CA ALA B 332 -20.80 -13.72 15.30
C ALA B 332 -21.84 -13.15 14.34
N LEU B 333 -21.42 -12.76 13.13
CA LEU B 333 -22.31 -12.16 12.16
C LEU B 333 -22.23 -13.01 10.93
N ILE B 334 -23.19 -13.92 10.75
CA ILE B 334 -23.14 -14.80 9.57
C ILE B 334 -24.02 -14.32 8.45
N THR B 335 -23.39 -13.86 7.39
CA THR B 335 -24.12 -13.24 6.31
C THR B 335 -23.32 -13.27 5.03
N ASP B 336 -24.02 -13.42 3.91
CA ASP B 336 -23.41 -13.25 2.58
C ASP B 336 -23.86 -11.94 1.89
N ASP B 337 -24.85 -11.27 2.48
CA ASP B 337 -25.25 -9.94 2.05
C ASP B 337 -24.17 -8.94 2.52
N TYR B 338 -23.55 -8.22 1.58
CA TYR B 338 -22.60 -7.18 1.98
C TYR B 338 -23.30 -5.98 2.61
N LEU B 339 -24.57 -5.77 2.27
CA LEU B 339 -25.34 -4.65 2.83
C LEU B 339 -25.52 -4.82 4.33
N GLU B 340 -25.55 -6.07 4.76
CA GLU B 340 -25.54 -6.43 6.17
C GLU B 340 -24.18 -6.07 6.79
N VAL B 341 -23.10 -6.48 6.13
CA VAL B 341 -21.74 -6.20 6.58
C VAL B 341 -21.53 -4.71 6.78
N GLU B 342 -22.03 -3.92 5.84
CA GLU B 342 -22.01 -2.48 5.92
C GLU B 342 -22.75 -1.98 7.16
N LYS B 343 -23.92 -2.57 7.44
CA LYS B 343 -24.70 -2.22 8.63
C LYS B 343 -23.96 -2.55 9.93
N ALA B 344 -23.38 -3.75 9.97
CA ALA B 344 -22.61 -4.20 11.12
C ALA B 344 -21.42 -3.29 11.41
N ILE B 345 -20.64 -2.97 10.37
CA ILE B 345 -19.48 -2.09 10.53
C ILE B 345 -19.86 -0.70 11.02
N GLU B 346 -20.96 -0.14 10.50
CA GLU B 346 -21.47 1.13 11.00
C GLU B 346 -21.88 1.06 12.49
N ALA B 347 -22.56 -0.03 12.85
CA ALA B 347 -22.92 -0.32 14.24
C ALA B 347 -21.70 -0.44 15.15
N ALA B 348 -20.80 -1.37 14.83
CA ALA B 348 -19.55 -1.53 15.57
C ALA B 348 -18.67 -0.26 15.62
N ALA B 349 -18.71 0.57 14.59
CA ALA B 349 -17.89 1.80 14.56
C ALA B 349 -16.39 1.55 14.78
N PRO B 350 -15.77 0.66 13.98
CA PRO B 350 -14.37 0.33 14.24
C PRO B 350 -13.43 1.42 13.75
N GLU B 351 -12.17 1.30 14.14
CA GLU B 351 -11.15 2.17 13.59
C GLU B 351 -10.34 1.48 12.49
N LEU B 352 -10.52 0.17 12.36
CA LEU B 352 -9.85 -0.60 11.33
C LEU B 352 -10.70 -1.79 10.96
N ILE B 353 -10.85 -2.01 9.66
CA ILE B 353 -11.53 -3.17 9.10
C ILE B 353 -10.50 -4.11 8.49
N LEU B 354 -10.75 -5.41 8.66
CA LEU B 354 -9.98 -6.48 8.05
C LEU B 354 -10.98 -7.38 7.44
N GLY B 355 -10.94 -7.52 6.12
CA GLY B 355 -11.92 -8.28 5.35
C GLY B 355 -11.51 -8.67 3.95
N THR B 356 -12.43 -8.50 3.01
CA THR B 356 -12.21 -8.92 1.62
C THR B 356 -12.23 -7.70 0.69
N GLN B 357 -12.13 -7.92 -0.63
CA GLN B 357 -12.13 -6.80 -1.59
C GLN B 357 -13.32 -5.91 -1.36
N MET B 358 -14.43 -6.53 -0.93
CA MET B 358 -15.67 -5.81 -0.67
C MET B 358 -15.50 -4.90 0.54
N GLU B 359 -14.93 -5.43 1.62
CA GLU B 359 -14.68 -4.65 2.84
C GLU B 359 -13.70 -3.50 2.57
N ARG B 360 -12.67 -3.76 1.78
CA ARG B 360 -11.76 -2.73 1.33
C ARG B 360 -12.57 -1.63 0.71
N ASN B 361 -13.58 -2.02 -0.05
CA ASN B 361 -14.39 -1.02 -0.69
C ASN B 361 -15.35 -0.26 0.24
N ILE B 362 -16.00 -0.97 1.15
CA ILE B 362 -16.79 -0.32 2.19
C ILE B 362 -15.91 0.65 3.01
N ALA B 363 -14.70 0.19 3.32
CA ALA B 363 -13.79 0.94 4.15
C ALA B 363 -13.46 2.21 3.43
N LYS B 364 -13.25 2.11 2.11
CA LYS B 364 -12.95 3.28 1.30
C LYS B 364 -14.10 4.26 1.43
N LYS B 365 -15.30 3.76 1.20
CA LYS B 365 -16.52 4.57 1.27
C LYS B 365 -16.61 5.31 2.60
N LEU B 366 -16.16 4.67 3.68
CA LEU B 366 -16.33 5.26 5.00
C LEU B 366 -15.09 5.99 5.52
N GLY B 367 -14.05 6.06 4.71
CA GLY B 367 -12.81 6.71 5.08
C GLY B 367 -12.16 6.06 6.28
N LEU B 368 -12.08 4.72 6.29
CA LEU B 368 -11.44 3.97 7.39
C LEU B 368 -10.29 3.13 6.88
N PRO B 369 -9.19 3.04 7.63
CA PRO B 369 -8.11 2.09 7.29
C PRO B 369 -8.68 0.69 7.12
N CYS B 370 -7.99 -0.14 6.34
CA CYS B 370 -8.44 -1.51 6.05
C CYS B 370 -7.33 -2.38 5.48
N ALA B 371 -7.34 -3.65 5.83
CA ALA B 371 -6.48 -4.62 5.16
C ALA B 371 -7.29 -5.83 4.71
N VAL B 372 -6.76 -6.52 3.70
CA VAL B 372 -7.40 -7.72 3.14
C VAL B 372 -6.85 -8.98 3.78
N ILE B 373 -7.72 -9.78 4.34
CA ILE B 373 -7.31 -11.02 5.02
C ILE B 373 -7.94 -12.30 4.46
N SER B 374 -8.73 -12.19 3.38
CA SER B 374 -9.46 -13.36 2.91
C SER B 374 -10.02 -13.16 1.51
N ALA B 375 -10.12 -14.27 0.77
CA ALA B 375 -10.87 -14.34 -0.49
C ALA B 375 -12.33 -13.90 -0.26
N PRO B 376 -13.01 -13.36 -1.30
CA PRO B 376 -12.63 -13.12 -2.67
C PRO B 376 -11.69 -11.93 -2.75
N VAL B 377 -10.79 -11.97 -3.72
CA VAL B 377 -9.77 -10.98 -3.78
C VAL B 377 -9.38 -10.74 -5.24
N HIS B 378 -8.97 -9.51 -5.61
CA HIS B 378 -8.52 -9.31 -6.99
C HIS B 378 -7.02 -9.58 -7.21
N VAL B 379 -6.57 -9.39 -8.46
CA VAL B 379 -5.19 -9.70 -8.86
C VAL B 379 -4.08 -9.19 -7.89
N GLN B 380 -4.32 -8.00 -7.35
CA GLN B 380 -3.47 -7.42 -6.32
C GLN B 380 -2.95 -8.42 -5.28
N ASP B 381 -3.81 -9.37 -4.88
CA ASP B 381 -3.54 -10.23 -3.74
C ASP B 381 -3.10 -11.63 -4.13
N PHE B 382 -2.72 -11.78 -5.41
CA PHE B 382 -1.93 -12.92 -5.87
C PHE B 382 -0.61 -12.36 -6.33
N PRO B 383 0.25 -11.99 -5.35
CA PRO B 383 1.41 -11.17 -5.60
C PRO B 383 2.54 -11.97 -6.27
N ALA B 384 3.49 -11.26 -6.87
CA ALA B 384 4.69 -11.90 -7.36
C ALA B 384 5.66 -12.15 -6.20
N ARG B 385 5.64 -11.27 -5.21
CA ARG B 385 6.53 -11.39 -4.07
C ARG B 385 6.09 -12.51 -3.16
N TYR B 386 6.97 -13.01 -2.31
CA TYR B 386 6.65 -14.10 -1.37
C TYR B 386 5.78 -13.47 -0.32
N ALA B 387 4.59 -14.03 -0.09
CA ALA B 387 3.65 -13.41 0.86
C ALA B 387 2.67 -14.38 1.54
N PRO B 388 3.18 -15.30 2.40
CA PRO B 388 2.30 -16.28 3.01
C PRO B 388 1.45 -15.62 4.09
N GLN B 389 0.54 -16.39 4.68
CA GLN B 389 -0.13 -15.92 5.85
C GLN B 389 0.31 -16.77 7.02
N MET B 390 0.49 -18.05 6.77
CA MET B 390 0.80 -19.00 7.84
C MET B 390 2.25 -18.94 8.34
N GLY B 391 2.46 -19.51 9.53
CA GLY B 391 3.78 -19.63 10.08
C GLY B 391 4.42 -18.33 10.46
N PHE B 392 5.73 -18.37 10.61
CA PHE B 392 6.48 -17.24 11.13
C PHE B 392 6.58 -16.12 10.12
N GLU B 393 7.11 -16.38 8.92
CA GLU B 393 7.24 -15.29 7.94
C GLU B 393 5.86 -14.71 7.64
N GLY B 394 4.86 -15.59 7.67
CA GLY B 394 3.46 -15.21 7.52
C GLY B 394 3.04 -14.25 8.60
N ALA B 395 3.54 -14.45 9.82
CA ALA B 395 3.24 -13.55 10.94
C ALA B 395 3.88 -12.19 10.73
N ASN B 396 5.07 -12.20 10.13
CA ASN B 396 5.68 -10.95 9.70
C ASN B 396 4.79 -10.21 8.67
N VAL B 397 4.38 -10.93 7.63
CA VAL B 397 3.61 -10.34 6.55
C VAL B 397 2.38 -9.66 7.14
N LEU B 398 1.62 -10.44 7.91
CA LEU B 398 0.42 -9.97 8.57
C LEU B 398 0.61 -8.68 9.39
N PHE B 399 1.73 -8.58 10.12
CA PHE B 399 1.90 -7.41 10.94
C PHE B 399 2.08 -6.17 10.06
N ASP B 400 2.96 -6.31 9.06
CA ASP B 400 3.18 -5.27 8.07
C ASP B 400 1.94 -4.85 7.29
N THR B 401 1.21 -5.83 6.76
CA THR B 401 -0.04 -5.58 6.03
C THR B 401 -1.06 -4.75 6.81
N TRP B 402 -1.28 -5.11 8.07
CA TRP B 402 -2.35 -4.55 8.87
C TRP B 402 -2.00 -3.17 9.48
N VAL B 403 -0.74 -3.00 9.87
CA VAL B 403 -0.24 -1.79 10.48
C VAL B 403 -0.14 -0.65 9.47
N HIS B 404 0.29 -0.97 8.25
CA HIS B 404 0.37 0.04 7.19
C HIS B 404 -0.86 0.97 6.98
N PRO B 405 -2.06 0.40 6.75
CA PRO B 405 -3.22 1.26 6.46
C PRO B 405 -3.45 2.23 7.58
N LEU B 406 -3.10 1.83 8.81
CA LEU B 406 -3.24 2.65 10.02
C LEU B 406 -2.20 3.77 10.12
N VAL B 407 -0.94 3.43 9.88
CA VAL B 407 0.13 4.43 9.85
C VAL B 407 -0.20 5.49 8.79
N MET B 408 -0.59 5.04 7.60
CA MET B 408 -1.02 5.93 6.53
C MET B 408 -2.21 6.83 6.95
N GLY B 409 -3.16 6.24 7.67
CA GLY B 409 -4.31 6.98 8.18
C GLY B 409 -3.85 8.10 9.07
N LEU B 410 -2.92 7.81 9.98
CA LEU B 410 -2.38 8.81 10.89
C LEU B 410 -1.68 9.91 10.09
N GLU B 411 -0.81 9.51 9.16
CA GLU B 411 -0.11 10.46 8.31
C GLU B 411 -1.05 11.31 7.47
N GLU B 412 -2.19 10.76 7.07
CA GLU B 412 -3.23 11.53 6.36
C GLU B 412 -3.91 12.55 7.27
N HIS B 413 -4.25 12.10 8.48
CA HIS B 413 -4.94 12.93 9.46
C HIS B 413 -4.03 14.11 9.76
N LEU B 414 -2.82 13.80 10.24
CA LEU B 414 -1.82 14.80 10.58
C LEU B 414 -1.56 15.82 9.45
N LEU B 415 -1.22 15.35 8.26
CA LEU B 415 -0.87 16.28 7.19
C LEU B 415 -1.95 17.32 6.85
N THR B 416 -3.21 16.89 6.91
CA THR B 416 -4.35 17.77 6.64
C THR B 416 -4.63 18.66 7.84
N MET B 417 -4.58 18.04 9.03
CA MET B 417 -4.65 18.78 10.26
C MET B 417 -3.68 19.95 10.22
N PHE B 418 -2.40 19.72 9.87
CA PHE B 418 -1.55 20.91 9.72
C PHE B 418 -1.52 21.69 8.43
N ARG B 419 -2.32 21.33 7.44
CA ARG B 419 -2.41 22.16 6.24
C ARG B 419 -3.14 23.45 6.61
N GLU B 420 -4.24 23.23 7.33
CA GLU B 420 -4.94 24.15 8.21
C GLU B 420 -5.95 23.37 9.04
N THR C 19 4.35 12.51 54.58
CA THR C 19 4.38 11.70 53.33
C THR C 19 4.22 12.54 52.03
N PHE C 20 3.96 13.83 52.14
CA PHE C 20 3.75 14.73 50.98
C PHE C 20 4.39 16.13 51.14
N GLY C 21 5.66 16.28 50.77
CA GLY C 21 6.36 17.58 50.86
C GLY C 21 7.83 17.42 50.53
N CYS C 22 8.35 18.28 49.66
CA CYS C 22 9.71 18.10 49.11
C CYS C 22 10.60 19.35 49.03
N THR C 23 10.14 20.46 49.62
CA THR C 23 10.83 21.76 49.53
C THR C 23 12.28 21.70 50.01
N ASP C 24 12.56 20.90 51.03
CA ASP C 24 13.89 20.84 51.61
C ASP C 24 14.73 19.63 51.16
N SER C 25 14.21 18.89 50.18
CA SER C 25 14.94 17.76 49.61
C SER C 25 16.20 18.28 48.91
N PRO C 26 17.32 17.58 49.10
CA PRO C 26 18.51 18.01 48.38
C PRO C 26 18.42 17.52 46.93
N VAL C 27 18.46 18.44 45.97
CA VAL C 27 18.43 18.06 44.57
C VAL C 27 19.83 17.66 44.10
N ARG C 28 19.94 16.47 43.51
CA ARG C 28 21.20 16.05 42.93
C ARG C 28 21.50 16.94 41.74
N ARG C 29 22.33 17.95 41.96
CA ARG C 29 22.85 18.76 40.86
C ARG C 29 23.91 17.95 40.10
N GLU C 30 23.53 17.45 38.93
CA GLU C 30 24.33 16.46 38.17
C GLU C 30 24.84 16.91 36.80
N ARG C 31 26.11 16.59 36.56
CA ARG C 31 26.81 16.82 35.28
C ARG C 31 27.20 15.48 34.61
N GLY C 32 27.64 15.53 33.36
CA GLY C 32 28.11 14.35 32.67
C GLY C 32 27.44 14.18 31.32
N GLN C 33 27.54 12.95 30.82
CA GLN C 33 27.08 12.54 29.51
C GLN C 33 25.56 12.68 29.43
N LYS C 34 25.04 13.29 28.37
CA LYS C 34 23.61 13.62 28.32
C LYS C 34 22.86 13.04 27.13
N ALA C 35 21.59 12.72 27.37
CA ALA C 35 20.69 12.32 26.29
C ALA C 35 19.42 13.19 26.32
N VAL C 36 19.55 14.42 25.83
CA VAL C 36 18.42 15.35 25.78
C VAL C 36 18.41 16.11 24.44
N PHE C 37 17.29 16.78 24.13
CA PHE C 37 17.18 17.61 22.94
C PHE C 37 17.61 19.03 23.25
N CYS C 38 18.29 19.67 22.30
CA CYS C 38 18.60 21.10 22.39
C CYS C 38 17.35 21.94 22.15
N GLY C 39 17.42 23.22 22.50
CA GLY C 39 16.28 24.13 22.38
C GLY C 39 15.74 24.34 20.99
N LEU C 40 16.52 23.97 19.97
CA LEU C 40 16.03 23.99 18.57
C LEU C 40 14.71 23.21 18.40
N THR C 41 14.66 22.03 19.00
CA THR C 41 13.50 21.18 18.94
C THR C 41 12.21 21.96 19.23
N SER C 42 12.26 22.87 20.21
CA SER C 42 11.10 23.69 20.58
C SER C 42 10.38 24.42 19.43
N ILE C 43 11.16 24.85 18.43
CA ILE C 43 10.59 25.51 17.25
C ILE C 43 9.47 24.67 16.64
N VAL C 44 9.65 23.34 16.70
CA VAL C 44 8.73 22.38 16.11
C VAL C 44 7.26 22.83 16.09
N TRP C 45 6.69 23.43 17.12
CA TRP C 45 5.91 22.82 18.15
C TRP C 45 5.19 24.13 18.43
N LEU C 46 6.01 25.15 18.57
CA LEU C 46 5.61 26.50 18.78
C LEU C 46 5.52 27.37 17.53
N HIS C 47 6.10 26.94 16.41
CA HIS C 47 5.76 27.63 15.16
C HIS C 47 4.24 27.53 14.96
N ARG C 48 3.66 26.38 15.27
CA ARG C 48 2.23 26.19 15.13
C ARG C 48 1.42 27.28 15.83
N LYS C 49 1.69 27.55 17.11
CA LYS C 49 0.92 28.54 17.88
C LYS C 49 1.05 29.95 17.33
N MET C 50 2.27 30.34 16.97
CA MET C 50 2.47 31.66 16.39
C MET C 50 2.24 31.63 14.88
N GLN C 51 0.99 31.80 14.47
CA GLN C 51 0.56 31.80 13.05
C GLN C 51 1.41 32.69 12.12
N ASP C 52 1.84 33.83 12.66
CA ASP C 52 2.56 34.89 11.95
C ASP C 52 4.06 34.72 11.70
N ALA C 53 4.69 33.78 12.41
CA ALA C 53 6.14 33.76 12.61
C ALA C 53 6.90 32.72 11.78
N PHE C 54 8.14 33.05 11.46
CA PHE C 54 9.09 32.11 10.87
C PHE C 54 10.36 31.97 11.74
N PHE C 55 10.73 30.73 12.04
CA PHE C 55 11.87 30.45 12.88
C PHE C 55 13.00 29.90 12.02
N LEU C 56 13.99 30.75 11.78
CA LEU C 56 15.11 30.45 10.87
C LEU C 56 16.40 30.16 11.63
N VAL C 57 16.68 28.88 11.86
CA VAL C 57 17.90 28.50 12.56
C VAL C 57 19.10 28.85 11.70
N VAL C 58 20.13 29.46 12.28
CA VAL C 58 21.44 29.58 11.63
C VAL C 58 22.38 28.56 12.27
N GLY C 59 22.61 27.47 11.56
CA GLY C 59 23.37 26.35 12.12
C GLY C 59 23.93 25.47 11.03
N SER C 60 24.25 24.23 11.38
CA SER C 60 24.88 23.28 10.45
C SER C 60 23.85 22.35 9.86
N ARG C 61 24.30 21.43 9.00
CA ARG C 61 23.44 20.33 8.55
C ARG C 61 23.06 19.38 9.68
N THR C 62 23.82 19.36 10.78
CA THR C 62 23.39 18.61 11.97
C THR C 62 22.06 19.20 12.44
N CYS C 63 22.03 20.52 12.57
CA CYS C 63 20.83 21.25 13.00
C CYS C 63 19.60 20.99 12.12
N ALA C 64 19.80 21.08 10.80
CA ALA C 64 18.78 20.79 9.82
C ALA C 64 18.23 19.38 10.01
N HIS C 65 19.14 18.42 10.13
CA HIS C 65 18.79 17.02 10.20
C HIS C 65 18.07 16.72 11.51
N LEU C 66 18.48 17.41 12.58
CA LEU C 66 17.77 17.28 13.86
C LEU C 66 16.28 17.71 13.76
N LEU C 67 16.05 18.95 13.30
CA LEU C 67 14.69 19.46 13.11
C LEU C 67 13.88 18.48 12.27
N GLN C 68 14.49 17.97 11.19
CA GLN C 68 13.86 16.93 10.37
C GLN C 68 13.43 15.76 11.25
N ALA C 69 14.40 15.13 11.91
CA ALA C 69 14.08 14.04 12.82
C ALA C 69 12.96 14.40 13.80
N ALA C 70 13.05 15.57 14.44
CA ALA C 70 12.03 15.96 15.42
C ALA C 70 10.66 16.27 14.82
N ALA C 71 10.60 16.79 13.61
CA ALA C 71 9.33 17.23 13.05
C ALA C 71 8.57 16.07 12.38
N GLY C 72 9.22 14.90 12.34
CA GLY C 72 8.69 13.74 11.63
C GLY C 72 7.98 14.15 10.36
N VAL C 73 6.70 13.83 10.27
CA VAL C 73 5.92 14.06 9.06
C VAL C 73 5.60 15.55 8.82
N MET C 74 5.61 16.37 9.89
CA MET C 74 5.29 17.79 9.76
C MET C 74 6.15 18.45 8.71
N ILE C 75 7.38 17.95 8.53
CA ILE C 75 8.31 18.48 7.54
C ILE C 75 7.72 18.64 6.13
N PHE C 76 6.69 17.84 5.81
CA PHE C 76 6.10 17.86 4.47
C PHE C 76 4.98 18.86 4.39
N ALA C 77 4.69 19.52 5.50
CA ALA C 77 3.51 20.38 5.57
C ALA C 77 3.86 21.84 5.39
N GLU C 78 4.90 22.12 4.61
CA GLU C 78 5.46 23.45 4.50
C GLU C 78 5.52 24.18 5.86
N PRO C 79 6.17 23.56 6.85
CA PRO C 79 6.19 24.22 8.16
C PRO C 79 6.86 25.60 8.01
N ARG C 80 6.66 26.49 9.00
CA ARG C 80 7.24 27.83 8.94
C ARG C 80 8.50 27.92 9.77
N PHE C 81 9.49 27.12 9.39
CA PHE C 81 10.82 27.17 9.96
C PHE C 81 11.77 26.56 8.95
N GLY C 82 13.06 26.67 9.22
CA GLY C 82 14.06 26.15 8.31
C GLY C 82 15.40 26.58 8.85
N THR C 83 16.46 26.07 8.26
CA THR C 83 17.80 26.39 8.72
C THR C 83 18.65 26.92 7.58
N ALA C 84 19.24 28.09 7.77
CA ALA C 84 20.29 28.60 6.89
C ALA C 84 21.59 27.82 7.19
N VAL C 85 21.84 26.72 6.48
CA VAL C 85 22.95 25.84 6.90
C VAL C 85 24.34 26.36 6.53
N LEU C 86 25.13 26.63 7.55
CA LEU C 86 26.50 27.07 7.44
C LEU C 86 27.33 26.19 6.51
N GLU C 87 27.85 26.79 5.45
CA GLU C 87 28.68 26.08 4.50
C GLU C 87 30.14 26.38 4.78
N GLU C 88 31.01 25.55 4.20
CA GLU C 88 32.47 25.63 4.39
C GLU C 88 33.03 27.05 4.35
N GLN C 89 32.46 27.87 3.47
CA GLN C 89 32.97 29.21 3.23
C GLN C 89 32.39 30.26 4.18
N ASP C 90 31.67 29.83 5.20
CA ASP C 90 31.09 30.78 6.15
C ASP C 90 31.88 30.78 7.47
N LEU C 91 32.79 29.81 7.59
CA LEU C 91 33.63 29.68 8.79
C LEU C 91 34.61 30.85 8.94
N ALA C 92 35.44 31.07 7.92
CA ALA C 92 36.21 32.32 7.82
C ALA C 92 35.55 33.17 6.72
N GLY C 93 35.42 34.50 6.84
CA GLY C 93 35.48 35.27 8.05
C GLY C 93 34.11 35.86 8.28
N LEU C 94 33.97 36.63 9.36
CA LEU C 94 32.66 36.88 9.97
C LEU C 94 31.98 38.18 9.48
N ALA C 95 32.00 38.37 8.17
CA ALA C 95 31.55 39.61 7.54
C ALA C 95 30.85 39.26 6.23
N ASP C 96 31.47 38.36 5.47
CA ASP C 96 30.82 37.65 4.37
C ASP C 96 29.57 37.01 4.92
N ALA C 97 29.75 36.34 6.06
CA ALA C 97 28.68 35.70 6.80
C ALA C 97 27.36 36.46 6.75
N HIS C 98 27.39 37.74 7.13
CA HIS C 98 26.17 38.52 7.24
C HIS C 98 25.55 38.88 5.89
N LYS C 99 26.36 39.39 4.97
CA LYS C 99 25.90 39.64 3.61
C LYS C 99 25.18 38.39 3.14
N GLU C 100 25.87 37.25 3.29
CA GLU C 100 25.35 35.93 2.95
C GLU C 100 23.96 35.69 3.56
N LEU C 101 23.88 35.89 4.87
CA LEU C 101 22.64 35.66 5.59
C LEU C 101 21.54 36.59 5.07
N ASP C 102 21.83 37.89 5.04
CA ASP C 102 20.88 38.89 4.55
C ASP C 102 20.21 38.41 3.28
N ARG C 103 21.04 37.93 2.36
CA ARG C 103 20.58 37.48 1.07
C ARG C 103 19.67 36.28 1.26
N GLU C 104 20.09 35.34 2.10
CA GLU C 104 19.26 34.15 2.36
C GLU C 104 17.93 34.53 3.02
N VAL C 105 17.98 35.50 3.93
CA VAL C 105 16.80 36.00 4.63
C VAL C 105 15.88 36.76 3.66
N ALA C 106 16.46 37.68 2.88
CA ALA C 106 15.72 38.44 1.87
C ALA C 106 14.98 37.49 0.93
N LYS C 107 15.70 36.46 0.48
CA LYS C 107 15.16 35.39 -0.33
C LYS C 107 13.92 34.83 0.36
N LEU C 108 14.07 34.46 1.64
CA LEU C 108 12.99 33.85 2.40
C LEU C 108 11.78 34.78 2.54
N LEU C 109 12.02 36.07 2.78
CA LEU C 109 10.93 37.00 3.06
C LEU C 109 10.12 37.41 1.85
N GLU C 110 10.79 37.63 0.71
CA GLU C 110 10.04 37.82 -0.52
C GLU C 110 9.27 36.52 -0.87
N ARG C 111 9.90 35.35 -0.72
CA ARG C 111 9.24 34.12 -1.18
C ARG C 111 8.23 33.52 -0.18
N ARG C 112 7.84 34.32 0.81
CA ARG C 112 6.60 34.12 1.61
C ARG C 112 6.27 35.36 2.43
N PRO C 113 5.44 36.27 1.87
CA PRO C 113 5.23 37.60 2.46
C PRO C 113 4.38 37.60 3.74
N ASP C 114 3.76 36.45 4.04
CA ASP C 114 2.88 36.25 5.20
C ASP C 114 3.56 36.46 6.55
N ILE C 115 4.74 35.87 6.69
CA ILE C 115 5.65 36.10 7.79
C ILE C 115 5.65 37.58 8.20
N ARG C 116 5.76 37.82 9.51
CA ARG C 116 5.67 39.17 10.06
C ARG C 116 6.68 39.34 11.16
N GLN C 117 7.10 38.20 11.73
CA GLN C 117 8.17 38.17 12.72
C GLN C 117 9.11 37.08 12.30
N LEU C 118 10.39 37.40 12.16
CA LEU C 118 11.39 36.40 11.80
C LEU C 118 12.38 36.14 12.94
N PHE C 119 12.37 34.94 13.49
CA PHE C 119 13.30 34.63 14.56
C PHE C 119 14.60 34.09 14.03
N LEU C 120 15.68 34.82 14.28
CA LEU C 120 17.00 34.26 14.05
C LEU C 120 17.26 33.41 15.25
N VAL C 121 17.20 32.09 15.09
CA VAL C 121 17.41 31.22 16.21
C VAL C 121 18.86 30.82 16.12
N GLY C 122 19.55 30.77 17.25
CA GLY C 122 21.01 30.60 17.27
C GLY C 122 21.42 29.20 17.66
N SER C 123 22.38 28.65 16.93
CA SER C 123 22.81 27.26 17.11
C SER C 123 24.11 27.19 17.89
N CYS C 124 24.61 25.99 18.15
CA CYS C 124 25.96 25.86 18.68
C CYS C 124 26.94 26.46 17.68
N PRO C 125 27.00 25.88 16.45
CA PRO C 125 27.99 26.38 15.50
C PRO C 125 28.06 27.91 15.38
N SER C 126 26.91 28.57 15.23
CA SER C 126 26.87 30.03 14.98
C SER C 126 27.50 30.82 16.12
N GLU C 127 27.26 30.31 17.34
CA GLU C 127 27.78 30.91 18.54
C GLU C 127 29.25 30.60 18.72
N VAL C 128 29.69 29.38 18.43
CA VAL C 128 31.12 29.08 18.41
C VAL C 128 31.84 29.96 17.40
N LEU C 129 31.16 30.32 16.33
CA LEU C 129 31.68 31.21 15.31
C LEU C 129 31.59 32.65 15.74
N LYS C 130 31.06 32.86 16.95
CA LYS C 130 30.88 34.18 17.51
C LYS C 130 30.18 35.12 16.54
N LEU C 131 29.38 34.56 15.64
CA LEU C 131 28.73 35.41 14.67
C LEU C 131 27.47 36.02 15.27
N ASP C 132 27.51 37.34 15.46
CA ASP C 132 26.55 38.07 16.29
C ASP C 132 25.17 38.26 15.67
N LEU C 133 24.25 37.36 16.02
CA LEU C 133 22.87 37.37 15.51
C LEU C 133 22.05 38.56 16.01
N ASP C 134 22.45 39.09 17.17
CA ASP C 134 21.84 40.25 17.83
C ASP C 134 21.79 41.49 16.94
N ARG C 135 22.91 41.78 16.29
CA ARG C 135 23.03 42.96 15.44
C ARG C 135 22.40 42.70 14.08
N ALA C 136 22.50 41.45 13.65
CA ALA C 136 21.88 41.00 12.42
C ALA C 136 20.40 41.25 12.54
N ALA C 137 19.78 40.74 13.60
CA ALA C 137 18.36 40.97 13.82
C ALA C 137 18.04 42.46 13.85
N GLU C 138 18.92 43.23 14.50
CA GLU C 138 18.81 44.68 14.56
C GLU C 138 18.84 45.23 13.13
N ARG C 139 19.84 44.79 12.34
CA ARG C 139 20.01 45.30 10.97
C ARG C 139 18.87 44.93 10.00
N LEU C 140 18.42 43.67 10.05
CA LEU C 140 17.39 43.18 9.13
C LEU C 140 16.05 43.88 9.34
N SER C 141 15.79 44.25 10.59
CA SER C 141 14.57 44.96 10.95
C SER C 141 14.45 46.24 10.14
N GLY C 142 15.55 46.99 10.06
CA GLY C 142 15.63 48.17 9.19
C GLY C 142 15.27 47.78 7.76
N LEU C 143 16.20 47.14 7.07
CA LEU C 143 16.02 46.72 5.67
C LEU C 143 14.60 46.26 5.31
N HIS C 144 13.96 45.54 6.22
CA HIS C 144 12.67 44.89 5.94
C HIS C 144 11.50 45.49 6.74
N ALA C 145 11.75 46.61 7.40
CA ALA C 145 10.70 47.33 8.12
C ALA C 145 9.72 48.07 7.19
N PRO C 146 8.50 48.37 7.71
CA PRO C 146 8.03 47.92 9.01
C PRO C 146 7.17 46.65 8.89
N HIS C 147 7.07 46.12 7.66
CA HIS C 147 6.27 44.94 7.33
C HIS C 147 6.72 43.65 8.05
N VAL C 148 8.00 43.60 8.46
CA VAL C 148 8.53 42.50 9.30
C VAL C 148 9.38 42.99 10.51
N ARG C 149 9.08 42.50 11.72
CA ARG C 149 9.96 42.68 12.89
C ARG C 149 10.88 41.48 13.01
N VAL C 150 12.19 41.66 13.16
CA VAL C 150 13.05 40.48 13.30
C VAL C 150 13.82 40.42 14.60
N TYR C 151 13.53 39.39 15.37
CA TYR C 151 14.11 39.18 16.68
C TYR C 151 15.24 38.17 16.58
N SER C 152 15.85 37.88 17.72
CA SER C 152 16.89 36.87 17.78
C SER C 152 17.00 36.25 19.15
N TYR C 153 17.22 34.96 19.21
CA TYR C 153 17.44 34.27 20.48
C TYR C 153 18.25 33.00 20.22
N THR C 154 18.53 32.27 21.30
CA THR C 154 19.41 31.11 21.21
C THR C 154 18.69 29.80 21.47
N GLY C 155 18.97 28.83 20.60
CA GLY C 155 18.48 27.46 20.75
C GLY C 155 19.61 26.45 20.84
N SER C 156 20.84 26.93 20.96
CA SER C 156 22.04 26.09 20.90
C SER C 156 22.11 25.13 22.08
N GLY C 157 22.42 23.87 21.79
CA GLY C 157 22.58 22.86 22.83
C GLY C 157 23.44 23.30 24.00
N LEU C 158 24.43 24.16 23.72
CA LEU C 158 25.28 24.70 24.78
C LEU C 158 24.44 25.51 25.77
N ASP C 159 23.49 26.26 25.23
CA ASP C 159 22.78 27.26 26.02
C ASP C 159 21.46 26.78 26.54
N THR C 160 21.05 25.58 26.14
CA THR C 160 19.63 25.32 26.10
C THR C 160 19.28 23.84 25.98
N THR C 161 18.23 23.43 26.69
CA THR C 161 17.70 22.06 26.64
C THR C 161 16.21 22.05 26.28
N PHE C 162 15.89 21.39 25.17
CA PHE C 162 14.52 21.16 24.73
C PHE C 162 13.60 22.39 24.95
N THR C 163 12.63 22.23 25.84
CA THR C 163 11.63 23.25 26.11
C THR C 163 12.19 24.63 26.52
N GLN C 164 13.42 24.67 27.02
CA GLN C 164 14.12 25.95 27.21
C GLN C 164 14.12 26.83 25.96
N GLY C 165 14.10 26.19 24.78
CA GLY C 165 14.02 26.89 23.51
C GLY C 165 12.89 27.90 23.44
N GLU C 166 11.70 27.49 23.91
CA GLU C 166 10.58 28.41 24.01
C GLU C 166 10.89 29.60 24.94
N ASP C 167 11.42 29.30 26.13
CA ASP C 167 11.72 30.34 27.10
C ASP C 167 12.61 31.42 26.46
N THR C 168 13.81 31.02 26.00
CA THR C 168 14.76 31.98 25.43
C THR C 168 14.08 32.87 24.39
N CYS C 169 13.22 32.27 23.58
CA CYS C 169 12.47 32.96 22.54
C CYS C 169 11.51 33.99 23.11
N LEU C 170 10.67 33.53 24.03
CA LEU C 170 9.64 34.38 24.58
C LEU C 170 10.27 35.55 25.28
N ALA C 171 11.42 35.31 25.91
CA ALA C 171 12.13 36.35 26.66
C ALA C 171 12.77 37.36 25.73
N ALA C 172 12.96 36.97 24.46
CA ALA C 172 13.54 37.87 23.48
C ALA C 172 12.44 38.78 22.93
N MET C 173 11.22 38.27 22.95
CA MET C 173 10.05 39.03 22.52
C MET C 173 9.62 40.10 23.56
N VAL C 174 9.82 39.79 24.83
CA VAL C 174 9.40 40.66 25.92
C VAL C 174 9.95 42.08 25.86
N PRO C 175 11.30 42.25 25.84
CA PRO C 175 11.80 43.63 25.86
C PRO C 175 11.19 44.53 24.79
N THR C 176 10.47 43.94 23.83
CA THR C 176 9.96 44.71 22.69
C THR C 176 8.43 44.95 22.65
N LEU C 177 7.65 44.15 23.38
CA LEU C 177 6.18 44.33 23.53
C LEU C 177 5.76 45.76 23.79
N ASP C 178 4.56 46.12 23.36
CA ASP C 178 4.02 47.47 23.65
C ASP C 178 3.92 47.67 25.16
N THR C 179 4.08 48.91 25.62
CA THR C 179 4.01 49.22 27.05
C THR C 179 2.60 49.59 27.49
N THR C 180 2.27 49.35 28.75
CA THR C 180 0.90 49.58 29.22
C THR C 180 0.78 49.95 30.70
N GLU C 181 -0.41 50.39 31.09
CA GLU C 181 -0.68 50.69 32.47
C GLU C 181 -1.56 49.57 33.04
N ALA C 182 -2.63 49.26 32.32
CA ALA C 182 -3.71 48.37 32.79
C ALA C 182 -3.27 47.07 33.48
N ALA C 183 -4.12 46.60 34.38
CA ALA C 183 -3.86 45.42 35.17
C ALA C 183 -4.48 44.16 34.52
N GLU C 184 -3.91 43.72 33.41
CA GLU C 184 -4.38 42.49 32.74
C GLU C 184 -3.59 41.27 33.19
N LEU C 185 -4.17 40.09 33.04
CA LEU C 185 -3.47 38.85 33.31
C LEU C 185 -2.79 38.35 32.03
N ILE C 186 -1.57 37.82 32.17
CA ILE C 186 -0.86 37.25 31.03
C ILE C 186 -0.55 35.78 31.32
N VAL C 187 -1.03 34.89 30.45
CA VAL C 187 -0.74 33.46 30.59
C VAL C 187 0.42 33.08 29.69
N VAL C 188 1.54 32.83 30.33
CA VAL C 188 2.75 32.54 29.58
C VAL C 188 2.94 31.02 29.42
N GLY C 189 3.09 30.62 28.16
CA GLY C 189 3.28 29.24 27.79
C GLY C 189 2.49 29.04 26.51
N ALA C 190 3.08 28.35 25.54
CA ALA C 190 2.37 27.94 24.34
C ALA C 190 1.47 26.78 24.70
N LEU C 191 0.23 26.81 24.22
CA LEU C 191 -0.74 25.79 24.58
C LEU C 191 -1.49 25.26 23.38
N PRO C 192 -1.89 23.97 23.40
CA PRO C 192 -2.81 23.60 22.35
C PRO C 192 -3.98 24.56 22.38
N ASP C 193 -4.27 25.18 21.23
CA ASP C 193 -5.40 26.11 21.04
C ASP C 193 -6.67 25.72 21.80
N VAL C 194 -7.09 24.48 21.60
CA VAL C 194 -8.15 23.84 22.37
C VAL C 194 -8.07 24.28 23.82
N VAL C 195 -7.03 23.78 24.51
CA VAL C 195 -6.74 24.07 25.90
C VAL C 195 -6.73 25.59 26.18
N GLU C 196 -6.04 26.33 25.31
CA GLU C 196 -6.01 27.79 25.43
C GLU C 196 -7.40 28.36 25.69
N ASP C 197 -8.38 27.94 24.89
CA ASP C 197 -9.77 28.40 25.04
C ASP C 197 -10.45 27.97 26.32
N GLN C 198 -10.18 26.74 26.74
CA GLN C 198 -10.76 26.19 27.96
C GLN C 198 -10.25 27.05 29.09
N CYS C 199 -8.93 27.20 29.15
CA CYS C 199 -8.31 28.09 30.11
C CYS C 199 -8.98 29.46 30.09
N LEU C 200 -8.98 30.10 28.93
CA LEU C 200 -9.58 31.42 28.74
C LEU C 200 -10.99 31.47 29.29
N SER C 201 -11.81 30.50 28.90
CA SER C 201 -13.19 30.46 29.33
C SER C 201 -13.36 30.45 30.86
N LEU C 202 -12.74 29.48 31.54
CA LEU C 202 -12.81 29.39 33.00
C LEU C 202 -12.44 30.71 33.66
N LEU C 203 -11.27 31.24 33.26
CA LEU C 203 -10.76 32.51 33.73
C LEU C 203 -11.72 33.69 33.48
N THR C 204 -12.51 33.60 32.42
CA THR C 204 -13.47 34.65 32.09
C THR C 204 -14.71 34.57 32.96
N GLN C 205 -15.38 33.42 32.97
CA GLN C 205 -16.60 33.30 33.77
C GLN C 205 -16.32 33.38 35.28
N LEU C 206 -15.04 33.29 35.65
CA LEU C 206 -14.61 33.58 37.03
C LEU C 206 -14.73 35.07 37.39
N GLY C 207 -14.73 35.91 36.36
CA GLY C 207 -14.82 37.35 36.52
C GLY C 207 -13.53 38.08 36.25
N VAL C 208 -12.56 37.43 35.62
CA VAL C 208 -11.23 38.02 35.36
C VAL C 208 -10.99 38.41 33.89
N GLY C 209 -11.38 39.63 33.54
CA GLY C 209 -11.01 40.24 32.26
C GLY C 209 -10.04 41.40 32.46
N PRO C 210 -9.25 41.72 31.43
CA PRO C 210 -9.09 40.86 30.27
C PRO C 210 -7.88 39.96 30.55
N VAL C 211 -7.58 39.05 29.62
CA VAL C 211 -6.53 38.08 29.86
C VAL C 211 -5.85 37.63 28.56
N ARG C 212 -4.57 37.95 28.41
CA ARG C 212 -3.85 37.67 27.18
C ARG C 212 -2.87 36.50 27.33
N MET C 213 -2.43 35.98 26.19
CA MET C 213 -1.46 34.90 26.15
C MET C 213 -0.13 35.37 25.64
N LEU C 214 0.93 34.82 26.22
CA LEU C 214 2.23 34.93 25.61
C LEU C 214 2.80 33.53 25.39
N PRO C 215 3.05 33.15 24.13
CA PRO C 215 2.94 33.90 22.87
C PRO C 215 1.51 34.07 22.41
N ALA C 216 1.27 35.07 21.57
CA ALA C 216 -0.07 35.27 21.01
C ALA C 216 -0.17 34.48 19.72
N ARG C 217 -1.38 34.36 19.17
CA ARG C 217 -1.58 33.61 17.95
C ARG C 217 -1.05 34.38 16.74
N ARG C 218 -1.14 35.71 16.80
CA ARG C 218 -0.68 36.58 15.72
C ARG C 218 0.15 37.67 16.37
N SER C 219 0.98 38.35 15.60
CA SER C 219 1.86 39.41 16.15
C SER C 219 1.16 40.72 16.48
N ASP C 220 0.13 41.06 15.71
CA ASP C 220 -0.60 42.32 15.86
C ASP C 220 -1.43 42.32 17.14
N ILE C 221 -1.60 41.13 17.72
CA ILE C 221 -2.32 40.98 18.99
C ILE C 221 -1.39 40.48 20.10
N GLU C 222 -0.20 41.07 20.16
CA GLU C 222 0.73 40.79 21.25
C GLU C 222 0.34 41.52 22.53
N PRO C 223 0.29 40.80 23.67
CA PRO C 223 0.00 41.45 24.95
C PRO C 223 0.95 42.61 25.19
N ALA C 224 0.43 43.67 25.79
CA ALA C 224 1.28 44.77 26.20
C ALA C 224 1.67 44.51 27.65
N VAL C 225 2.81 45.05 28.10
CA VAL C 225 3.26 44.89 29.50
C VAL C 225 3.51 46.21 30.23
N GLY C 226 3.17 46.21 31.52
CA GLY C 226 3.33 47.38 32.37
C GLY C 226 3.58 47.07 33.83
N PRO C 227 3.73 48.13 34.66
CA PRO C 227 3.94 48.10 36.11
C PRO C 227 2.85 47.37 36.88
N ASN C 228 1.64 47.39 36.34
CA ASN C 228 0.50 46.74 37.01
C ASN C 228 0.10 45.38 36.41
N THR C 229 0.95 44.85 35.53
CA THR C 229 0.71 43.56 34.87
C THR C 229 0.97 42.44 35.85
N ARG C 230 0.02 41.53 35.95
CA ARG C 230 0.26 40.28 36.64
C ARG C 230 0.37 39.25 35.56
N PHE C 231 1.07 38.16 35.85
CA PHE C 231 1.17 37.04 34.91
C PHE C 231 1.36 35.72 35.63
N ILE C 232 0.91 34.64 34.99
CA ILE C 232 1.05 33.27 35.51
C ILE C 232 1.65 32.33 34.45
N LEU C 233 2.40 31.33 34.90
CA LEU C 233 3.02 30.37 34.00
C LEU C 233 2.13 29.17 33.74
N ALA C 234 1.76 28.99 32.47
CA ALA C 234 1.12 27.76 32.03
C ALA C 234 2.13 26.61 31.99
N GLN C 235 3.42 26.93 31.98
CA GLN C 235 4.48 25.96 31.73
C GLN C 235 5.68 26.15 32.64
N PRO C 236 6.23 25.06 33.16
CA PRO C 236 7.23 25.15 34.21
C PRO C 236 8.57 25.61 33.72
N PHE C 237 8.75 25.64 32.40
CA PHE C 237 10.04 25.94 31.78
C PHE C 237 10.20 27.40 31.30
N LEU C 238 9.88 28.38 32.15
CA LEU C 238 9.93 29.77 31.71
C LEU C 238 10.74 30.68 32.64
N GLY C 239 11.92 30.20 33.02
CA GLY C 239 12.83 30.95 33.89
C GLY C 239 13.17 32.35 33.39
N GLU C 240 13.68 32.44 32.16
CA GLU C 240 14.09 33.72 31.58
C GLU C 240 12.91 34.65 31.28
N THR C 241 11.77 34.07 30.88
CA THR C 241 10.65 34.90 30.45
C THR C 241 10.00 35.53 31.66
N THR C 242 10.04 34.82 32.80
CA THR C 242 9.66 35.45 34.06
C THR C 242 10.63 36.56 34.39
N GLY C 243 11.91 36.22 34.55
CA GLY C 243 12.97 37.22 34.67
C GLY C 243 12.72 38.47 33.84
N ALA C 244 12.37 38.30 32.56
CA ALA C 244 12.18 39.42 31.65
C ALA C 244 10.89 40.20 31.91
N LEU C 245 9.81 39.49 32.17
CA LEU C 245 8.55 40.18 32.46
C LEU C 245 8.67 40.94 33.77
N GLU C 246 9.35 40.34 34.76
CA GLU C 246 9.66 41.00 36.05
C GLU C 246 10.38 42.34 35.85
N ARG C 247 11.41 42.32 35.01
CA ARG C 247 12.21 43.50 34.65
C ARG C 247 11.41 44.64 33.99
N ARG C 248 10.18 44.38 33.58
CA ARG C 248 9.36 45.43 33.00
C ARG C 248 8.25 45.80 33.97
N GLY C 249 8.37 45.26 35.19
CA GLY C 249 7.53 45.68 36.32
C GLY C 249 6.31 44.81 36.56
N ALA C 250 6.33 43.60 36.02
CA ALA C 250 5.19 42.70 36.13
C ALA C 250 5.37 41.65 37.23
N LYS C 251 4.31 41.39 37.99
CA LYS C 251 4.38 40.52 39.16
C LYS C 251 3.86 39.14 38.85
N ARG C 252 4.68 38.13 39.12
CA ARG C 252 4.28 36.74 38.91
C ARG C 252 3.17 36.40 39.87
N ILE C 253 2.35 35.41 39.50
CA ILE C 253 1.41 34.77 40.42
C ILE C 253 1.86 33.33 40.57
N ALA C 254 2.25 32.94 41.78
CA ALA C 254 2.72 31.57 42.00
C ALA C 254 1.53 30.63 42.04
N ALA C 255 1.75 29.37 41.62
CA ALA C 255 0.71 28.33 41.57
C ALA C 255 1.33 27.03 41.09
N PRO C 256 0.81 25.89 41.56
CA PRO C 256 1.35 24.67 40.98
C PRO C 256 0.84 24.55 39.54
N PHE C 257 1.50 23.74 38.72
CA PHE C 257 1.13 23.69 37.30
C PHE C 257 -0.12 22.87 37.03
N PRO C 258 -0.88 23.22 35.98
CA PRO C 258 -2.21 22.63 35.91
C PRO C 258 -2.13 21.27 35.27
N PHE C 259 -1.81 20.26 36.07
CA PHE C 259 -1.86 18.89 35.60
C PHE C 259 -2.71 18.10 36.56
N GLY C 260 -3.82 17.57 36.03
CA GLY C 260 -4.83 16.91 36.83
C GLY C 260 -5.85 17.91 37.35
N GLU C 261 -6.89 17.37 38.00
CA GLU C 261 -7.96 18.15 38.60
C GLU C 261 -7.39 19.06 39.69
N GLU C 262 -6.58 18.51 40.60
CA GLU C 262 -6.00 19.33 41.68
C GLU C 262 -5.15 20.47 41.19
N GLY C 263 -4.26 20.17 40.24
CA GLY C 263 -3.40 21.18 39.61
C GLY C 263 -4.21 22.32 39.05
N THR C 264 -5.11 22.00 38.15
CA THR C 264 -5.97 22.99 37.53
C THR C 264 -6.76 23.80 38.56
N THR C 265 -7.21 23.14 39.63
CA THR C 265 -7.91 23.84 40.71
C THR C 265 -7.02 24.85 41.43
N LEU C 266 -5.94 24.41 42.06
CA LEU C 266 -5.02 25.33 42.71
C LEU C 266 -4.55 26.46 41.77
N TRP C 267 -4.31 26.12 40.50
CA TRP C 267 -3.88 27.09 39.48
C TRP C 267 -4.95 28.17 39.32
N LEU C 268 -6.19 27.75 39.12
CA LEU C 268 -7.30 28.68 39.08
C LEU C 268 -7.38 29.43 40.40
N LYS C 269 -7.56 28.69 41.49
CA LYS C 269 -7.60 29.23 42.87
C LYS C 269 -6.63 30.39 43.10
N ALA C 270 -5.35 30.17 42.80
CA ALA C 270 -4.29 31.18 42.92
C ALA C 270 -4.55 32.48 42.14
N VAL C 271 -5.01 32.36 40.90
CA VAL C 271 -5.45 33.54 40.14
C VAL C 271 -6.67 34.18 40.80
N ALA C 272 -7.69 33.37 41.05
CA ALA C 272 -8.93 33.84 41.68
C ALA C 272 -8.69 34.54 43.03
N ASP C 273 -7.69 34.08 43.78
CA ASP C 273 -7.25 34.73 45.02
C ASP C 273 -6.73 36.11 44.67
N ALA C 274 -5.65 36.16 43.89
CA ALA C 274 -4.97 37.41 43.53
C ALA C 274 -5.88 38.46 42.86
N TYR C 275 -7.05 38.04 42.37
CA TYR C 275 -7.97 39.00 41.76
C TYR C 275 -9.23 39.13 42.62
N GLY C 276 -9.19 38.53 43.80
CA GLY C 276 -10.25 38.65 44.80
C GLY C 276 -11.61 38.13 44.37
N VAL C 277 -11.63 36.97 43.72
CA VAL C 277 -12.88 36.35 43.34
C VAL C 277 -13.44 35.70 44.60
N SER C 278 -14.76 35.67 44.72
CA SER C 278 -15.42 35.04 45.87
C SER C 278 -15.21 33.53 45.84
N ALA C 279 -14.98 32.95 47.02
CA ALA C 279 -14.88 31.50 47.16
C ALA C 279 -16.18 30.82 46.72
N GLU C 280 -17.22 31.61 46.45
CA GLU C 280 -18.51 31.07 46.04
C GLU C 280 -18.73 31.11 44.51
N LYS C 281 -18.31 32.20 43.86
CA LYS C 281 -18.36 32.25 42.40
C LYS C 281 -17.35 31.26 41.83
N PHE C 282 -16.27 31.06 42.58
CA PHE C 282 -15.29 30.06 42.25
C PHE C 282 -15.93 28.67 42.32
N GLU C 283 -16.43 28.29 43.49
CA GLU C 283 -17.02 26.95 43.65
C GLU C 283 -18.18 26.63 42.70
N ALA C 284 -18.90 27.68 42.26
CA ALA C 284 -19.95 27.49 41.26
C ALA C 284 -19.40 27.27 39.86
N VAL C 285 -18.43 28.09 39.45
CA VAL C 285 -17.83 27.95 38.10
C VAL C 285 -17.03 26.65 37.94
N THR C 286 -16.22 26.34 38.94
CA THR C 286 -15.24 25.26 38.86
C THR C 286 -15.82 23.87 39.13
N ALA C 287 -17.03 23.83 39.73
CA ALA C 287 -17.63 22.62 40.28
C ALA C 287 -17.83 21.51 39.27
N ALA C 288 -18.63 21.80 38.24
CA ALA C 288 -18.94 20.83 37.19
C ALA C 288 -17.67 20.23 36.55
N PRO C 289 -16.80 21.08 35.98
CA PRO C 289 -15.58 20.56 35.36
C PRO C 289 -14.71 19.63 36.23
N ARG C 290 -14.57 19.94 37.53
CA ARG C 290 -13.70 19.17 38.45
C ARG C 290 -14.14 17.74 38.67
N ALA C 291 -15.46 17.54 38.72
CA ALA C 291 -16.03 16.21 38.91
C ALA C 291 -15.93 15.43 37.60
N ARG C 292 -16.13 16.13 36.49
CA ARG C 292 -15.99 15.53 35.19
C ARG C 292 -14.61 14.94 35.08
N ALA C 293 -13.64 15.63 35.67
CA ALA C 293 -12.27 15.20 35.64
C ALA C 293 -11.98 14.03 36.60
N LYS C 294 -12.28 14.20 37.90
CA LYS C 294 -11.85 13.16 38.86
C LYS C 294 -12.34 11.79 38.38
N LYS C 295 -13.49 11.82 37.71
CA LYS C 295 -14.14 10.66 37.11
C LYS C 295 -13.36 10.09 35.91
N ALA C 296 -12.98 10.95 34.96
CA ALA C 296 -12.18 10.53 33.81
C ALA C 296 -10.90 9.80 34.27
N ILE C 297 -10.30 10.34 35.35
CA ILE C 297 -9.10 9.78 35.96
C ILE C 297 -9.35 8.42 36.63
N ALA C 298 -10.53 8.27 37.22
CA ALA C 298 -10.98 7.01 37.82
C ALA C 298 -10.71 5.80 36.93
N ALA C 299 -11.05 5.94 35.65
CA ALA C 299 -10.82 4.89 34.64
C ALA C 299 -9.41 4.29 34.66
N HIS C 300 -8.43 5.10 35.05
CA HIS C 300 -7.04 4.66 35.00
C HIS C 300 -6.52 4.19 36.38
N LEU C 301 -7.14 4.70 37.43
CA LEU C 301 -6.82 4.34 38.81
C LEU C 301 -6.47 2.87 39.03
N GLU C 302 -7.16 1.98 38.33
CA GLU C 302 -6.98 0.56 38.53
C GLU C 302 -5.54 0.15 38.18
N THR C 303 -5.15 0.32 36.92
CA THR C 303 -3.80 -0.11 36.49
C THR C 303 -2.66 0.74 37.08
N LEU C 304 -3.01 1.95 37.54
CA LEU C 304 -2.00 2.93 37.96
C LEU C 304 -1.61 2.93 39.43
N THR C 305 -2.56 2.63 40.32
CA THR C 305 -2.31 2.65 41.77
C THR C 305 -1.27 1.62 42.14
N GLY C 306 -0.23 2.06 42.83
CA GLY C 306 0.78 1.17 43.37
C GLY C 306 2.08 1.19 42.60
N LYS C 307 1.98 1.58 41.33
CA LYS C 307 3.08 1.50 40.37
C LYS C 307 4.16 2.53 40.63
N SER C 308 5.40 2.09 40.56
CA SER C 308 6.55 2.96 40.78
C SER C 308 6.91 3.70 39.50
N LEU C 309 7.12 5.01 39.61
CA LEU C 309 7.52 5.85 38.48
C LEU C 309 9.00 6.30 38.49
N PHE C 310 9.61 6.34 37.31
CA PHE C 310 10.95 6.94 37.12
C PHE C 310 10.83 7.91 35.95
N MET C 311 11.53 9.05 36.03
CA MET C 311 11.51 10.00 34.92
C MET C 311 12.90 10.54 34.62
N PHE C 312 13.41 10.28 33.42
CA PHE C 312 14.65 10.89 32.97
C PHE C 312 14.42 12.36 32.64
N PRO C 313 15.49 13.18 32.52
CA PRO C 313 15.27 14.59 32.23
C PRO C 313 14.99 14.82 30.75
N ASP C 314 14.07 15.75 30.46
CA ASP C 314 13.72 16.16 29.08
C ASP C 314 13.06 17.55 29.03
N SER C 315 11.92 17.70 29.69
CA SER C 315 11.00 18.81 29.41
C SER C 315 10.83 19.86 30.50
N GLN C 316 11.22 19.52 31.73
CA GLN C 316 10.95 20.31 32.95
C GLN C 316 9.53 20.12 33.44
N LEU C 317 8.78 19.23 32.76
CA LEU C 317 7.42 18.90 33.17
C LEU C 317 7.41 17.66 34.05
N GLU C 318 8.58 17.08 34.31
CA GLU C 318 8.69 15.89 35.15
C GLU C 318 8.08 16.06 36.54
N ILE C 319 8.51 17.11 37.26
CA ILE C 319 8.02 17.33 38.63
C ILE C 319 6.49 17.49 38.74
N PRO C 320 5.87 18.42 37.98
CA PRO C 320 4.42 18.58 38.13
C PRO C 320 3.59 17.36 37.67
N LEU C 321 4.02 16.70 36.61
CA LEU C 321 3.37 15.46 36.16
C LEU C 321 3.52 14.35 37.15
N ALA C 322 4.74 14.15 37.63
CA ALA C 322 4.99 13.25 38.76
C ALA C 322 4.11 13.63 39.98
N ARG C 323 3.98 14.94 40.21
CA ARG C 323 3.12 15.44 41.28
C ARG C 323 1.67 15.06 41.00
N PHE C 324 1.32 14.98 39.72
CA PHE C 324 -0.04 14.60 39.36
C PHE C 324 -0.24 13.11 39.48
N LEU C 325 0.72 12.33 38.99
CA LEU C 325 0.57 10.87 38.93
C LEU C 325 0.51 10.21 40.30
N ALA C 326 1.29 10.74 41.24
CA ALA C 326 1.33 10.17 42.59
C ALA C 326 0.05 10.49 43.34
N ARG C 327 -0.32 11.77 43.35
CA ARG C 327 -1.45 12.27 44.13
C ARG C 327 -2.80 11.86 43.60
N GLU C 328 -3.00 12.01 42.30
CA GLU C 328 -4.30 11.71 41.67
C GLU C 328 -4.41 10.30 41.06
N CYS C 329 -3.27 9.62 40.88
CA CYS C 329 -3.27 8.27 40.32
C CYS C 329 -2.60 7.23 41.21
N GLY C 330 -2.16 7.66 42.39
CA GLY C 330 -1.60 6.75 43.39
C GLY C 330 -0.36 5.98 42.97
N MET C 331 0.58 6.67 42.33
CA MET C 331 1.83 6.06 41.88
C MET C 331 2.96 6.38 42.85
N LYS C 332 3.85 5.42 43.11
CA LYS C 332 5.05 5.66 43.91
C LYS C 332 6.11 6.34 43.06
N THR C 333 6.60 7.50 43.50
CA THR C 333 7.73 8.14 42.79
C THR C 333 9.05 7.54 43.23
N THR C 334 9.98 7.33 42.31
CA THR C 334 11.30 6.89 42.72
C THR C 334 12.30 8.02 42.46
N GLU C 335 12.85 8.09 41.25
CA GLU C 335 13.68 9.22 40.83
C GLU C 335 13.04 10.03 39.70
N ILE C 336 12.77 11.30 40.00
CA ILE C 336 12.21 12.24 39.04
C ILE C 336 13.36 13.14 38.63
N ALA C 337 13.77 13.09 37.36
CA ALA C 337 14.90 13.90 36.92
C ALA C 337 14.50 15.03 35.94
N THR C 338 15.14 16.18 36.08
CA THR C 338 14.78 17.35 35.29
C THR C 338 16.02 18.08 34.72
N PRO C 339 15.89 18.65 33.50
CA PRO C 339 17.06 19.31 32.89
C PRO C 339 17.46 20.59 33.60
N PHE C 340 16.48 21.28 34.20
CA PHE C 340 16.71 22.48 34.99
C PHE C 340 15.63 22.60 36.07
N LEU C 341 16.01 23.03 37.27
CA LEU C 341 15.07 23.12 38.38
C LEU C 341 15.02 24.49 39.01
N HIS C 342 13.94 25.21 38.70
CA HIS C 342 13.78 26.57 39.17
C HIS C 342 13.17 26.57 40.56
N LYS C 343 14.00 26.93 41.55
CA LYS C 343 13.59 26.86 42.95
C LYS C 343 12.32 27.66 43.24
N ALA C 344 12.24 28.88 42.73
CA ALA C 344 11.09 29.74 42.99
C ALA C 344 9.83 29.28 42.26
N ILE C 345 9.99 28.77 41.04
CA ILE C 345 8.84 28.42 40.23
C ILE C 345 8.28 27.05 40.58
N MET C 346 9.17 26.07 40.73
CA MET C 346 8.77 24.71 41.04
C MET C 346 8.29 24.52 42.48
N ALA C 347 8.31 25.60 43.26
CA ALA C 347 7.93 25.55 44.66
C ALA C 347 6.54 24.97 44.94
N PRO C 348 5.45 25.57 44.40
CA PRO C 348 4.14 25.03 44.81
C PRO C 348 3.97 23.55 44.49
N ASP C 349 4.54 23.09 43.38
CA ASP C 349 4.50 21.66 43.04
C ASP C 349 5.37 20.80 43.96
N LEU C 350 6.64 21.13 44.07
CA LEU C 350 7.53 20.48 45.05
C LEU C 350 6.90 20.27 46.44
N ALA C 351 6.11 21.24 46.88
CA ALA C 351 5.45 21.18 48.18
C ALA C 351 4.37 20.08 48.23
N LEU C 352 3.83 19.73 47.06
CA LEU C 352 2.79 18.70 47.00
C LEU C 352 3.34 17.36 46.48
N LEU C 353 4.63 17.35 46.14
CA LEU C 353 5.30 16.12 45.69
C LEU C 353 5.72 15.29 46.89
N PRO C 354 5.37 13.98 46.92
CA PRO C 354 5.77 13.03 47.99
C PRO C 354 7.23 13.15 48.44
N SER C 355 7.47 12.98 49.74
CA SER C 355 8.79 13.20 50.35
C SER C 355 9.81 12.12 50.02
N ASN C 356 9.33 10.92 49.75
CA ASN C 356 10.19 9.78 49.46
C ASN C 356 10.95 9.90 48.13
N THR C 357 10.99 11.11 47.56
CA THR C 357 11.35 11.34 46.15
C THR C 357 12.78 11.86 45.96
N ALA C 358 13.55 11.14 45.12
CA ALA C 358 14.89 11.59 44.73
C ALA C 358 14.75 12.63 43.62
N LEU C 359 15.54 13.69 43.67
CA LEU C 359 15.46 14.70 42.60
C LEU C 359 16.80 14.96 41.95
N THR C 360 16.81 14.96 40.61
CA THR C 360 18.02 15.23 39.84
C THR C 360 17.84 16.41 38.89
N GLU C 361 18.81 17.32 38.91
CA GLU C 361 18.91 18.38 37.91
C GLU C 361 20.05 18.04 36.97
N GLY C 362 19.77 18.08 35.67
CA GLY C 362 20.73 17.65 34.65
C GLY C 362 20.84 16.14 34.69
N GLN C 363 22.01 15.60 34.38
CA GLN C 363 22.23 14.16 34.47
C GLN C 363 23.65 13.71 34.12
N ASP C 364 23.97 12.48 34.56
CA ASP C 364 25.03 11.67 33.98
C ASP C 364 24.40 10.40 33.48
N LEU C 365 24.06 10.38 32.19
CA LEU C 365 23.26 9.30 31.59
C LEU C 365 23.58 7.93 32.17
N GLU C 366 24.86 7.59 32.18
CA GLU C 366 25.29 6.26 32.62
C GLU C 366 25.05 6.01 34.11
N ALA C 367 25.22 7.04 34.93
CA ALA C 367 24.94 6.95 36.37
C ALA C 367 23.46 6.68 36.59
N GLN C 368 22.61 7.47 35.93
CA GLN C 368 21.17 7.29 35.97
C GLN C 368 20.73 5.88 35.59
N LEU C 369 21.30 5.37 34.51
CA LEU C 369 20.96 4.04 33.98
C LEU C 369 21.28 2.92 34.99
N ASP C 370 22.22 3.21 35.89
CA ASP C 370 22.58 2.31 37.00
C ASP C 370 21.66 2.51 38.17
N ARG C 371 21.38 3.77 38.50
CA ARG C 371 20.43 4.08 39.55
C ARG C 371 19.05 3.52 39.19
N HIS C 372 18.71 3.59 37.91
CA HIS C 372 17.44 3.06 37.37
C HIS C 372 17.34 1.53 37.37
N GLU C 373 18.38 0.85 36.91
CA GLU C 373 18.39 -0.61 36.84
C GLU C 373 18.26 -1.23 38.24
N ALA C 374 18.91 -0.58 39.20
CA ALA C 374 18.86 -0.98 40.60
C ALA C 374 17.49 -0.69 41.22
N ILE C 375 16.78 0.28 40.67
CA ILE C 375 15.44 0.61 41.15
C ILE C 375 14.35 -0.23 40.49
N ASN C 376 14.55 -0.60 39.22
CA ASN C 376 13.56 -1.38 38.46
C ASN C 376 12.15 -0.80 38.59
N PRO C 377 11.92 0.38 37.98
CA PRO C 377 10.65 1.04 38.19
C PRO C 377 9.60 0.39 37.34
N ASP C 378 8.35 0.46 37.78
CA ASP C 378 7.22 -0.07 37.02
C ASP C 378 7.06 0.61 35.65
N LEU C 379 6.91 1.93 35.68
CA LEU C 379 6.89 2.79 34.52
C LEU C 379 8.07 3.75 34.51
N THR C 380 8.69 3.90 33.35
CA THR C 380 9.79 4.82 33.13
C THR C 380 9.38 5.82 32.05
N VAL C 381 9.43 7.11 32.36
CA VAL C 381 9.16 8.16 31.36
C VAL C 381 10.48 8.66 30.75
N CYS C 382 10.67 8.46 29.46
CA CYS C 382 11.97 8.79 28.87
C CYS C 382 11.94 9.16 27.38
N GLY C 383 13.10 9.56 26.87
CA GLY C 383 13.25 9.92 25.47
C GLY C 383 13.23 8.73 24.54
N LEU C 384 12.98 9.01 23.26
CA LEU C 384 12.85 7.98 22.23
C LEU C 384 14.10 7.11 21.98
N GLY C 385 15.27 7.65 22.33
CA GLY C 385 16.54 6.98 22.08
C GLY C 385 16.83 5.94 23.11
N LEU C 386 16.07 5.98 24.20
CA LEU C 386 16.28 5.14 25.36
C LEU C 386 15.11 4.13 25.55
N ALA C 387 13.95 4.44 24.94
CA ALA C 387 12.69 3.76 25.23
C ALA C 387 12.64 2.28 24.84
N ASN C 388 13.01 1.95 23.61
CA ASN C 388 13.04 0.55 23.17
C ASN C 388 14.10 -0.30 23.85
N PRO C 389 15.35 0.21 23.93
CA PRO C 389 16.36 -0.59 24.61
C PRO C 389 15.98 -0.86 26.06
N LEU C 390 15.14 -0.01 26.63
CA LEU C 390 14.57 -0.27 27.94
C LEU C 390 13.37 -1.24 27.92
N GLU C 391 12.68 -1.34 26.80
CA GLU C 391 11.54 -2.26 26.67
C GLU C 391 12.06 -3.66 26.42
N ALA C 392 13.11 -3.75 25.60
CA ALA C 392 13.69 -5.05 25.25
C ALA C 392 14.40 -5.60 26.45
N LYS C 393 14.76 -4.69 27.35
CA LYS C 393 15.48 -5.03 28.58
C LYS C 393 14.49 -5.32 29.71
N GLY C 394 13.21 -5.07 29.44
CA GLY C 394 12.14 -5.58 30.29
C GLY C 394 11.28 -4.57 30.99
N HIS C 395 11.63 -3.29 30.90
CA HIS C 395 10.85 -2.23 31.55
C HIS C 395 9.86 -1.63 30.58
N ALA C 396 8.65 -1.39 31.08
CA ALA C 396 7.64 -0.64 30.37
C ALA C 396 8.01 0.86 30.40
N THR C 397 7.81 1.55 29.28
CA THR C 397 8.16 2.96 29.16
C THR C 397 7.01 3.78 28.60
N LYS C 398 7.08 5.09 28.77
CA LYS C 398 6.19 6.00 28.06
C LYS C 398 7.09 7.08 27.54
N TRP C 399 7.14 7.23 26.22
CA TRP C 399 8.03 8.19 25.63
C TRP C 399 7.60 9.62 25.92
N ALA C 400 8.59 10.45 26.23
CA ALA C 400 8.35 11.76 26.83
C ALA C 400 7.82 12.82 25.89
N ILE C 401 8.39 12.91 24.69
CA ILE C 401 8.11 14.03 23.77
C ILE C 401 6.61 14.25 23.56
N GLU C 402 5.86 13.16 23.54
CA GLU C 402 4.42 13.17 23.47
C GLU C 402 3.81 14.27 24.33
N LEU C 403 4.10 14.21 25.63
CA LEU C 403 3.58 15.14 26.66
C LEU C 403 3.75 16.62 26.38
N VAL C 404 4.71 16.98 25.53
CA VAL C 404 4.84 18.37 25.12
C VAL C 404 3.75 18.75 24.10
N PHE C 405 3.59 17.96 23.05
CA PHE C 405 2.69 18.33 21.96
C PHE C 405 1.21 17.93 22.11
N THR C 406 0.92 16.90 22.91
CA THR C 406 -0.46 16.42 23.15
C THR C 406 -1.16 17.34 24.16
N PRO C 407 -2.47 17.61 23.97
CA PRO C 407 -3.16 18.39 24.98
C PRO C 407 -3.24 17.62 26.28
N VAL C 408 -2.83 18.23 27.39
CA VAL C 408 -2.74 17.54 28.69
C VAL C 408 -3.09 18.46 29.88
N HIS C 409 -2.95 19.76 29.71
CA HIS C 409 -3.25 20.73 30.75
C HIS C 409 -4.74 20.86 31.03
N PHE C 410 -5.09 21.27 32.24
CA PHE C 410 -6.47 21.61 32.63
C PHE C 410 -7.42 20.42 32.72
N TYR C 411 -8.71 20.74 32.88
CA TYR C 411 -9.69 19.75 33.31
C TYR C 411 -10.06 18.76 32.22
N GLU C 412 -10.62 19.25 31.12
CA GLU C 412 -11.10 18.36 30.07
C GLU C 412 -10.05 17.39 29.54
N GLN C 413 -8.78 17.65 29.83
CA GLN C 413 -7.66 16.83 29.30
C GLN C 413 -7.03 15.86 30.30
N ALA C 414 -7.45 15.96 31.57
CA ALA C 414 -6.97 15.11 32.66
C ALA C 414 -7.11 13.61 32.38
N GLY C 415 -8.25 13.21 31.83
CA GLY C 415 -8.47 11.81 31.47
C GLY C 415 -7.39 11.34 30.54
N ASP C 416 -7.35 11.94 29.36
CA ASP C 416 -6.30 11.63 28.37
C ASP C 416 -4.90 11.59 28.96
N LEU C 417 -4.64 12.46 29.93
CA LEU C 417 -3.32 12.59 30.54
C LEU C 417 -2.93 11.35 31.33
N ALA C 418 -3.72 11.03 32.35
CA ALA C 418 -3.62 9.75 33.04
C ALA C 418 -3.51 8.64 32.01
N GLY C 419 -4.36 8.72 30.98
CA GLY C 419 -4.39 7.75 29.90
C GLY C 419 -3.03 7.50 29.24
N LEU C 420 -2.35 8.58 28.87
CA LEU C 420 -1.05 8.47 28.26
C LEU C 420 -0.11 7.56 29.04
N PHE C 421 -0.31 7.49 30.36
CA PHE C 421 0.53 6.69 31.26
C PHE C 421 0.02 5.28 31.52
N SER C 422 -1.30 5.08 31.54
CA SER C 422 -1.88 3.74 31.73
C SER C 422 -1.68 2.87 30.51
N ARG C 423 -1.85 3.47 29.33
CA ARG C 423 -1.82 2.78 28.05
C ARG C 423 -0.67 1.79 27.92
N PRO C 424 0.58 2.25 28.13
CA PRO C 424 1.69 1.32 28.02
C PRO C 424 1.61 0.17 29.02
N LEU C 425 1.34 0.46 30.30
CA LEU C 425 1.21 -0.62 31.30
C LEU C 425 0.10 -1.60 30.92
N ARG C 426 -1.01 -1.08 30.42
CA ARG C 426 -2.12 -1.90 29.97
C ARG C 426 -1.64 -2.82 28.85
N ARG C 427 -0.97 -2.24 27.86
CA ARG C 427 -0.42 -3.01 26.75
C ARG C 427 0.56 -4.11 27.18
N ARG C 428 1.41 -3.81 28.17
CA ARG C 428 2.42 -4.78 28.62
C ARG C 428 1.79 -6.02 29.24
N ALA C 429 0.72 -5.81 30.02
CA ALA C 429 -0.08 -6.89 30.59
C ALA C 429 -0.71 -7.69 29.48
N LEU C 430 -1.43 -6.97 28.61
CA LEU C 430 -2.17 -7.55 27.48
C LEU C 430 -1.35 -8.47 26.56
N LEU C 431 -0.03 -8.32 26.57
CA LEU C 431 0.84 -9.18 25.77
C LEU C 431 1.55 -10.31 26.54
N ASN C 432 0.89 -10.85 27.58
CA ASN C 432 1.33 -12.06 28.33
C ASN C 432 0.38 -12.55 29.41
N MET D 1 25.82 29.92 3.16
CA MET D 1 24.52 29.60 3.81
C MET D 1 23.50 29.23 2.76
N LYS D 2 22.93 28.03 2.89
CA LYS D 2 21.82 27.63 2.04
C LYS D 2 20.59 27.30 2.89
N LEU D 3 19.52 28.04 2.61
CA LEU D 3 18.20 27.87 3.22
C LEU D 3 17.78 26.42 3.03
N THR D 4 17.50 25.70 4.11
CA THR D 4 17.32 24.24 4.06
C THR D 4 16.14 23.76 4.90
N LEU D 5 15.11 23.23 4.26
CA LEU D 5 14.03 22.57 4.98
C LEU D 5 14.34 21.08 5.10
N TRP D 6 14.08 20.36 4.03
CA TRP D 6 14.36 18.93 3.91
C TRP D 6 15.82 18.77 3.60
N THR D 7 16.43 17.75 4.19
CA THR D 7 17.75 17.27 3.75
C THR D 7 17.67 15.80 3.38
N TYR D 8 18.33 15.42 2.30
CA TYR D 8 18.41 14.00 1.93
C TYR D 8 19.44 13.26 2.79
N GLU D 9 20.46 13.95 3.27
CA GLU D 9 21.50 13.30 4.07
C GLU D 9 21.74 13.98 5.39
N GLY D 10 22.10 13.18 6.40
CA GLY D 10 22.53 13.75 7.65
C GLY D 10 23.94 14.34 7.53
N PRO D 11 24.44 14.93 8.62
CA PRO D 11 25.86 15.29 8.73
C PRO D 11 26.70 14.02 8.91
N PRO D 12 27.95 14.04 8.42
CA PRO D 12 28.84 12.86 8.38
C PRO D 12 28.90 11.99 9.66
N HIS D 13 28.71 12.61 10.83
CA HIS D 13 28.76 11.86 12.09
C HIS D 13 27.62 10.84 12.21
N VAL D 14 26.52 11.06 11.51
CA VAL D 14 25.43 10.09 11.48
C VAL D 14 25.95 8.89 10.70
N GLY D 15 26.62 9.17 9.60
CA GLY D 15 27.31 8.15 8.82
C GLY D 15 28.27 7.33 9.67
N ALA D 16 29.06 8.02 10.47
CA ALA D 16 29.88 7.35 11.46
C ALA D 16 28.97 6.50 12.37
N MET D 17 27.99 7.14 13.01
CA MET D 17 27.03 6.45 13.87
C MET D 17 26.48 5.20 13.18
N ARG D 18 26.30 5.33 11.86
CA ARG D 18 25.63 4.33 11.03
C ARG D 18 26.48 3.09 10.84
N VAL D 19 27.79 3.30 10.84
CA VAL D 19 28.79 2.24 10.67
C VAL D 19 29.14 1.60 12.01
N ALA D 20 29.28 2.43 13.03
CA ALA D 20 29.52 1.98 14.40
C ALA D 20 28.43 1.04 14.89
N THR D 21 27.17 1.37 14.61
CA THR D 21 26.04 0.58 15.07
C THR D 21 25.96 -0.76 14.35
N ALA D 22 26.32 -0.77 13.07
CA ALA D 22 26.26 -1.99 12.26
C ALA D 22 27.15 -3.07 12.85
N MET D 23 28.19 -2.63 13.54
CA MET D 23 29.13 -3.54 14.18
C MET D 23 28.74 -3.90 15.60
N LYS D 24 29.25 -5.04 16.05
CA LYS D 24 29.17 -5.42 17.46
C LYS D 24 30.55 -5.25 18.11
N ASP D 25 30.57 -5.09 19.43
CA ASP D 25 31.83 -4.91 20.19
C ASP D 25 32.71 -3.80 19.61
N LEU D 26 32.08 -2.66 19.30
CA LEU D 26 32.79 -1.45 18.84
C LEU D 26 32.16 -0.19 19.42
N GLN D 27 32.97 0.64 20.07
CA GLN D 27 32.48 1.89 20.67
C GLN D 27 32.98 3.13 19.91
N LEU D 28 32.07 4.06 19.64
CA LEU D 28 32.41 5.30 18.95
C LEU D 28 32.23 6.45 19.90
N VAL D 29 33.22 7.33 19.97
CA VAL D 29 33.11 8.54 20.79
C VAL D 29 33.09 9.80 19.93
N LEU D 30 31.97 10.52 20.05
CA LEU D 30 31.75 11.78 19.36
C LEU D 30 31.93 13.00 20.27
N HIS D 31 32.93 13.81 19.97
CA HIS D 31 33.07 15.10 20.60
C HIS D 31 32.01 16.03 19.98
N GLY D 32 31.09 16.51 20.81
CA GLY D 32 29.95 17.29 20.32
C GLY D 32 29.13 17.89 21.45
N PRO D 33 28.22 18.82 21.12
CA PRO D 33 27.50 19.50 22.19
C PRO D 33 26.45 18.63 22.83
N GLN D 34 26.01 19.07 24.00
CA GLN D 34 24.91 18.47 24.72
C GLN D 34 23.65 18.85 23.98
N GLY D 35 22.75 17.89 23.73
CA GLY D 35 21.51 18.16 22.98
C GLY D 35 21.61 17.61 21.58
N CYS D 36 22.81 17.23 21.22
CA CYS D 36 23.15 16.81 19.87
C CYS D 36 23.28 15.29 19.78
N THR D 37 22.53 14.59 20.63
CA THR D 37 22.51 13.12 20.63
C THR D 37 21.27 12.57 19.92
N TYR D 38 20.48 13.45 19.30
CA TYR D 38 19.21 13.08 18.62
C TYR D 38 19.26 11.82 17.73
N ALA D 39 20.41 11.53 17.13
CA ALA D 39 20.53 10.48 16.13
C ALA D 39 20.12 9.08 16.61
N ASP D 40 20.31 8.81 17.91
CA ASP D 40 19.83 7.57 18.55
C ASP D 40 18.47 7.17 17.97
N LEU D 41 17.51 8.08 18.16
CA LEU D 41 16.17 8.10 17.60
C LEU D 41 15.99 7.43 16.23
N LEU D 42 16.96 7.60 15.33
CA LEU D 42 16.87 6.99 14.01
C LEU D 42 17.09 5.47 14.15
N PHE D 43 18.15 5.10 14.88
CA PHE D 43 18.53 3.71 15.05
C PHE D 43 17.55 2.90 15.91
N THR D 44 16.86 3.61 16.81
CA THR D 44 16.00 3.03 17.84
C THR D 44 14.56 2.86 17.32
N MET D 45 14.12 3.88 16.59
CA MET D 45 12.78 3.98 16.06
C MET D 45 12.69 3.44 14.64
N ILE D 46 13.40 4.10 13.71
CA ILE D 46 13.31 3.82 12.27
C ILE D 46 13.75 2.40 11.97
N GLU D 47 14.95 2.04 12.44
CA GLU D 47 15.48 0.70 12.29
C GLU D 47 14.89 -0.27 13.30
N ARG D 48 14.43 0.24 14.43
CA ARG D 48 13.66 -0.54 15.42
C ARG D 48 14.53 -1.34 16.39
N ARG D 49 15.76 -0.89 16.61
CA ARG D 49 16.76 -1.61 17.40
C ARG D 49 16.43 -1.76 18.90
N ASN D 50 16.97 -2.81 19.51
CA ASN D 50 16.66 -3.23 20.89
C ASN D 50 17.67 -2.81 21.98
N ALA D 51 18.90 -2.49 21.57
CA ALA D 51 19.91 -1.95 22.49
C ALA D 51 20.23 -0.54 22.02
N ARG D 52 20.83 0.29 22.87
CA ARG D 52 21.19 1.66 22.45
C ARG D 52 22.36 1.61 21.48
N PRO D 53 22.45 2.60 20.57
CA PRO D 53 23.57 2.56 19.64
C PRO D 53 24.87 2.60 20.44
N PRO D 54 25.88 1.82 20.03
CA PRO D 54 27.14 1.81 20.76
C PRO D 54 27.88 3.13 20.61
N VAL D 55 27.20 4.23 20.94
CA VAL D 55 27.75 5.56 20.71
C VAL D 55 27.67 6.46 21.94
N SER D 56 28.77 7.13 22.26
CA SER D 56 28.85 8.02 23.41
C SER D 56 29.33 9.43 23.02
N PHE D 57 28.98 10.40 23.87
CA PHE D 57 29.22 11.84 23.62
C PHE D 57 29.92 12.53 24.79
N SER D 58 30.67 13.59 24.49
CA SER D 58 31.38 14.35 25.51
C SER D 58 30.44 15.38 26.14
N THR D 59 29.40 15.74 25.40
CA THR D 59 28.27 16.49 25.95
C THR D 59 28.71 17.77 26.67
N PHE D 60 29.52 18.58 26.01
CA PHE D 60 29.89 19.87 26.58
C PHE D 60 28.76 20.88 26.38
N GLU D 61 28.64 21.84 27.31
CA GLU D 61 27.72 22.98 27.13
C GLU D 61 28.42 24.36 27.23
N ALA D 62 27.62 25.42 27.35
CA ALA D 62 28.09 26.81 27.36
C ALA D 62 29.22 27.08 28.36
N SER D 63 29.00 26.66 29.61
CA SER D 63 29.98 26.91 30.68
C SER D 63 31.10 25.87 30.66
N HIS D 64 31.70 25.68 29.48
CA HIS D 64 32.76 24.71 29.26
C HIS D 64 33.81 25.23 28.28
N MET D 65 33.67 26.51 27.89
CA MET D 65 34.66 27.16 27.02
C MET D 65 36.01 27.37 27.77
N GLY D 66 37.10 27.36 27.02
CA GLY D 66 38.43 27.17 27.62
C GLY D 66 38.84 25.74 27.33
N THR D 67 40.14 25.44 27.41
CA THR D 67 40.67 24.11 27.04
C THR D 67 40.03 22.99 27.89
N ASP D 68 39.07 23.40 28.71
CA ASP D 68 38.21 22.50 29.44
C ASP D 68 37.61 21.40 28.53
N THR D 69 37.59 21.64 27.22
CA THR D 69 36.94 20.75 26.24
C THR D 69 37.75 19.50 25.88
N ALA D 70 39.06 19.64 25.71
CA ALA D 70 39.93 18.50 25.42
C ALA D 70 39.82 17.46 26.52
N ILE D 71 39.88 17.93 27.76
CA ILE D 71 39.75 17.10 28.96
C ILE D 71 38.49 16.26 28.95
N LEU D 72 37.39 16.85 28.46
CA LEU D 72 36.10 16.17 28.39
C LEU D 72 36.05 14.99 27.43
N LEU D 73 36.69 15.13 26.27
CA LEU D 73 36.78 14.05 25.28
C LEU D 73 37.67 12.93 25.80
N LYS D 74 38.73 13.31 26.52
CA LYS D 74 39.60 12.36 27.23
C LYS D 74 38.78 11.43 28.10
N ASP D 75 38.05 12.00 29.05
CA ASP D 75 37.27 11.26 30.03
C ASP D 75 36.06 10.57 29.44
N ALA D 76 35.61 11.04 28.27
CA ALA D 76 34.60 10.33 27.48
C ALA D 76 35.15 9.02 26.92
N LEU D 77 36.36 9.08 26.36
CA LEU D 77 37.05 7.90 25.85
C LEU D 77 37.40 6.93 26.96
N ALA D 78 37.82 7.49 28.09
CA ALA D 78 38.19 6.71 29.25
C ALA D 78 36.99 5.92 29.75
N ALA D 79 35.88 6.65 29.94
CA ALA D 79 34.67 6.10 30.50
C ALA D 79 34.09 5.04 29.60
N ALA D 80 34.08 5.33 28.31
CA ALA D 80 33.54 4.39 27.34
C ALA D 80 34.33 3.09 27.34
N HIS D 81 35.66 3.17 27.47
CA HIS D 81 36.48 1.95 27.51
C HIS D 81 36.21 1.15 28.78
N ALA D 82 36.45 1.81 29.92
CA ALA D 82 36.18 1.23 31.23
C ALA D 82 34.86 0.45 31.21
N ARG D 83 33.80 1.14 30.81
CA ARG D 83 32.43 0.61 30.89
C ARG D 83 32.11 -0.58 29.98
N TYR D 84 32.44 -0.49 28.70
CA TYR D 84 31.96 -1.51 27.73
C TYR D 84 32.97 -2.59 27.33
N LYS D 85 34.26 -2.27 27.41
CA LYS D 85 35.37 -3.16 27.02
C LYS D 85 35.22 -3.71 25.61
N PRO D 86 35.31 -2.82 24.59
CA PRO D 86 35.16 -3.25 23.21
C PRO D 86 36.51 -3.57 22.56
N GLN D 87 36.51 -4.57 21.68
CA GLN D 87 37.74 -5.00 21.01
C GLN D 87 38.54 -3.84 20.43
N ALA D 88 37.83 -2.83 19.92
CA ALA D 88 38.41 -1.58 19.45
C ALA D 88 37.41 -0.43 19.60
N MET D 89 37.83 0.75 19.16
CA MET D 89 37.06 1.97 19.33
C MET D 89 37.34 2.88 18.17
N ALA D 90 36.58 3.98 18.09
CA ALA D 90 36.79 5.01 17.08
C ALA D 90 36.28 6.34 17.61
N VAL D 91 36.98 7.40 17.26
CA VAL D 91 36.69 8.70 17.81
C VAL D 91 36.59 9.76 16.68
N ALA D 92 35.65 10.69 16.84
CA ALA D 92 35.43 11.71 15.82
C ALA D 92 34.83 12.97 16.42
N LEU D 93 34.83 14.03 15.61
CA LEU D 93 34.21 15.30 15.97
C LEU D 93 32.87 15.55 15.28
N THR D 94 31.87 15.95 16.04
CA THR D 94 30.66 16.48 15.44
C THR D 94 30.97 17.88 14.92
N CYS D 95 30.09 18.40 14.07
CA CYS D 95 30.33 19.65 13.38
C CYS D 95 30.69 20.81 14.31
N THR D 96 30.07 20.85 15.49
CA THR D 96 30.36 21.89 16.48
C THR D 96 31.81 21.78 16.98
N ALA D 97 32.25 20.54 17.20
CA ALA D 97 33.60 20.24 17.68
C ALA D 97 34.65 20.42 16.61
N GLU D 98 34.22 20.42 15.35
CA GLU D 98 35.13 20.66 14.27
C GLU D 98 35.62 22.11 14.29
N LEU D 99 34.82 22.99 14.91
CA LEU D 99 35.19 24.39 15.07
C LEU D 99 35.90 24.68 16.38
N LEU D 100 36.26 23.62 17.10
CA LEU D 100 37.05 23.74 18.33
C LEU D 100 38.46 23.23 18.06
N GLN D 101 39.34 23.36 19.06
CA GLN D 101 40.76 23.05 18.85
C GLN D 101 41.19 21.62 19.20
N ASP D 102 40.51 21.01 20.18
CA ASP D 102 40.84 19.66 20.62
C ASP D 102 40.84 18.68 19.47
N ASP D 103 41.93 17.92 19.34
CA ASP D 103 42.08 17.05 18.19
C ASP D 103 42.02 15.57 18.57
N PRO D 104 41.24 14.79 17.78
CA PRO D 104 40.90 13.42 18.17
C PRO D 104 42.07 12.47 18.05
N ASN D 105 43.12 12.87 17.35
CA ASN D 105 44.28 12.03 17.27
C ASN D 105 45.11 12.19 18.53
N GLY D 106 45.42 13.44 18.86
CA GLY D 106 46.32 13.78 19.95
C GLY D 106 45.84 13.35 21.33
N ILE D 107 44.53 13.43 21.56
CA ILE D 107 43.98 13.01 22.85
C ILE D 107 43.90 11.50 22.94
N SER D 108 43.56 10.85 21.82
CA SER D 108 43.53 9.38 21.77
C SER D 108 44.92 8.77 21.91
N ARG D 109 45.90 9.37 21.24
CA ARG D 109 47.31 9.00 21.40
C ARG D 109 47.77 9.11 22.85
N ALA D 110 47.65 10.32 23.42
CA ALA D 110 48.08 10.61 24.79
C ALA D 110 47.55 9.59 25.80
N LEU D 111 46.24 9.61 26.01
CA LEU D 111 45.53 8.69 26.90
C LEU D 111 46.01 7.24 26.79
N ASN D 112 46.15 6.74 25.56
CA ASN D 112 46.77 5.44 25.24
C ASN D 112 46.06 4.22 25.86
N LEU D 113 44.97 3.77 25.25
CA LEU D 113 44.19 2.63 25.75
C LEU D 113 44.72 1.27 25.26
N PRO D 114 44.33 0.15 25.91
CA PRO D 114 44.71 -1.21 25.45
C PRO D 114 44.32 -1.57 24.00
N VAL D 115 43.17 -1.09 23.51
CA VAL D 115 42.64 -1.49 22.21
C VAL D 115 42.91 -0.40 21.17
N PRO D 116 42.83 -0.72 19.86
CA PRO D 116 42.98 0.35 18.87
C PRO D 116 41.86 1.37 18.97
N VAL D 117 42.21 2.65 18.83
CA VAL D 117 41.24 3.72 18.78
C VAL D 117 41.51 4.54 17.53
N VAL D 118 40.54 4.50 16.62
CA VAL D 118 40.68 5.09 15.30
C VAL D 118 40.06 6.49 15.25
N PRO D 119 40.88 7.51 14.92
CA PRO D 119 40.42 8.90 14.78
C PRO D 119 39.94 9.18 13.35
N LEU D 120 38.81 9.87 13.23
CA LEU D 120 38.13 9.99 11.95
C LEU D 120 38.11 11.43 11.44
N GLU D 121 38.34 11.61 10.15
CA GLU D 121 38.23 12.92 9.53
C GLU D 121 36.87 13.12 8.87
N LEU D 122 36.03 13.95 9.49
CA LEU D 122 34.67 14.19 9.02
C LEU D 122 34.42 15.66 8.74
N PRO D 123 34.68 16.10 7.50
CA PRO D 123 34.43 17.50 7.13
C PRO D 123 32.93 17.72 7.06
N SER D 124 32.39 18.20 8.17
CA SER D 124 30.94 18.31 8.36
C SER D 124 30.31 19.50 7.63
N TYR D 125 31.15 20.32 7.00
CA TYR D 125 30.68 21.49 6.28
C TYR D 125 30.86 21.31 4.80
N SER D 126 31.44 20.18 4.44
CA SER D 126 31.77 19.93 3.06
C SER D 126 31.11 18.64 2.65
N ARG D 127 30.89 17.76 3.63
CA ARG D 127 30.42 16.42 3.32
C ARG D 127 29.19 16.05 4.09
N LYS D 128 28.78 14.80 3.93
CA LYS D 128 27.51 14.33 4.47
C LYS D 128 27.54 12.89 4.94
N GLU D 129 26.37 12.44 5.38
CA GLU D 129 26.18 11.11 5.92
C GLU D 129 26.90 10.04 5.12
N ASN D 130 26.62 9.95 3.83
CA ASN D 130 27.20 8.89 3.02
C ASN D 130 28.71 8.85 2.98
N TYR D 131 29.33 10.01 2.91
CA TYR D 131 30.77 10.07 3.03
C TYR D 131 31.18 9.54 4.41
N GLY D 132 30.51 10.06 5.44
CA GLY D 132 30.80 9.63 6.80
C GLY D 132 30.82 8.12 6.91
N ALA D 133 29.84 7.47 6.27
CA ALA D 133 29.73 6.03 6.30
C ALA D 133 30.97 5.41 5.66
N ASP D 134 31.36 5.96 4.51
CA ASP D 134 32.44 5.38 3.71
C ASP D 134 33.77 5.52 4.43
N GLU D 135 34.13 6.77 4.75
CA GLU D 135 35.36 7.09 5.46
C GLU D 135 35.50 6.26 6.75
N THR D 136 34.60 6.43 7.72
CA THR D 136 34.60 5.59 8.95
C THR D 136 34.88 4.12 8.65
N PHE D 137 34.30 3.59 7.58
CA PHE D 137 34.49 2.19 7.23
C PHE D 137 35.84 1.97 6.55
N ARG D 138 36.23 2.90 5.67
CA ARG D 138 37.58 2.89 5.08
C ARG D 138 38.61 2.81 6.21
N ALA D 139 38.56 3.79 7.10
CA ALA D 139 39.41 3.89 8.29
C ALA D 139 39.49 2.63 9.15
N LEU D 140 38.34 1.97 9.39
CA LEU D 140 38.29 0.72 10.17
C LEU D 140 38.98 -0.43 9.45
N VAL D 141 38.71 -0.58 8.16
CA VAL D 141 39.34 -1.61 7.36
C VAL D 141 40.86 -1.35 7.22
N ARG D 142 41.20 -0.11 6.90
CA ARG D 142 42.59 0.34 6.76
C ARG D 142 43.42 0.06 8.01
N ALA D 143 42.79 0.18 9.18
CA ALA D 143 43.49 -0.04 10.43
C ALA D 143 43.51 -1.49 10.87
N LEU D 144 42.51 -2.27 10.44
CA LEU D 144 42.34 -3.64 10.96
C LEU D 144 42.56 -4.79 9.97
N ALA D 145 42.54 -4.49 8.68
CA ALA D 145 42.72 -5.55 7.68
C ALA D 145 44.19 -5.84 7.45
N VAL D 146 44.55 -7.11 7.45
CA VAL D 146 45.94 -7.50 7.17
C VAL D 146 46.01 -8.66 6.16
N PRO D 147 47.09 -8.71 5.35
CA PRO D 147 47.20 -9.81 4.39
C PRO D 147 47.12 -11.18 5.07
N MET D 148 46.64 -12.17 4.32
CA MET D 148 46.29 -13.47 4.87
C MET D 148 46.27 -14.50 3.75
N GLU D 149 46.46 -15.77 4.09
CA GLU D 149 46.33 -16.86 3.13
C GLU D 149 44.84 -17.11 2.86
N ARG D 150 44.50 -17.36 1.59
CA ARG D 150 43.11 -17.62 1.17
C ARG D 150 42.51 -18.85 1.86
N THR D 151 41.19 -18.84 2.03
CA THR D 151 40.48 -20.00 2.59
C THR D 151 40.68 -21.24 1.72
N PRO D 152 40.60 -22.44 2.33
CA PRO D 152 40.66 -23.69 1.56
C PRO D 152 39.63 -23.67 0.44
N GLU D 153 38.37 -23.46 0.79
CA GLU D 153 37.30 -23.32 -0.21
C GLU D 153 37.18 -21.86 -0.64
N VAL D 154 36.34 -21.60 -1.63
CA VAL D 154 36.10 -20.25 -2.16
C VAL D 154 35.15 -19.45 -1.25
N THR D 155 35.62 -18.27 -0.82
CA THR D 155 34.86 -17.39 0.05
C THR D 155 35.00 -15.92 -0.38
N CYS D 156 34.05 -15.10 0.06
CA CYS D 156 34.06 -13.68 -0.21
C CYS D 156 33.45 -12.91 0.95
N ASN D 157 33.66 -11.60 0.94
CA ASN D 157 33.03 -10.73 1.92
C ASN D 157 31.91 -9.92 1.30
N LEU D 158 30.97 -9.50 2.14
CA LEU D 158 29.96 -8.57 1.70
C LEU D 158 30.34 -7.21 2.25
N LEU D 159 30.64 -6.28 1.37
CA LEU D 159 31.08 -4.98 1.79
C LEU D 159 30.00 -3.96 1.53
N GLY D 160 29.65 -3.19 2.55
CA GLY D 160 28.82 -2.01 2.34
C GLY D 160 27.60 -1.92 3.21
N ALA D 161 27.04 -3.05 3.63
CA ALA D 161 25.79 -3.05 4.38
C ALA D 161 25.97 -2.45 5.79
N THR D 162 24.98 -1.69 6.25
CA THR D 162 25.08 -0.89 7.51
C THR D 162 23.76 -0.76 8.29
N ALA D 163 23.81 -0.06 9.41
CA ALA D 163 22.60 0.29 10.14
C ALA D 163 21.89 1.41 9.37
N LEU D 164 20.56 1.51 9.48
CA LEU D 164 19.80 2.50 8.70
C LEU D 164 19.96 2.35 7.19
N GLY D 165 20.37 1.16 6.75
CA GLY D 165 20.52 0.90 5.33
C GLY D 165 19.18 0.42 4.83
N PHE D 166 18.75 0.97 3.70
CA PHE D 166 17.47 0.65 3.09
C PHE D 166 17.56 -0.76 2.56
N ARG D 167 16.82 -1.66 3.21
CA ARG D 167 16.73 -3.10 2.84
C ARG D 167 18.06 -3.83 2.88
N HIS D 168 18.95 -3.40 3.77
CA HIS D 168 20.28 -4.01 3.92
C HIS D 168 20.12 -5.38 4.54
N ARG D 169 19.32 -5.46 5.61
CA ARG D 169 19.03 -6.75 6.28
C ARG D 169 18.81 -7.85 5.25
N ASP D 170 17.76 -7.68 4.47
CA ASP D 170 17.27 -8.70 3.59
C ASP D 170 18.11 -8.88 2.32
N ASP D 171 18.80 -7.81 1.93
CA ASP D 171 19.69 -7.89 0.79
C ASP D 171 20.86 -8.79 1.12
N VAL D 172 21.43 -8.61 2.31
CA VAL D 172 22.48 -9.52 2.81
C VAL D 172 21.96 -10.95 2.72
N ALA D 173 20.81 -11.21 3.34
CA ALA D 173 20.16 -12.53 3.24
C ALA D 173 20.09 -13.03 1.79
N GLU D 174 19.38 -12.29 0.93
CA GLU D 174 19.20 -12.67 -0.49
C GLU D 174 20.52 -12.89 -1.27
N VAL D 175 21.53 -12.06 -1.03
CA VAL D 175 22.78 -12.27 -1.74
C VAL D 175 23.51 -13.51 -1.24
N THR D 176 23.53 -13.73 0.09
CA THR D 176 24.18 -14.94 0.65
C THR D 176 23.63 -16.18 -0.06
N LYS D 177 22.29 -16.30 -0.06
CA LYS D 177 21.54 -17.32 -0.77
C LYS D 177 22.01 -17.55 -2.21
N LEU D 178 22.11 -16.49 -3.00
CA LEU D 178 22.45 -16.67 -4.40
C LEU D 178 23.94 -16.93 -4.62
N LEU D 179 24.77 -16.57 -3.65
CA LEU D 179 26.16 -16.99 -3.67
C LEU D 179 26.26 -18.48 -3.36
N ALA D 180 25.59 -18.89 -2.27
CA ALA D 180 25.56 -20.30 -1.87
C ALA D 180 25.06 -21.21 -2.99
N THR D 181 24.24 -20.69 -3.89
CA THR D 181 23.75 -21.48 -5.02
C THR D 181 24.88 -21.78 -6.00
N MET D 182 25.94 -20.98 -5.97
CA MET D 182 27.10 -21.18 -6.84
C MET D 182 28.26 -21.90 -6.15
N GLY D 183 28.04 -22.40 -4.94
CA GLY D 183 29.11 -23.05 -4.16
C GLY D 183 29.89 -22.11 -3.25
N ILE D 184 29.77 -20.80 -3.48
CA ILE D 184 30.50 -19.77 -2.71
C ILE D 184 29.87 -19.37 -1.37
N LYS D 185 30.55 -19.70 -0.27
CA LYS D 185 30.10 -19.29 1.06
C LYS D 185 30.76 -17.97 1.47
N VAL D 186 30.13 -17.25 2.40
CA VAL D 186 30.56 -15.90 2.76
C VAL D 186 31.54 -15.89 3.94
N ASN D 187 32.61 -15.11 3.81
CA ASN D 187 33.63 -15.03 4.86
C ASN D 187 33.18 -14.13 6.00
N VAL D 188 33.18 -12.83 5.77
CA VAL D 188 32.65 -11.91 6.74
C VAL D 188 31.87 -10.80 6.06
N CYS D 189 30.61 -10.66 6.44
CA CYS D 189 29.81 -9.53 6.04
C CYS D 189 30.12 -8.37 6.98
N ALA D 190 30.52 -7.23 6.42
CA ALA D 190 30.87 -6.03 7.20
C ALA D 190 30.49 -4.75 6.44
N PRO D 191 30.19 -3.65 7.16
CA PRO D 191 30.21 -3.40 8.61
C PRO D 191 29.15 -4.19 9.40
N LEU D 192 28.08 -4.59 8.72
CA LEU D 192 26.87 -5.12 9.36
C LEU D 192 27.05 -6.50 9.96
N GLY D 193 26.84 -6.62 11.26
CA GLY D 193 26.97 -7.90 11.95
C GLY D 193 28.41 -8.38 11.94
N ALA D 194 29.33 -7.46 12.19
CA ALA D 194 30.74 -7.77 12.25
C ALA D 194 31.38 -7.09 13.45
N SER D 195 32.37 -7.74 14.03
CA SER D 195 33.13 -7.16 15.12
C SER D 195 34.50 -6.73 14.58
N PRO D 196 35.24 -5.91 15.35
CA PRO D 196 36.65 -5.68 15.04
C PRO D 196 37.43 -6.99 14.86
N ASP D 197 37.24 -7.94 15.77
CA ASP D 197 37.84 -9.26 15.65
C ASP D 197 37.73 -9.79 14.20
N ASP D 198 36.52 -9.67 13.65
CA ASP D 198 36.18 -10.13 12.30
C ASP D 198 36.91 -9.36 11.20
N LEU D 199 37.13 -8.06 11.44
CA LEU D 199 37.71 -7.17 10.44
C LEU D 199 39.18 -7.48 10.14
N ARG D 200 39.82 -8.19 11.05
CA ARG D 200 41.19 -8.62 10.87
C ARG D 200 41.21 -9.82 9.89
N LYS D 201 40.19 -10.68 10.03
CA LYS D 201 40.07 -11.89 9.23
C LYS D 201 39.57 -11.63 7.82
N LEU D 202 39.68 -10.39 7.36
CA LEU D 202 39.21 -10.05 6.01
C LEU D 202 40.07 -10.68 4.92
N GLY D 203 41.39 -10.56 5.05
CA GLY D 203 42.35 -11.00 4.04
C GLY D 203 42.16 -12.35 3.37
N GLN D 204 41.51 -13.29 4.08
CA GLN D 204 41.42 -14.70 3.66
C GLN D 204 40.34 -15.06 2.64
N ALA D 205 39.61 -14.05 2.14
CA ALA D 205 38.57 -14.29 1.15
C ALA D 205 38.99 -13.85 -0.25
N HIS D 206 38.72 -14.72 -1.23
CA HIS D 206 39.15 -14.52 -2.60
C HIS D 206 38.76 -13.17 -3.17
N PHE D 207 37.48 -12.82 -3.04
CA PHE D 207 36.99 -11.56 -3.61
C PHE D 207 36.02 -10.81 -2.71
N ASN D 208 35.82 -9.53 -3.00
CA ASN D 208 34.84 -8.73 -2.28
C ASN D 208 33.62 -8.46 -3.12
N VAL D 209 32.45 -8.70 -2.52
CA VAL D 209 31.20 -8.34 -3.15
C VAL D 209 30.82 -6.97 -2.61
N LEU D 210 31.01 -5.95 -3.44
CA LEU D 210 30.67 -4.58 -3.08
C LEU D 210 29.16 -4.40 -3.23
N MET D 211 28.45 -4.45 -2.11
CA MET D 211 27.00 -4.36 -2.13
C MET D 211 26.51 -2.94 -2.37
N TYR D 212 27.08 -1.98 -1.63
CA TYR D 212 26.66 -0.61 -1.79
C TYR D 212 27.85 0.29 -2.00
N PRO D 213 28.01 0.78 -3.24
CA PRO D 213 29.13 1.64 -3.54
C PRO D 213 29.16 2.80 -2.55
N GLU D 214 28.00 3.43 -2.34
CA GLU D 214 27.91 4.64 -1.51
C GLU D 214 28.46 4.50 -0.08
N THR D 215 28.47 3.27 0.46
CA THR D 215 28.82 3.05 1.87
C THR D 215 30.10 2.23 2.13
N GLY D 216 30.65 1.59 1.11
CA GLY D 216 31.88 0.79 1.32
C GLY D 216 32.77 0.55 0.11
N GLU D 217 32.93 1.55 -0.74
CA GLU D 217 33.76 1.39 -1.90
C GLU D 217 35.19 1.80 -1.63
N SER D 218 35.36 2.75 -0.70
CA SER D 218 36.68 3.14 -0.21
C SER D 218 37.34 1.90 0.38
N ALA D 219 36.59 1.23 1.25
CA ALA D 219 37.04 -0.02 1.86
C ALA D 219 37.32 -1.08 0.79
N ALA D 220 36.48 -1.17 -0.23
CA ALA D 220 36.70 -2.09 -1.35
C ALA D 220 38.03 -1.79 -2.02
N ARG D 221 38.25 -0.51 -2.33
CA ARG D 221 39.50 -0.03 -2.94
C ARG D 221 40.71 -0.34 -2.09
N HIS D 222 40.67 0.06 -0.83
CA HIS D 222 41.81 -0.21 0.04
C HIS D 222 42.15 -1.71 0.09
N LEU D 223 41.12 -2.56 0.03
CA LEU D 223 41.32 -4.01 0.05
C LEU D 223 41.83 -4.58 -1.29
N GLU D 224 41.71 -3.77 -2.34
CA GLU D 224 42.26 -4.11 -3.64
C GLU D 224 43.79 -4.12 -3.57
N ARG D 225 44.37 -3.20 -2.80
CA ARG D 225 45.80 -3.22 -2.53
C ARG D 225 46.13 -4.24 -1.45
N ALA D 226 45.62 -3.98 -0.25
CA ALA D 226 45.94 -4.74 0.96
C ALA D 226 46.15 -6.24 0.74
N CYS D 227 45.10 -6.92 0.30
CA CYS D 227 45.16 -8.36 0.06
C CYS D 227 44.70 -8.70 -1.34
N LYS D 228 45.12 -7.86 -2.28
CA LYS D 228 44.85 -8.01 -3.70
C LYS D 228 43.49 -8.64 -3.99
N GLN D 229 42.44 -8.00 -3.46
CA GLN D 229 41.07 -8.47 -3.61
C GLN D 229 40.28 -7.68 -4.64
N PRO D 230 39.77 -8.36 -5.67
CA PRO D 230 38.94 -7.68 -6.66
C PRO D 230 37.47 -7.58 -6.19
N PHE D 231 36.93 -6.36 -6.20
CA PHE D 231 35.54 -6.18 -5.82
C PHE D 231 34.63 -6.22 -7.04
N THR D 232 33.48 -6.86 -6.87
CA THR D 232 32.42 -6.89 -7.87
C THR D 232 31.92 -5.47 -8.16
N LYS D 233 31.88 -5.11 -9.44
CA LYS D 233 31.42 -3.77 -9.84
C LYS D 233 29.92 -3.68 -10.18
N ILE D 234 29.31 -4.81 -10.58
CA ILE D 234 27.87 -4.85 -10.92
C ILE D 234 27.00 -5.21 -9.71
N VAL D 235 26.19 -4.24 -9.23
CA VAL D 235 25.28 -4.47 -8.07
C VAL D 235 23.94 -5.13 -8.47
N PRO D 236 23.65 -6.31 -7.90
CA PRO D 236 22.53 -7.14 -8.36
C PRO D 236 21.13 -6.66 -7.95
N ILE D 237 20.62 -5.63 -8.62
CA ILE D 237 19.21 -5.20 -8.43
C ILE D 237 18.46 -5.25 -9.76
N GLY D 238 17.50 -6.17 -9.84
CA GLY D 238 16.91 -6.55 -11.13
C GLY D 238 17.44 -7.89 -11.59
N VAL D 239 16.75 -8.50 -12.56
CA VAL D 239 17.11 -9.85 -13.01
C VAL D 239 18.35 -9.76 -13.89
N GLY D 240 18.26 -8.99 -14.97
CA GLY D 240 19.42 -8.73 -15.82
C GLY D 240 20.62 -8.37 -14.97
N ALA D 241 20.46 -7.38 -14.10
CA ALA D 241 21.54 -6.96 -13.22
C ALA D 241 22.11 -8.14 -12.43
N THR D 242 21.24 -8.98 -11.91
CA THR D 242 21.63 -10.14 -11.13
C THR D 242 22.33 -11.23 -11.97
N ARG D 243 21.79 -11.51 -13.17
CA ARG D 243 22.45 -12.45 -14.07
C ARG D 243 23.88 -11.99 -14.39
N ASP D 244 24.06 -10.71 -14.73
CA ASP D 244 25.38 -10.15 -15.06
C ASP D 244 26.29 -10.16 -13.87
N PHE D 245 25.69 -10.02 -12.69
CA PHE D 245 26.46 -10.02 -11.46
C PHE D 245 26.99 -11.42 -11.25
N LEU D 246 26.13 -12.40 -11.47
CA LEU D 246 26.52 -13.80 -11.34
C LEU D 246 27.58 -14.21 -12.36
N ALA D 247 27.44 -13.73 -13.60
CA ALA D 247 28.44 -13.95 -14.65
C ALA D 247 29.78 -13.33 -14.28
N GLU D 248 29.72 -12.09 -13.78
CA GLU D 248 30.90 -11.38 -13.29
C GLU D 248 31.59 -12.22 -12.23
N VAL D 249 30.80 -12.84 -11.36
CA VAL D 249 31.32 -13.70 -10.30
C VAL D 249 31.98 -14.97 -10.85
N SER D 250 31.36 -15.59 -11.86
CA SER D 250 31.93 -16.75 -12.54
C SER D 250 33.28 -16.41 -13.17
N LYS D 251 33.39 -15.17 -13.64
CA LYS D 251 34.60 -14.65 -14.24
C LYS D 251 35.68 -14.46 -13.17
N ILE D 252 35.26 -14.11 -11.96
CA ILE D 252 36.20 -13.86 -10.87
C ILE D 252 36.65 -15.16 -10.19
N THR D 253 35.76 -16.15 -10.11
CA THR D 253 36.09 -17.38 -9.38
C THR D 253 36.36 -18.60 -10.26
N GLY D 254 35.98 -18.51 -11.54
CA GLY D 254 36.10 -19.64 -12.47
C GLY D 254 34.88 -20.54 -12.46
N LEU D 255 34.13 -20.48 -11.36
CA LEU D 255 33.00 -21.38 -11.11
C LEU D 255 31.81 -21.17 -12.05
N PRO D 256 31.14 -22.27 -12.44
CA PRO D 256 29.96 -22.22 -13.31
C PRO D 256 28.77 -21.53 -12.66
N VAL D 257 28.10 -20.65 -13.41
CA VAL D 257 26.94 -19.92 -12.92
C VAL D 257 25.72 -20.85 -12.79
N VAL D 258 25.34 -21.14 -11.55
CA VAL D 258 24.13 -21.92 -11.24
C VAL D 258 23.08 -21.06 -10.56
N THR D 259 21.84 -21.19 -11.01
CA THR D 259 20.76 -20.38 -10.49
C THR D 259 19.59 -21.26 -10.04
N ASP D 260 18.99 -20.93 -8.89
CA ASP D 260 17.72 -21.56 -8.49
C ASP D 260 16.51 -20.65 -8.81
N GLU D 261 15.98 -20.82 -10.01
CA GLU D 261 15.00 -19.89 -10.57
C GLU D 261 13.54 -20.32 -10.32
N SER D 262 13.33 -21.20 -9.34
CA SER D 262 12.03 -21.85 -9.13
C SER D 262 11.01 -20.96 -8.46
N THR D 263 11.47 -19.85 -7.90
CA THR D 263 10.59 -18.94 -7.17
C THR D 263 10.60 -17.55 -7.83
N LEU D 264 11.43 -17.42 -8.86
CA LEU D 264 11.53 -16.21 -9.69
C LEU D 264 10.27 -15.92 -10.51
N ARG D 265 9.38 -15.06 -10.01
CA ARG D 265 8.12 -14.87 -10.73
C ARG D 265 8.00 -13.58 -11.57
N GLN D 266 8.90 -12.63 -11.36
CA GLN D 266 8.85 -11.35 -12.07
C GLN D 266 8.79 -11.43 -13.61
N PRO D 267 9.62 -12.29 -14.26
CA PRO D 267 9.62 -12.25 -15.71
C PRO D 267 8.27 -12.60 -16.29
N TRP D 268 7.63 -13.62 -15.74
CA TRP D 268 6.33 -14.03 -16.25
C TRP D 268 5.24 -12.99 -15.92
N TRP D 269 5.26 -12.50 -14.68
CA TRP D 269 4.38 -11.41 -14.30
C TRP D 269 4.38 -10.30 -15.33
N SER D 270 5.54 -9.72 -15.62
CA SER D 270 5.61 -8.62 -16.59
C SER D 270 5.42 -9.08 -18.01
N ALA D 271 5.60 -10.38 -18.26
CA ALA D 271 5.37 -10.93 -19.58
C ALA D 271 3.88 -11.13 -19.81
N SER D 272 3.11 -11.23 -18.73
CA SER D 272 1.67 -11.53 -18.79
C SER D 272 0.82 -10.39 -19.38
N VAL D 273 -0.44 -10.69 -19.68
CA VAL D 273 -1.26 -9.78 -20.48
C VAL D 273 -1.77 -8.57 -19.72
N ASP D 274 -1.93 -8.67 -18.41
CA ASP D 274 -2.36 -7.47 -17.68
C ASP D 274 -1.19 -6.51 -17.43
N SER D 275 0.00 -6.90 -17.88
CA SER D 275 1.18 -6.04 -17.83
C SER D 275 1.31 -5.19 -19.10
N THR D 276 0.43 -5.44 -20.08
CA THR D 276 0.47 -4.78 -21.39
C THR D 276 0.33 -3.26 -21.32
N TYR D 277 -0.59 -2.75 -20.50
CA TYR D 277 -0.76 -1.30 -20.41
C TYR D 277 0.35 -0.60 -19.60
N LEU D 278 1.27 -1.36 -19.03
CA LEU D 278 2.48 -0.81 -18.43
C LEU D 278 3.39 -0.20 -19.49
N THR D 279 3.28 -0.71 -20.71
CA THR D 279 4.17 -0.36 -21.80
C THR D 279 4.36 1.13 -22.00
N GLY D 280 5.58 1.59 -21.76
CA GLY D 280 5.95 2.99 -21.92
C GLY D 280 5.12 3.96 -21.12
N LYS D 281 4.87 3.68 -19.85
CA LYS D 281 4.33 4.70 -18.99
C LYS D 281 5.54 5.45 -18.50
N ARG D 282 5.41 6.75 -18.44
CA ARG D 282 6.54 7.63 -18.20
C ARG D 282 6.92 7.66 -16.73
N VAL D 283 8.13 7.20 -16.42
CA VAL D 283 8.57 7.19 -15.03
C VAL D 283 9.72 8.19 -14.80
N PHE D 284 9.67 8.90 -13.67
CA PHE D 284 10.79 9.73 -13.24
C PHE D 284 11.47 9.02 -12.10
N ILE D 285 12.78 8.92 -12.13
CA ILE D 285 13.47 8.17 -11.08
C ILE D 285 14.41 9.08 -10.29
N PHE D 286 14.30 9.07 -8.95
CA PHE D 286 15.27 9.78 -8.11
C PHE D 286 15.62 8.99 -6.85
N GLY D 287 16.77 9.27 -6.25
CA GLY D 287 17.17 8.53 -5.06
C GLY D 287 18.69 8.44 -4.89
N ASP D 288 19.15 7.45 -4.12
CA ASP D 288 20.61 7.30 -3.94
C ASP D 288 21.20 6.80 -5.25
N GLY D 289 22.39 7.29 -5.59
CA GLY D 289 23.03 6.90 -6.85
C GLY D 289 22.85 5.46 -7.34
N THR D 290 23.09 4.47 -6.48
CA THR D 290 23.02 3.05 -6.90
C THR D 290 21.62 2.52 -7.23
N HIS D 291 20.64 2.93 -6.43
CA HIS D 291 19.27 2.46 -6.61
C HIS D 291 18.61 3.09 -7.85
N VAL D 292 19.14 4.21 -8.31
CA VAL D 292 18.59 4.89 -9.48
C VAL D 292 19.07 4.22 -10.75
N ILE D 293 20.36 3.91 -10.80
CA ILE D 293 20.92 3.17 -11.93
C ILE D 293 20.29 1.80 -12.08
N ALA D 294 19.97 1.16 -10.95
CA ALA D 294 19.38 -0.18 -10.96
C ALA D 294 17.95 -0.11 -11.44
N ALA D 295 17.18 0.79 -10.81
CA ALA D 295 15.77 1.03 -11.11
C ALA D 295 15.53 1.24 -12.60
N ALA D 296 16.45 1.99 -13.22
CA ALA D 296 16.24 2.48 -14.57
C ALA D 296 16.38 1.36 -15.58
N ARG D 297 17.31 0.43 -15.35
CA ARG D 297 17.41 -0.76 -16.19
C ARG D 297 16.15 -1.61 -16.07
N ILE D 298 15.70 -1.85 -14.85
CA ILE D 298 14.46 -2.59 -14.64
C ILE D 298 13.31 -1.88 -15.36
N ALA D 299 13.07 -0.62 -14.97
CA ALA D 299 12.06 0.24 -15.58
C ALA D 299 11.96 0.10 -17.11
N ALA D 300 13.08 0.22 -17.81
CA ALA D 300 13.07 0.30 -19.25
C ALA D 300 13.13 -1.08 -19.88
N LYS D 301 13.94 -1.97 -19.30
CA LYS D 301 14.29 -3.23 -19.96
C LYS D 301 13.59 -4.47 -19.36
N GLU D 302 13.06 -4.38 -18.14
CA GLU D 302 12.38 -5.53 -17.56
C GLU D 302 10.88 -5.34 -17.37
N VAL D 303 10.45 -4.07 -17.28
CA VAL D 303 9.05 -3.74 -17.03
C VAL D 303 8.41 -3.05 -18.25
N GLY D 304 9.24 -2.39 -19.05
CA GLY D 304 8.75 -1.67 -20.23
C GLY D 304 8.17 -0.30 -19.97
N PHE D 305 8.67 0.40 -18.96
CA PHE D 305 8.44 1.83 -18.83
C PHE D 305 9.40 2.64 -19.70
N GLU D 306 9.00 3.88 -19.96
CA GLU D 306 9.88 4.87 -20.54
C GLU D 306 10.47 5.72 -19.42
N VAL D 307 11.78 5.58 -19.20
CA VAL D 307 12.47 6.37 -18.18
C VAL D 307 12.46 7.82 -18.68
N VAL D 308 11.87 8.73 -17.92
CA VAL D 308 11.67 10.08 -18.39
C VAL D 308 12.47 11.15 -17.61
N GLY D 309 13.07 10.73 -16.50
CA GLY D 309 13.93 11.58 -15.67
C GLY D 309 14.81 10.67 -14.82
N MET D 310 16.02 11.12 -14.52
CA MET D 310 16.97 10.31 -13.76
C MET D 310 17.91 11.22 -12.99
N GLY D 311 18.08 10.95 -11.71
CA GLY D 311 18.90 11.83 -10.87
C GLY D 311 19.15 11.31 -9.47
N CYS D 312 20.10 11.93 -8.77
CA CYS D 312 20.39 11.57 -7.38
C CYS D 312 20.87 12.74 -6.51
N TYR D 313 20.80 12.56 -5.20
CA TYR D 313 21.10 13.61 -4.24
C TYR D 313 22.54 13.52 -3.76
N ASN D 314 23.08 12.33 -3.94
CA ASN D 314 24.39 11.88 -3.54
C ASN D 314 25.41 12.35 -4.58
N ARG D 315 26.13 13.45 -4.32
CA ARG D 315 27.06 13.93 -5.36
C ARG D 315 28.19 12.92 -5.61
N GLU D 316 28.47 12.09 -4.59
CA GLU D 316 29.50 11.04 -4.67
C GLU D 316 29.33 10.16 -5.89
N MET D 317 28.11 9.98 -6.37
CA MET D 317 27.85 9.02 -7.44
C MET D 317 27.49 9.68 -8.80
N ALA D 318 27.74 10.98 -8.92
CA ALA D 318 27.26 11.77 -10.07
C ALA D 318 27.73 11.26 -11.42
N ARG D 319 28.93 10.72 -11.47
CA ARG D 319 29.45 10.23 -12.76
C ARG D 319 28.88 8.88 -13.17
N PRO D 320 28.96 7.86 -12.27
CA PRO D 320 28.19 6.66 -12.55
C PRO D 320 26.81 6.99 -13.14
N LEU D 321 26.12 7.97 -12.57
CA LEU D 321 24.77 8.33 -12.99
C LEU D 321 24.75 9.00 -14.35
N ARG D 322 25.51 10.09 -14.48
CA ARG D 322 25.57 10.84 -15.74
C ARG D 322 25.87 9.94 -16.94
N THR D 323 26.73 8.96 -16.75
CA THR D 323 26.99 7.96 -17.78
C THR D 323 25.73 7.17 -18.07
N ALA D 324 25.22 6.44 -17.08
CA ALA D 324 24.04 5.61 -17.28
C ALA D 324 22.90 6.40 -17.90
N ALA D 325 22.58 7.54 -17.30
CA ALA D 325 21.51 8.42 -17.77
C ALA D 325 21.56 8.70 -19.27
N ALA D 326 22.75 9.08 -19.75
CA ALA D 326 22.98 9.30 -21.17
C ALA D 326 22.49 8.12 -22.02
N GLU D 327 22.83 6.89 -21.63
CA GLU D 327 22.37 5.71 -22.37
C GLU D 327 20.85 5.63 -22.51
N TYR D 328 20.12 6.46 -21.77
CA TYR D 328 18.66 6.50 -21.88
C TYR D 328 18.24 7.76 -22.60
N GLY D 329 19.21 8.45 -23.21
CA GLY D 329 18.95 9.72 -23.88
C GLY D 329 18.58 10.84 -22.91
N LEU D 330 19.15 10.79 -21.71
CA LEU D 330 18.77 11.68 -20.61
C LEU D 330 19.96 12.35 -19.91
N GLU D 331 19.70 13.56 -19.44
CA GLU D 331 20.68 14.36 -18.72
C GLU D 331 20.40 14.14 -17.24
N ALA D 332 21.30 13.45 -16.56
CA ALA D 332 21.15 13.18 -15.11
C ALA D 332 20.84 14.46 -14.35
N LEU D 333 20.17 14.36 -13.23
CA LEU D 333 19.85 15.55 -12.47
C LEU D 333 20.49 15.43 -11.13
N ILE D 334 21.60 16.12 -10.91
CA ILE D 334 22.27 15.97 -9.63
C ILE D 334 21.94 17.12 -8.69
N THR D 335 21.12 16.84 -7.69
CA THR D 335 20.65 17.87 -6.82
C THR D 335 20.35 17.28 -5.44
N ASP D 336 20.57 18.08 -4.40
CA ASP D 336 20.08 17.75 -3.05
C ASP D 336 18.91 18.66 -2.64
N ASP D 337 18.67 19.67 -3.44
CA ASP D 337 17.51 20.51 -3.25
C ASP D 337 16.27 19.74 -3.72
N TYR D 338 15.30 19.53 -2.83
CA TYR D 338 14.09 18.85 -3.25
C TYR D 338 13.24 19.77 -4.12
N LEU D 339 13.40 21.08 -3.97
CA LEU D 339 12.65 22.01 -4.82
C LEU D 339 13.07 21.91 -6.29
N GLU D 340 14.31 21.51 -6.56
CA GLU D 340 14.73 21.17 -7.92
C GLU D 340 14.02 19.91 -8.38
N VAL D 341 14.02 18.87 -7.54
CA VAL D 341 13.37 17.60 -7.89
C VAL D 341 11.91 17.83 -8.30
N GLU D 342 11.22 18.65 -7.53
CA GLU D 342 9.85 19.06 -7.81
C GLU D 342 9.74 19.74 -9.18
N LYS D 343 10.70 20.59 -9.53
CA LYS D 343 10.69 21.23 -10.85
C LYS D 343 10.95 20.24 -11.96
N ALA D 344 11.96 19.40 -11.80
CA ALA D 344 12.28 18.38 -12.79
C ALA D 344 11.11 17.42 -13.05
N ILE D 345 10.44 16.96 -11.99
CA ILE D 345 9.27 16.11 -12.14
C ILE D 345 8.14 16.80 -12.89
N GLU D 346 7.93 18.08 -12.62
CA GLU D 346 6.89 18.81 -13.33
C GLU D 346 7.23 18.98 -14.83
N ALA D 347 8.49 19.29 -15.12
CA ALA D 347 8.99 19.36 -16.49
C ALA D 347 8.88 18.02 -17.20
N ALA D 348 9.43 16.95 -16.61
CA ALA D 348 9.31 15.62 -17.17
C ALA D 348 7.86 15.12 -17.29
N ALA D 349 6.98 15.57 -16.39
CA ALA D 349 5.58 15.15 -16.39
C ALA D 349 5.36 13.63 -16.47
N PRO D 350 5.96 12.86 -15.54
CA PRO D 350 5.80 11.40 -15.57
C PRO D 350 4.42 10.93 -15.16
N GLU D 351 4.14 9.66 -15.41
CA GLU D 351 2.92 9.01 -14.94
C GLU D 351 3.19 8.22 -13.67
N LEU D 352 4.46 8.10 -13.31
CA LEU D 352 4.88 7.35 -12.11
C LEU D 352 6.22 7.86 -11.66
N ILE D 353 6.33 8.17 -10.38
CA ILE D 353 7.59 8.53 -9.77
C ILE D 353 8.10 7.44 -8.80
N LEU D 354 9.41 7.17 -8.86
CA LEU D 354 10.14 6.20 -8.03
C LEU D 354 11.24 6.96 -7.34
N GLY D 355 11.20 7.03 -6.01
CA GLY D 355 12.14 7.86 -5.24
C GLY D 355 12.18 7.64 -3.75
N THR D 356 12.13 8.74 -3.00
CA THR D 356 12.42 8.80 -1.56
C THR D 356 11.15 9.21 -0.79
N GLN D 357 11.15 9.10 0.55
CA GLN D 357 9.98 9.55 1.32
C GLN D 357 9.53 10.96 0.88
N MET D 358 10.50 11.74 0.41
CA MET D 358 10.26 13.08 -0.11
C MET D 358 9.47 13.01 -1.43
N GLU D 359 9.91 12.11 -2.31
CA GLU D 359 9.28 11.99 -3.62
C GLU D 359 7.85 11.49 -3.48
N ARG D 360 7.66 10.51 -2.56
CA ARG D 360 6.36 10.06 -2.12
C ARG D 360 5.50 11.26 -1.84
N ASN D 361 6.05 12.23 -1.14
CA ASN D 361 5.24 13.37 -0.78
C ASN D 361 5.02 14.37 -1.88
N ILE D 362 6.03 14.60 -2.72
CA ILE D 362 5.83 15.38 -3.94
C ILE D 362 4.70 14.74 -4.80
N ALA D 363 4.75 13.41 -4.90
CA ALA D 363 3.85 12.65 -5.73
C ALA D 363 2.46 12.86 -5.19
N LYS D 364 2.33 12.73 -3.87
CA LYS D 364 1.04 12.88 -3.21
C LYS D 364 0.53 14.25 -3.56
N LYS D 365 1.36 15.27 -3.41
CA LYS D 365 0.95 16.64 -3.73
C LYS D 365 0.48 16.81 -5.17
N LEU D 366 1.02 16.01 -6.09
CA LEU D 366 0.65 16.13 -7.50
C LEU D 366 -0.34 15.08 -8.00
N GLY D 367 -0.87 14.28 -7.09
CA GLY D 367 -1.79 13.20 -7.46
C GLY D 367 -1.21 12.20 -8.45
N LEU D 368 0.00 11.72 -8.19
CA LEU D 368 0.70 10.81 -9.11
C LEU D 368 1.07 9.54 -8.37
N PRO D 369 0.97 8.37 -9.02
CA PRO D 369 1.38 7.12 -8.42
C PRO D 369 2.85 7.20 -8.08
N CYS D 370 3.28 6.42 -7.09
CA CYS D 370 4.64 6.54 -6.57
C CYS D 370 5.14 5.32 -5.80
N ALA D 371 6.41 4.99 -5.94
CA ALA D 371 7.01 3.95 -5.13
C ALA D 371 8.35 4.40 -4.51
N VAL D 372 8.66 3.87 -3.33
CA VAL D 372 9.91 4.20 -2.67
C VAL D 372 10.99 3.19 -3.01
N ILE D 373 12.12 3.67 -3.51
CA ILE D 373 13.21 2.81 -3.94
C ILE D 373 14.55 3.12 -3.28
N SER D 374 14.58 4.01 -2.30
CA SER D 374 15.87 4.53 -1.82
C SER D 374 15.72 5.34 -0.57
N ALA D 375 16.66 5.16 0.36
CA ALA D 375 16.78 6.04 1.53
C ALA D 375 16.95 7.52 1.10
N PRO D 376 16.52 8.48 1.95
CA PRO D 376 16.00 8.38 3.29
C PRO D 376 14.57 7.88 3.29
N VAL D 377 14.21 7.18 4.34
CA VAL D 377 12.93 6.52 4.35
C VAL D 377 12.44 6.44 5.79
N HIS D 378 11.12 6.47 6.02
CA HIS D 378 10.67 6.33 7.41
C HIS D 378 10.44 4.86 7.84
N VAL D 379 9.98 4.67 9.07
CA VAL D 379 9.77 3.34 9.67
C VAL D 379 9.03 2.28 8.79
N GLN D 380 8.03 2.71 8.02
CA GLN D 380 7.29 1.83 7.09
C GLN D 380 8.20 1.01 6.14
N ASP D 381 9.39 1.51 5.86
CA ASP D 381 10.30 0.86 4.91
C ASP D 381 11.44 0.09 5.55
N PHE D 382 11.29 -0.13 6.87
CA PHE D 382 12.09 -1.13 7.61
C PHE D 382 11.09 -2.13 8.10
N PRO D 383 10.61 -3.01 7.19
CA PRO D 383 9.43 -3.81 7.44
C PRO D 383 9.73 -5.01 8.32
N ALA D 384 8.68 -5.59 8.91
CA ALA D 384 8.78 -6.87 9.62
C ALA D 384 8.95 -8.02 8.62
N ARG D 385 8.18 -7.96 7.53
CA ARG D 385 8.20 -9.00 6.50
C ARG D 385 9.51 -8.99 5.74
N TYR D 386 9.80 -10.09 5.07
CA TYR D 386 11.04 -10.22 4.31
C TYR D 386 10.83 -9.42 3.07
N ALA D 387 11.76 -8.50 2.78
CA ALA D 387 11.57 -7.59 1.65
C ALA D 387 12.88 -7.06 1.06
N PRO D 388 13.69 -7.95 0.41
CA PRO D 388 14.96 -7.46 -0.13
C PRO D 388 14.71 -6.70 -1.41
N GLN D 389 15.77 -6.15 -1.99
CA GLN D 389 15.65 -5.57 -3.29
C GLN D 389 16.48 -6.39 -4.26
N MET D 390 17.65 -6.83 -3.80
CA MET D 390 18.59 -7.61 -4.61
C MET D 390 18.11 -9.00 -4.98
N GLY D 391 18.71 -9.54 -6.03
CA GLY D 391 18.46 -10.93 -6.42
C GLY D 391 17.04 -11.25 -6.83
N PHE D 392 16.72 -12.54 -6.84
CA PHE D 392 15.48 -12.99 -7.42
C PHE D 392 14.24 -12.60 -6.63
N GLU D 393 14.14 -13.01 -5.37
CA GLU D 393 12.98 -12.63 -4.57
C GLU D 393 12.89 -11.10 -4.53
N GLY D 394 14.06 -10.45 -4.53
CA GLY D 394 14.14 -9.00 -4.58
C GLY D 394 13.46 -8.47 -5.83
N ALA D 395 13.68 -9.16 -6.95
CA ALA D 395 13.05 -8.78 -8.21
C ALA D 395 11.52 -8.91 -8.13
N ASN D 396 11.04 -9.93 -7.43
CA ASN D 396 9.60 -10.07 -7.23
C ASN D 396 9.05 -8.90 -6.38
N VAL D 397 9.75 -8.54 -5.31
CA VAL D 397 9.29 -7.47 -4.40
C VAL D 397 9.11 -6.21 -5.23
N LEU D 398 10.16 -5.87 -5.97
CA LEU D 398 10.19 -4.68 -6.80
C LEU D 398 9.03 -4.64 -7.77
N PHE D 399 8.67 -5.78 -8.34
CA PHE D 399 7.61 -5.74 -9.32
C PHE D 399 6.27 -5.41 -8.63
N ASP D 400 5.98 -6.14 -7.54
CA ASP D 400 4.79 -5.86 -6.75
C ASP D 400 4.74 -4.43 -6.20
N THR D 401 5.87 -3.95 -5.67
CA THR D 401 5.95 -2.62 -5.09
C THR D 401 5.54 -1.53 -6.09
N TRP D 402 6.11 -1.62 -7.29
CA TRP D 402 6.05 -0.58 -8.28
C TRP D 402 4.74 -0.56 -9.01
N VAL D 403 4.17 -1.74 -9.25
CA VAL D 403 2.93 -1.87 -10.00
C VAL D 403 1.71 -1.44 -9.17
N HIS D 404 1.75 -1.77 -7.88
CA HIS D 404 0.63 -1.49 -6.98
C HIS D 404 0.13 -0.03 -7.02
N PRO D 405 1.02 0.97 -6.82
CA PRO D 405 0.52 2.35 -6.86
C PRO D 405 -0.22 2.67 -8.16
N LEU D 406 0.20 2.04 -9.25
CA LEU D 406 -0.39 2.25 -10.58
C LEU D 406 -1.73 1.60 -10.73
N VAL D 407 -1.84 0.36 -10.31
CA VAL D 407 -3.10 -0.35 -10.38
C VAL D 407 -4.15 0.34 -9.46
N MET D 408 -3.73 0.80 -8.29
CA MET D 408 -4.59 1.63 -7.44
C MET D 408 -4.97 2.97 -8.09
N GLY D 409 -4.03 3.55 -8.85
CA GLY D 409 -4.25 4.80 -9.57
C GLY D 409 -5.36 4.60 -10.57
N LEU D 410 -5.31 3.49 -11.31
CA LEU D 410 -6.37 3.17 -12.26
C LEU D 410 -7.72 2.94 -11.58
N GLU D 411 -7.70 2.09 -10.55
CA GLU D 411 -8.87 1.80 -9.74
C GLU D 411 -9.53 3.07 -9.21
N GLU D 412 -8.71 4.07 -8.87
CA GLU D 412 -9.23 5.34 -8.38
C GLU D 412 -9.79 6.23 -9.50
N HIS D 413 -9.09 6.28 -10.64
CA HIS D 413 -9.59 7.01 -11.80
C HIS D 413 -10.93 6.42 -12.18
N LEU D 414 -10.95 5.11 -12.44
CA LEU D 414 -12.14 4.40 -12.86
C LEU D 414 -13.34 4.65 -11.92
N LEU D 415 -13.16 4.43 -10.61
CA LEU D 415 -14.28 4.54 -9.66
C LEU D 415 -14.94 5.93 -9.59
N THR D 416 -14.15 6.98 -9.74
CA THR D 416 -14.69 8.34 -9.72
C THR D 416 -15.23 8.70 -11.10
N MET D 417 -14.54 8.26 -12.15
CA MET D 417 -15.09 8.36 -13.51
C MET D 417 -16.51 7.76 -13.53
N PHE D 418 -16.66 6.57 -12.93
CA PHE D 418 -17.94 5.85 -12.84
C PHE D 418 -18.99 6.47 -11.92
N ARG D 419 -18.59 7.39 -11.04
CA ARG D 419 -19.53 7.84 -10.03
C ARG D 419 -20.58 8.94 -10.38
N GLU D 420 -20.34 9.93 -11.26
CA GLU D 420 -19.60 9.87 -12.51
C GLU D 420 -19.04 11.24 -12.94
FE1 SF4 E . -25.14 -16.61 -18.75
FE2 SF4 E . -24.19 -19.10 -17.84
FE3 SF4 E . -26.52 -17.83 -16.79
FE4 SF4 E . -26.54 -18.82 -19.24
S1 SF4 E . -26.22 -20.08 -17.32
S2 SF4 E . -27.43 -16.80 -18.61
S3 SF4 E . -24.39 -18.39 -19.99
S4 SF4 E . -24.34 -17.15 -16.65
FE1 SF4 F . 21.32 21.47 18.35
FE2 SF4 F . 23.54 19.88 17.79
FE3 SF4 F . 22.84 22.17 16.29
FE4 SF4 F . 23.80 22.40 18.76
S1 SF4 F . 24.96 21.51 17.00
S2 SF4 F . 22.03 23.60 17.86
S3 SF4 F . 22.84 20.60 19.84
S4 SF4 F . 21.71 20.21 16.47
#